data_2KYR
#
_entry.id   2KYR
#
_cell.length_a   1.000
_cell.length_b   1.000
_cell.length_c   1.000
_cell.angle_alpha   90.00
_cell.angle_beta   90.00
_cell.angle_gamma   90.00
#
_symmetry.space_group_name_H-M   'P 1'
#
_entity_poly.entity_id   1
_entity_poly.type   'polypeptide(L)'
_entity_poly.pdbx_seq_one_letter_code
;QGHMSKKLIALCACPMGLAHTFMAAQALEEAAVEAGYEVKIETQGADGIQNRLTAQDIAEATIIIHSVAVTPEDNERFES
RDVYEITLQDAIKNAAGIIKEIEEMIASEQQ
;
_entity_poly.pdbx_strand_id   A
#
# COMPACT_ATOMS: atom_id res chain seq x y z
N MET A 4 1.85 14.69 14.46
CA MET A 4 0.40 14.36 14.42
C MET A 4 0.17 12.95 13.86
N SER A 5 -1.11 12.52 13.79
CA SER A 5 -1.51 11.21 13.25
C SER A 5 -1.24 11.15 11.73
N LYS A 6 -0.12 10.53 11.35
CA LYS A 6 0.23 10.29 9.93
C LYS A 6 -0.65 9.17 9.33
N LYS A 7 -0.44 8.88 8.03
CA LYS A 7 -1.34 7.98 7.29
C LYS A 7 -0.52 7.19 6.24
N LEU A 8 -0.91 5.93 6.04
CA LEU A 8 -0.34 5.03 5.04
C LEU A 8 -1.48 4.38 4.28
N ILE A 9 -1.32 4.20 2.97
CA ILE A 9 -2.23 3.41 2.15
C ILE A 9 -1.41 2.46 1.29
N ALA A 10 -2.09 1.53 0.63
CA ALA A 10 -1.47 0.59 -0.31
C ALA A 10 -2.48 0.12 -1.34
N LEU A 11 -1.98 -0.55 -2.36
CA LEU A 11 -2.79 -1.12 -3.44
C LEU A 11 -2.15 -2.46 -3.83
N CYS A 12 -2.86 -3.54 -3.55
CA CYS A 12 -2.46 -4.88 -3.93
C CYS A 12 -3.23 -5.30 -5.18
N ALA A 13 -2.54 -5.48 -6.33
CA ALA A 13 -3.18 -5.84 -7.62
C ALA A 13 -2.53 -7.09 -8.22
N CYS A 14 -3.32 -8.16 -8.39
CA CYS A 14 -2.82 -9.48 -8.81
C CYS A 14 -3.55 -9.99 -10.05
N PRO A 15 -2.81 -10.61 -11.04
CA PRO A 15 -3.43 -11.28 -12.22
C PRO A 15 -4.21 -12.57 -11.83
N MET A 16 -3.88 -13.13 -10.64
CA MET A 16 -4.55 -14.33 -10.10
C MET A 16 -5.94 -13.97 -9.56
N GLY A 17 -6.00 -12.88 -8.78
CA GLY A 17 -7.26 -12.37 -8.25
C GLY A 17 -7.15 -11.83 -6.83
N LEU A 18 -8.31 -11.71 -6.15
CA LEU A 18 -8.41 -11.03 -4.84
C LEU A 18 -7.83 -11.84 -3.67
N ALA A 19 -7.81 -13.18 -3.76
CA ALA A 19 -7.26 -14.03 -2.68
C ALA A 19 -5.77 -13.70 -2.40
N HIS A 20 -5.02 -13.53 -3.50
CA HIS A 20 -3.58 -13.24 -3.44
C HIS A 20 -3.34 -11.81 -2.94
N THR A 21 -4.22 -10.87 -3.37
CA THR A 21 -4.14 -9.46 -2.97
C THR A 21 -4.44 -9.31 -1.46
N PHE A 22 -5.31 -10.19 -0.92
CA PHE A 22 -5.69 -10.18 0.51
C PHE A 22 -4.54 -10.68 1.40
N MET A 23 -3.69 -11.58 0.88
CA MET A 23 -2.46 -12.00 1.61
C MET A 23 -1.46 -10.83 1.71
N ALA A 24 -1.35 -10.06 0.61
CA ALA A 24 -0.50 -8.86 0.55
C ALA A 24 -1.09 -7.72 1.40
N ALA A 25 -2.44 -7.62 1.41
CA ALA A 25 -3.18 -6.57 2.12
C ALA A 25 -3.03 -6.76 3.63
N GLN A 26 -3.29 -8.00 4.08
CA GLN A 26 -3.19 -8.39 5.50
C GLN A 26 -1.76 -8.14 6.02
N ALA A 27 -0.77 -8.52 5.20
CA ALA A 27 0.66 -8.39 5.55
C ALA A 27 1.08 -6.91 5.74
N LEU A 28 0.80 -6.06 4.73
CA LEU A 28 1.16 -4.62 4.75
C LEU A 28 0.39 -3.86 5.85
N GLU A 29 -0.82 -4.36 6.16
CA GLU A 29 -1.70 -3.77 7.17
C GLU A 29 -1.07 -3.90 8.56
N GLU A 30 -0.73 -5.16 8.94
CA GLU A 30 -0.09 -5.49 10.23
C GLU A 30 1.16 -4.63 10.44
N ALA A 31 1.99 -4.57 9.39
CA ALA A 31 3.26 -3.81 9.37
C ALA A 31 3.04 -2.32 9.69
N ALA A 32 2.08 -1.71 8.96
CA ALA A 32 1.71 -0.29 9.12
C ALA A 32 1.02 0.00 10.49
N VAL A 33 0.41 -1.04 11.11
CA VAL A 33 -0.26 -0.89 12.42
C VAL A 33 0.80 -0.79 13.53
N GLU A 34 1.88 -1.56 13.34
CA GLU A 34 3.05 -1.58 14.23
C GLU A 34 3.89 -0.30 14.06
N ALA A 35 3.73 0.36 12.91
CA ALA A 35 4.35 1.66 12.62
C ALA A 35 3.55 2.83 13.26
N GLY A 36 2.31 2.53 13.71
CA GLY A 36 1.55 3.45 14.58
C GLY A 36 0.43 4.18 13.87
N TYR A 37 0.68 4.60 12.62
CA TYR A 37 -0.28 5.40 11.82
C TYR A 37 -1.46 4.59 11.27
N GLU A 38 -2.33 5.31 10.53
CA GLU A 38 -3.48 4.72 9.84
C GLU A 38 -3.00 3.90 8.61
N VAL A 39 -3.79 2.88 8.21
CA VAL A 39 -3.52 2.06 7.02
C VAL A 39 -4.83 1.69 6.30
N LYS A 40 -4.88 1.97 4.97
CA LYS A 40 -6.04 1.63 4.13
C LYS A 40 -5.53 1.04 2.80
N ILE A 41 -5.84 -0.24 2.56
CA ILE A 41 -5.31 -0.97 1.39
C ILE A 41 -6.43 -1.43 0.44
N GLU A 42 -6.47 -0.81 -0.74
CA GLU A 42 -7.35 -1.24 -1.85
C GLU A 42 -6.74 -2.47 -2.54
N THR A 43 -7.60 -3.41 -2.94
CA THR A 43 -7.19 -4.66 -3.56
C THR A 43 -7.90 -4.80 -4.91
N GLN A 44 -7.12 -4.85 -6.01
CA GLN A 44 -7.64 -5.02 -7.37
C GLN A 44 -7.27 -6.41 -7.91
N GLY A 45 -8.23 -7.09 -8.54
CA GLY A 45 -8.00 -8.41 -9.15
C GLY A 45 -9.08 -8.76 -10.16
N ALA A 46 -8.96 -9.95 -10.77
CA ALA A 46 -9.91 -10.43 -11.81
C ALA A 46 -11.30 -10.76 -11.20
N ASP A 47 -11.37 -10.86 -9.86
CA ASP A 47 -12.62 -11.09 -9.13
C ASP A 47 -13.36 -9.76 -8.85
N GLY A 48 -12.60 -8.65 -8.78
CA GLY A 48 -13.16 -7.32 -8.52
C GLY A 48 -12.21 -6.44 -7.71
N ILE A 49 -12.78 -5.41 -7.03
CA ILE A 49 -12.02 -4.47 -6.19
C ILE A 49 -12.64 -4.39 -4.78
N GLN A 50 -11.80 -4.50 -3.74
CA GLN A 50 -12.23 -4.48 -2.33
C GLN A 50 -11.44 -3.42 -1.54
N ASN A 51 -12.09 -2.86 -0.48
CA ASN A 51 -11.50 -1.90 0.48
C ASN A 51 -11.05 -0.62 -0.26
N ARG A 52 -11.92 -0.18 -1.20
CA ARG A 52 -11.70 0.98 -2.09
C ARG A 52 -11.22 2.24 -1.33
N LEU A 53 -10.04 2.73 -1.75
CA LEU A 53 -9.48 4.02 -1.32
C LEU A 53 -10.34 5.18 -1.85
N THR A 54 -10.39 6.28 -1.10
CA THR A 54 -11.03 7.52 -1.55
C THR A 54 -9.95 8.54 -1.94
N ALA A 55 -10.37 9.63 -2.62
CA ALA A 55 -9.46 10.73 -2.98
C ALA A 55 -8.80 11.33 -1.71
N GLN A 56 -9.59 11.34 -0.63
CA GLN A 56 -9.14 11.76 0.70
C GLN A 56 -8.04 10.84 1.24
N ASP A 57 -8.26 9.50 1.17
CA ASP A 57 -7.28 8.48 1.64
C ASP A 57 -5.89 8.67 1.00
N ILE A 58 -5.91 8.95 -0.31
CA ILE A 58 -4.70 9.10 -1.14
C ILE A 58 -4.00 10.46 -0.87
N ALA A 59 -4.80 11.46 -0.45
CA ALA A 59 -4.29 12.79 -0.07
C ALA A 59 -3.63 12.76 1.32
N GLU A 60 -4.31 12.10 2.27
CA GLU A 60 -3.83 11.93 3.66
C GLU A 60 -2.52 11.15 3.70
N ALA A 61 -2.43 10.19 2.76
CA ALA A 61 -1.33 9.22 2.66
C ALA A 61 0.05 9.89 2.62
N THR A 62 0.71 9.88 3.78
CA THR A 62 2.12 10.22 3.94
C THR A 62 2.98 9.19 3.16
N ILE A 63 2.52 7.93 3.19
CA ILE A 63 3.14 6.79 2.50
C ILE A 63 2.10 6.04 1.66
N ILE A 64 2.50 5.60 0.45
CA ILE A 64 1.70 4.72 -0.43
C ILE A 64 2.58 3.54 -0.86
N ILE A 65 2.04 2.31 -0.95
CA ILE A 65 2.76 1.15 -1.50
C ILE A 65 1.90 0.49 -2.60
N HIS A 66 2.33 0.54 -3.88
CA HIS A 66 1.67 -0.24 -4.96
C HIS A 66 2.32 -1.61 -5.06
N SER A 67 1.85 -2.52 -4.20
CA SER A 67 2.26 -3.91 -4.16
C SER A 67 1.52 -4.69 -5.25
N VAL A 68 2.02 -4.58 -6.49
CA VAL A 68 1.32 -5.08 -7.68
C VAL A 68 2.20 -6.02 -8.51
N ALA A 69 1.53 -6.81 -9.35
CA ALA A 69 2.16 -7.71 -10.33
C ALA A 69 1.66 -7.37 -11.75
N VAL A 70 0.56 -6.63 -11.81
CA VAL A 70 -0.03 -6.07 -13.05
C VAL A 70 -0.34 -4.59 -12.81
N THR A 71 -0.46 -3.82 -13.91
CA THR A 71 -0.81 -2.40 -13.84
C THR A 71 -2.24 -2.24 -13.28
N PRO A 72 -2.39 -1.67 -12.04
CA PRO A 72 -3.72 -1.50 -11.42
C PRO A 72 -4.54 -0.45 -12.19
N GLU A 73 -5.86 -0.70 -12.31
CA GLU A 73 -6.76 0.14 -13.13
C GLU A 73 -6.89 1.56 -12.57
N ASP A 74 -6.58 1.69 -11.28
CA ASP A 74 -6.74 2.94 -10.52
C ASP A 74 -5.42 3.65 -10.26
N ASN A 75 -4.33 3.23 -10.96
CA ASN A 75 -2.96 3.77 -10.75
C ASN A 75 -2.87 5.30 -11.02
N GLU A 76 -3.81 5.78 -11.87
CA GLU A 76 -3.92 7.20 -12.28
C GLU A 76 -4.17 8.17 -11.09
N ARG A 77 -4.88 7.68 -10.06
CA ARG A 77 -5.24 8.45 -8.84
C ARG A 77 -3.99 8.75 -7.99
N PHE A 78 -3.00 7.87 -8.16
CA PHE A 78 -1.74 7.89 -7.39
C PHE A 78 -0.58 8.47 -8.22
N GLU A 79 -0.87 8.84 -9.49
CA GLU A 79 0.12 9.41 -10.45
C GLU A 79 0.82 10.65 -9.88
N SER A 80 0.03 11.52 -9.23
CA SER A 80 0.52 12.79 -8.68
C SER A 80 1.16 12.62 -7.30
N ARG A 81 0.94 11.45 -6.68
CA ARG A 81 1.29 11.20 -5.27
C ARG A 81 2.56 10.36 -5.14
N ASP A 82 3.13 10.34 -3.92
CA ASP A 82 4.39 9.65 -3.60
C ASP A 82 4.11 8.17 -3.33
N VAL A 83 4.36 7.33 -4.34
CA VAL A 83 4.05 5.89 -4.31
C VAL A 83 5.34 5.07 -4.31
N TYR A 84 5.38 4.06 -3.45
CA TYR A 84 6.46 3.08 -3.36
C TYR A 84 5.98 1.79 -4.00
N GLU A 85 6.19 1.70 -5.32
CA GLU A 85 5.66 0.62 -6.16
C GLU A 85 6.63 -0.58 -6.15
N ILE A 86 6.14 -1.71 -5.61
CA ILE A 86 6.88 -2.97 -5.48
C ILE A 86 6.10 -4.13 -6.12
N THR A 87 6.60 -5.36 -5.93
CA THR A 87 5.88 -6.58 -6.27
C THR A 87 4.91 -6.96 -5.14
N LEU A 88 3.78 -7.58 -5.54
CA LEU A 88 2.76 -8.09 -4.60
C LEU A 88 3.33 -9.20 -3.69
N GLN A 89 4.34 -9.93 -4.21
CA GLN A 89 5.03 -10.99 -3.45
C GLN A 89 5.91 -10.37 -2.33
N ASP A 90 6.60 -9.26 -2.64
CA ASP A 90 7.43 -8.51 -1.65
C ASP A 90 6.57 -8.04 -0.49
N ALA A 91 5.31 -7.70 -0.79
CA ALA A 91 4.31 -7.26 0.19
C ALA A 91 3.99 -8.34 1.24
N ILE A 92 4.13 -9.61 0.84
CA ILE A 92 3.85 -10.76 1.72
C ILE A 92 5.12 -11.14 2.52
N LYS A 93 6.27 -11.26 1.83
CA LYS A 93 7.54 -11.75 2.43
C LYS A 93 8.28 -10.67 3.24
N ASN A 94 8.12 -9.40 2.83
CA ASN A 94 8.93 -8.28 3.36
C ASN A 94 8.02 -7.19 3.94
N ALA A 95 6.74 -7.51 4.21
CA ALA A 95 5.69 -6.54 4.64
C ALA A 95 6.20 -5.48 5.64
N ALA A 96 6.71 -5.97 6.78
CA ALA A 96 7.24 -5.13 7.85
C ALA A 96 8.48 -4.36 7.38
N GLY A 97 9.33 -5.03 6.57
CA GLY A 97 10.57 -4.45 6.06
C GLY A 97 10.32 -3.22 5.21
N ILE A 98 9.34 -3.35 4.29
CA ILE A 98 8.88 -2.28 3.38
C ILE A 98 8.51 -1.03 4.20
N ILE A 99 7.48 -1.18 5.07
CA ILE A 99 6.91 -0.07 5.86
C ILE A 99 8.00 0.66 6.67
N LYS A 100 8.78 -0.10 7.49
CA LYS A 100 9.78 0.50 8.40
C LYS A 100 10.94 1.17 7.64
N GLU A 101 11.23 0.67 6.42
CA GLU A 101 12.27 1.26 5.55
C GLU A 101 11.79 2.60 4.98
N ILE A 102 10.48 2.69 4.65
CA ILE A 102 9.91 3.93 4.10
C ILE A 102 9.84 4.98 5.23
N GLU A 103 9.56 4.48 6.44
CA GLU A 103 9.50 5.26 7.67
C GLU A 103 10.82 5.95 7.96
N GLU A 104 11.94 5.19 7.89
CA GLU A 104 13.27 5.72 8.22
C GLU A 104 13.88 6.54 7.07
N MET A 105 13.46 6.26 5.81
CA MET A 105 13.88 7.07 4.64
C MET A 105 13.24 8.47 4.69
N ILE A 106 11.90 8.51 4.82
CA ILE A 106 11.13 9.76 4.94
C ILE A 106 11.57 10.53 6.22
N ALA A 107 11.63 9.84 7.37
CA ALA A 107 12.04 10.46 8.66
C ALA A 107 13.42 11.12 8.56
N SER A 108 14.35 10.45 7.85
CA SER A 108 15.74 10.92 7.70
C SER A 108 15.79 12.29 6.98
N GLU A 109 15.02 12.41 5.88
CA GLU A 109 14.96 13.67 5.10
C GLU A 109 14.04 14.72 5.77
N GLN A 110 13.13 14.28 6.66
CA GLN A 110 12.22 15.19 7.40
C GLN A 110 12.88 15.77 8.68
N GLN A 111 14.04 15.20 9.09
CA GLN A 111 14.82 15.73 10.23
C GLN A 111 15.53 17.06 9.82
N MET A 4 0.10 14.45 14.63
CA MET A 4 0.89 13.31 15.18
C MET A 4 0.50 12.02 14.47
N SER A 5 -0.83 11.75 14.42
CA SER A 5 -1.39 10.56 13.76
C SER A 5 -1.19 10.65 12.23
N LYS A 6 -0.16 9.95 11.73
CA LYS A 6 0.16 9.85 10.30
C LYS A 6 -0.76 8.81 9.61
N LYS A 7 -0.58 8.64 8.29
CA LYS A 7 -1.49 7.79 7.49
C LYS A 7 -0.67 7.06 6.41
N LEU A 8 -1.01 5.79 6.18
CA LEU A 8 -0.41 4.94 5.15
C LEU A 8 -1.54 4.32 4.33
N ILE A 9 -1.34 4.23 3.03
CA ILE A 9 -2.23 3.48 2.14
C ILE A 9 -1.37 2.56 1.28
N ALA A 10 -1.99 1.51 0.76
CA ALA A 10 -1.32 0.55 -0.13
C ALA A 10 -2.33 0.03 -1.16
N LEU A 11 -1.82 -0.69 -2.15
CA LEU A 11 -2.65 -1.24 -3.22
C LEU A 11 -2.07 -2.60 -3.60
N CYS A 12 -2.87 -3.65 -3.42
CA CYS A 12 -2.52 -5.01 -3.78
C CYS A 12 -3.35 -5.45 -5.00
N ALA A 13 -2.71 -5.57 -6.19
CA ALA A 13 -3.40 -5.96 -7.45
C ALA A 13 -2.74 -7.21 -8.07
N CYS A 14 -3.54 -8.28 -8.31
CA CYS A 14 -3.05 -9.54 -8.88
C CYS A 14 -4.07 -10.18 -9.85
N PRO A 15 -3.59 -10.83 -10.94
CA PRO A 15 -4.44 -11.58 -11.90
C PRO A 15 -4.74 -13.02 -11.41
N MET A 16 -3.97 -13.49 -10.40
CA MET A 16 -4.23 -14.80 -9.74
C MET A 16 -5.61 -14.80 -9.11
N GLY A 17 -5.87 -13.78 -8.29
CA GLY A 17 -7.13 -13.63 -7.59
C GLY A 17 -7.00 -12.75 -6.35
N LEU A 18 -8.15 -12.48 -5.70
CA LEU A 18 -8.20 -11.70 -4.45
C LEU A 18 -7.52 -12.45 -3.28
N ALA A 19 -7.39 -13.78 -3.39
CA ALA A 19 -6.66 -14.59 -2.40
C ALA A 19 -5.21 -14.10 -2.23
N HIS A 20 -4.55 -13.84 -3.39
CA HIS A 20 -3.16 -13.37 -3.43
C HIS A 20 -3.07 -11.94 -2.88
N THR A 21 -4.02 -11.09 -3.32
CA THR A 21 -4.06 -9.66 -2.94
C THR A 21 -4.29 -9.47 -1.43
N PHE A 22 -5.15 -10.34 -0.85
CA PHE A 22 -5.52 -10.27 0.57
C PHE A 22 -4.39 -10.77 1.48
N MET A 23 -3.54 -11.69 0.99
CA MET A 23 -2.34 -12.12 1.75
C MET A 23 -1.31 -10.98 1.83
N ALA A 24 -1.21 -10.22 0.72
CA ALA A 24 -0.36 -9.01 0.66
C ALA A 24 -0.95 -7.87 1.50
N ALA A 25 -2.29 -7.74 1.44
CA ALA A 25 -3.04 -6.70 2.15
C ALA A 25 -2.96 -6.93 3.66
N GLN A 26 -3.11 -8.20 4.07
CA GLN A 26 -3.04 -8.60 5.48
C GLN A 26 -1.65 -8.28 6.03
N ALA A 27 -0.62 -8.66 5.26
CA ALA A 27 0.79 -8.49 5.64
C ALA A 27 1.16 -6.99 5.82
N LEU A 28 0.85 -6.17 4.79
CA LEU A 28 1.14 -4.71 4.78
C LEU A 28 0.35 -3.97 5.86
N GLU A 29 -0.87 -4.47 6.14
CA GLU A 29 -1.77 -3.87 7.13
C GLU A 29 -1.17 -4.00 8.52
N GLU A 30 -0.86 -5.25 8.91
CA GLU A 30 -0.27 -5.58 10.23
C GLU A 30 1.01 -4.78 10.44
N ALA A 31 1.85 -4.73 9.40
CA ALA A 31 3.12 -3.97 9.39
C ALA A 31 2.89 -2.47 9.70
N ALA A 32 1.95 -1.87 8.98
CA ALA A 32 1.58 -0.44 9.14
C ALA A 32 0.88 -0.16 10.50
N VAL A 33 0.29 -1.19 11.12
CA VAL A 33 -0.39 -1.05 12.44
C VAL A 33 0.68 -0.96 13.54
N GLU A 34 1.72 -1.79 13.38
CA GLU A 34 2.88 -1.83 14.30
C GLU A 34 3.77 -0.59 14.11
N ALA A 35 3.59 0.09 12.96
CA ALA A 35 4.25 1.38 12.65
C ALA A 35 3.50 2.55 13.31
N GLY A 36 2.28 2.28 13.82
CA GLY A 36 1.55 3.20 14.70
C GLY A 36 0.78 4.29 13.98
N TYR A 37 0.43 4.06 12.71
CA TYR A 37 -0.44 4.96 11.93
C TYR A 37 -1.59 4.18 11.28
N GLU A 38 -2.49 4.93 10.59
CA GLU A 38 -3.64 4.36 9.87
C GLU A 38 -3.16 3.63 8.59
N VAL A 39 -3.93 2.62 8.14
CA VAL A 39 -3.62 1.85 6.94
C VAL A 39 -4.92 1.52 6.15
N LYS A 40 -4.90 1.83 4.83
CA LYS A 40 -6.04 1.58 3.93
C LYS A 40 -5.52 0.97 2.61
N ILE A 41 -5.83 -0.32 2.36
CA ILE A 41 -5.27 -1.09 1.21
C ILE A 41 -6.35 -1.52 0.20
N GLU A 42 -6.28 -0.95 -1.01
CA GLU A 42 -7.18 -1.29 -2.13
C GLU A 42 -6.71 -2.60 -2.81
N THR A 43 -7.55 -3.65 -2.77
CA THR A 43 -7.25 -4.96 -3.36
C THR A 43 -7.99 -5.14 -4.69
N GLN A 44 -7.25 -5.01 -5.81
CA GLN A 44 -7.83 -5.16 -7.16
C GLN A 44 -7.55 -6.57 -7.69
N GLY A 45 -8.58 -7.22 -8.23
CA GLY A 45 -8.47 -8.54 -8.83
C GLY A 45 -9.45 -8.74 -9.97
N ALA A 46 -9.42 -9.92 -10.59
CA ALA A 46 -10.33 -10.29 -11.71
C ALA A 46 -11.80 -10.32 -11.24
N ASP A 47 -11.98 -10.52 -9.92
CA ASP A 47 -13.28 -10.47 -9.23
C ASP A 47 -13.81 -9.03 -9.23
N GLY A 48 -12.91 -8.09 -8.93
CA GLY A 48 -13.25 -6.68 -8.78
C GLY A 48 -12.31 -5.99 -7.80
N ILE A 49 -12.61 -4.71 -7.54
CA ILE A 49 -11.81 -3.87 -6.62
C ILE A 49 -12.51 -3.81 -5.24
N GLN A 50 -11.85 -4.43 -4.26
CA GLN A 50 -12.31 -4.45 -2.86
C GLN A 50 -11.61 -3.34 -2.06
N ASN A 51 -12.34 -2.82 -1.05
CA ASN A 51 -11.87 -1.84 -0.04
C ASN A 51 -11.87 -0.41 -0.61
N ARG A 52 -11.18 -0.21 -1.76
CA ARG A 52 -11.10 1.05 -2.50
C ARG A 52 -10.37 2.17 -1.72
N LEU A 53 -9.64 3.00 -2.47
CA LEU A 53 -8.96 4.21 -1.96
C LEU A 53 -9.61 5.46 -2.54
N THR A 54 -9.96 6.40 -1.66
CA THR A 54 -10.60 7.66 -2.04
C THR A 54 -9.55 8.76 -2.18
N ALA A 55 -9.94 9.88 -2.82
CA ALA A 55 -9.08 11.06 -3.00
C ALA A 55 -8.56 11.59 -1.64
N GLN A 56 -9.38 11.39 -0.58
CA GLN A 56 -9.03 11.77 0.80
C GLN A 56 -7.90 10.88 1.34
N ASP A 57 -8.02 9.55 1.14
CA ASP A 57 -7.00 8.56 1.56
C ASP A 57 -5.63 8.88 0.96
N ILE A 58 -5.66 9.21 -0.33
CA ILE A 58 -4.45 9.47 -1.15
C ILE A 58 -3.81 10.83 -0.77
N ALA A 59 -4.66 11.82 -0.46
CA ALA A 59 -4.23 13.20 -0.10
C ALA A 59 -3.55 13.21 1.28
N GLU A 60 -4.17 12.51 2.25
CA GLU A 60 -3.70 12.46 3.66
C GLU A 60 -2.63 11.38 3.87
N ALA A 61 -2.41 10.54 2.84
CA ALA A 61 -1.40 9.47 2.89
C ALA A 61 0.02 10.05 2.99
N THR A 62 0.61 9.88 4.18
CA THR A 62 2.04 10.14 4.40
C THR A 62 2.88 9.17 3.51
N ILE A 63 2.37 7.94 3.38
CA ILE A 63 3.02 6.84 2.65
C ILE A 63 2.01 6.14 1.71
N ILE A 64 2.48 5.75 0.50
CA ILE A 64 1.71 4.94 -0.47
C ILE A 64 2.58 3.77 -0.96
N ILE A 65 2.05 2.54 -0.96
CA ILE A 65 2.73 1.36 -1.56
C ILE A 65 1.85 0.80 -2.70
N HIS A 66 2.42 0.51 -3.87
CA HIS A 66 1.71 -0.26 -4.93
C HIS A 66 2.37 -1.64 -5.05
N SER A 67 1.90 -2.55 -4.18
CA SER A 67 2.28 -3.94 -4.19
C SER A 67 1.45 -4.68 -5.26
N VAL A 68 1.92 -4.65 -6.50
CA VAL A 68 1.15 -5.14 -7.64
C VAL A 68 1.94 -6.17 -8.46
N ALA A 69 1.18 -6.94 -9.25
CA ALA A 69 1.67 -7.93 -10.20
C ALA A 69 1.25 -7.54 -11.62
N VAL A 70 0.23 -6.67 -11.67
CA VAL A 70 -0.33 -6.09 -12.90
C VAL A 70 -0.46 -4.59 -12.69
N THR A 71 -0.56 -3.83 -13.79
CA THR A 71 -0.81 -2.39 -13.73
C THR A 71 -2.16 -2.15 -13.01
N PRO A 72 -2.15 -1.46 -11.82
CA PRO A 72 -3.39 -1.19 -11.07
C PRO A 72 -4.33 -0.29 -11.89
N GLU A 73 -5.64 -0.61 -11.81
CA GLU A 73 -6.68 0.07 -12.61
C GLU A 73 -6.70 1.58 -12.32
N ASP A 74 -6.48 1.89 -11.04
CA ASP A 74 -6.58 3.26 -10.50
C ASP A 74 -5.19 3.85 -10.25
N ASN A 75 -4.21 3.44 -11.06
CA ASN A 75 -2.81 3.97 -10.98
C ASN A 75 -2.79 5.51 -11.23
N GLU A 76 -3.80 5.98 -12.00
CA GLU A 76 -4.03 7.40 -12.32
C GLU A 76 -4.29 8.25 -11.04
N ARG A 77 -4.92 7.62 -10.02
CA ARG A 77 -5.32 8.28 -8.76
C ARG A 77 -4.09 8.71 -7.93
N PHE A 78 -3.00 7.94 -8.08
CA PHE A 78 -1.79 8.05 -7.23
C PHE A 78 -0.61 8.67 -7.98
N GLU A 79 -0.80 8.98 -9.28
CA GLU A 79 0.29 9.44 -10.18
C GLU A 79 0.91 10.78 -9.71
N SER A 80 0.07 11.66 -9.14
CA SER A 80 0.50 12.99 -8.66
C SER A 80 1.26 12.91 -7.32
N ARG A 81 1.16 11.75 -6.64
CA ARG A 81 1.71 11.54 -5.28
C ARG A 81 2.92 10.59 -5.31
N ASP A 82 3.70 10.60 -4.22
CA ASP A 82 4.87 9.72 -4.05
C ASP A 82 4.42 8.30 -3.69
N VAL A 83 4.58 7.38 -4.65
CA VAL A 83 4.23 5.96 -4.49
C VAL A 83 5.49 5.09 -4.51
N TYR A 84 5.55 4.11 -3.61
CA TYR A 84 6.63 3.14 -3.51
C TYR A 84 6.15 1.83 -4.15
N GLU A 85 6.39 1.71 -5.46
CA GLU A 85 5.90 0.59 -6.28
C GLU A 85 6.84 -0.62 -6.16
N ILE A 86 6.25 -1.76 -5.79
CA ILE A 86 6.96 -3.04 -5.60
C ILE A 86 6.12 -4.17 -6.24
N THR A 87 6.55 -5.42 -6.05
CA THR A 87 5.74 -6.59 -6.40
C THR A 87 4.84 -6.96 -5.23
N LEU A 88 3.69 -7.58 -5.56
CA LEU A 88 2.70 -8.04 -4.56
C LEU A 88 3.28 -9.18 -3.70
N GLN A 89 4.23 -9.93 -4.29
CA GLN A 89 4.98 -10.98 -3.59
C GLN A 89 5.84 -10.37 -2.46
N ASP A 90 6.51 -9.23 -2.76
CA ASP A 90 7.38 -8.49 -1.80
C ASP A 90 6.55 -8.02 -0.59
N ALA A 91 5.27 -7.71 -0.83
CA ALA A 91 4.33 -7.29 0.23
C ALA A 91 4.06 -8.41 1.25
N ILE A 92 4.07 -9.65 0.77
CA ILE A 92 3.79 -10.84 1.58
C ILE A 92 5.02 -11.23 2.43
N LYS A 93 6.20 -11.26 1.78
CA LYS A 93 7.46 -11.71 2.41
C LYS A 93 8.11 -10.60 3.26
N ASN A 94 8.13 -9.37 2.72
CA ASN A 94 8.92 -8.24 3.28
C ASN A 94 7.99 -7.13 3.82
N ALA A 95 6.77 -7.52 4.26
CA ALA A 95 5.73 -6.56 4.72
C ALA A 95 6.27 -5.45 5.65
N ALA A 96 6.79 -5.89 6.81
CA ALA A 96 7.34 -5.00 7.83
C ALA A 96 8.54 -4.22 7.29
N GLY A 97 9.34 -4.90 6.44
CA GLY A 97 10.54 -4.32 5.84
C GLY A 97 10.25 -3.12 4.97
N ILE A 98 9.25 -3.25 4.08
CA ILE A 98 8.80 -2.18 3.18
C ILE A 98 8.42 -0.93 3.98
N ILE A 99 7.47 -1.12 4.93
CA ILE A 99 6.93 -0.04 5.75
C ILE A 99 8.04 0.72 6.52
N LYS A 100 8.92 -0.02 7.23
CA LYS A 100 9.99 0.59 8.07
C LYS A 100 11.05 1.32 7.21
N GLU A 101 11.29 0.79 6.00
CA GLU A 101 12.25 1.39 5.04
C GLU A 101 11.74 2.77 4.61
N ILE A 102 10.42 2.88 4.42
CA ILE A 102 9.79 4.15 4.02
C ILE A 102 9.76 5.12 5.20
N GLU A 103 9.50 4.57 6.40
CA GLU A 103 9.47 5.33 7.67
C GLU A 103 10.79 6.07 7.91
N GLU A 104 11.91 5.34 7.77
CA GLU A 104 13.26 5.87 8.06
C GLU A 104 13.74 6.84 6.96
N MET A 105 13.32 6.59 5.70
CA MET A 105 13.63 7.50 4.57
C MET A 105 12.94 8.86 4.75
N ILE A 106 11.63 8.81 5.07
CA ILE A 106 10.81 10.01 5.30
C ILE A 106 11.28 10.74 6.59
N ALA A 107 11.63 9.97 7.63
CA ALA A 107 12.14 10.53 8.91
C ALA A 107 13.50 11.23 8.70
N SER A 108 14.26 10.75 7.71
CA SER A 108 15.60 11.29 7.40
C SER A 108 15.49 12.66 6.70
N GLU A 109 14.55 12.79 5.74
CA GLU A 109 14.34 14.05 4.97
C GLU A 109 13.59 15.10 5.81
N GLN A 110 12.65 14.64 6.66
CA GLN A 110 11.83 15.54 7.50
C GLN A 110 12.64 16.08 8.70
N GLN A 111 13.69 15.35 9.10
CA GLN A 111 14.59 15.77 10.20
C GLN A 111 15.96 16.20 9.64
N MET A 4 2.21 13.48 14.59
CA MET A 4 0.77 13.63 14.33
C MET A 4 0.19 12.32 13.77
N SER A 5 -1.13 12.30 13.54
CA SER A 5 -1.83 11.12 12.98
C SER A 5 -1.45 10.94 11.50
N LYS A 6 -0.33 10.23 11.28
CA LYS A 6 0.16 9.85 9.95
C LYS A 6 -0.73 8.75 9.34
N LYS A 7 -0.65 8.57 8.02
CA LYS A 7 -1.56 7.71 7.28
C LYS A 7 -0.76 6.96 6.20
N LEU A 8 -1.04 5.68 6.05
CA LEU A 8 -0.40 4.82 5.05
C LEU A 8 -1.48 4.09 4.29
N ILE A 9 -1.41 4.13 2.97
CA ILE A 9 -2.29 3.36 2.11
C ILE A 9 -1.43 2.44 1.24
N ALA A 10 -2.07 1.47 0.61
CA ALA A 10 -1.42 0.56 -0.31
C ALA A 10 -2.42 0.05 -1.33
N LEU A 11 -1.92 -0.61 -2.36
CA LEU A 11 -2.73 -1.15 -3.44
C LEU A 11 -2.11 -2.50 -3.83
N CYS A 12 -2.88 -3.57 -3.60
CA CYS A 12 -2.47 -4.93 -3.95
C CYS A 12 -3.29 -5.37 -5.17
N ALA A 13 -2.65 -5.54 -6.34
CA ALA A 13 -3.36 -5.86 -7.61
C ALA A 13 -2.77 -7.13 -8.26
N CYS A 14 -3.57 -8.21 -8.29
CA CYS A 14 -3.18 -9.50 -8.86
C CYS A 14 -4.22 -9.98 -9.88
N PRO A 15 -3.77 -10.50 -11.06
CA PRO A 15 -4.67 -11.05 -12.10
C PRO A 15 -5.24 -12.45 -11.74
N MET A 16 -4.56 -13.15 -10.80
CA MET A 16 -4.94 -14.50 -10.35
C MET A 16 -6.21 -14.44 -9.49
N GLY A 17 -6.39 -13.33 -8.76
CA GLY A 17 -7.58 -13.10 -7.93
C GLY A 17 -7.28 -12.26 -6.70
N LEU A 18 -8.35 -11.94 -5.95
CA LEU A 18 -8.27 -11.12 -4.73
C LEU A 18 -7.67 -11.89 -3.54
N ALA A 19 -7.67 -13.24 -3.60
CA ALA A 19 -7.08 -14.09 -2.54
C ALA A 19 -5.57 -13.76 -2.33
N HIS A 20 -4.85 -13.61 -3.46
CA HIS A 20 -3.41 -13.28 -3.47
C HIS A 20 -3.19 -11.85 -2.91
N THR A 21 -4.08 -10.93 -3.33
CA THR A 21 -4.01 -9.52 -2.92
C THR A 21 -4.28 -9.36 -1.43
N PHE A 22 -5.14 -10.23 -0.87
CA PHE A 22 -5.50 -10.23 0.57
C PHE A 22 -4.31 -10.68 1.43
N MET A 23 -3.46 -11.57 0.89
CA MET A 23 -2.23 -12.01 1.59
C MET A 23 -1.23 -10.85 1.71
N ALA A 24 -1.10 -10.06 0.62
CA ALA A 24 -0.27 -8.84 0.60
C ALA A 24 -0.86 -7.76 1.53
N ALA A 25 -2.19 -7.59 1.46
CA ALA A 25 -2.93 -6.58 2.22
C ALA A 25 -2.84 -6.86 3.73
N GLN A 26 -2.96 -8.15 4.09
CA GLN A 26 -2.85 -8.62 5.48
C GLN A 26 -1.50 -8.20 6.08
N ALA A 27 -0.42 -8.58 5.38
CA ALA A 27 0.96 -8.39 5.83
C ALA A 27 1.33 -6.87 5.93
N LEU A 28 0.91 -6.08 4.91
CA LEU A 28 1.18 -4.62 4.87
C LEU A 28 0.37 -3.89 5.96
N GLU A 29 -0.85 -4.38 6.22
CA GLU A 29 -1.75 -3.77 7.21
C GLU A 29 -1.12 -3.83 8.59
N GLU A 30 -0.72 -5.05 8.96
CA GLU A 30 -0.07 -5.34 10.25
C GLU A 30 1.16 -4.45 10.45
N ALA A 31 1.99 -4.36 9.39
CA ALA A 31 3.24 -3.57 9.38
C ALA A 31 2.99 -2.09 9.68
N ALA A 32 2.05 -1.49 8.93
CA ALA A 32 1.64 -0.08 9.09
C ALA A 32 0.97 0.22 10.46
N VAL A 33 0.37 -0.80 11.10
CA VAL A 33 -0.30 -0.63 12.42
C VAL A 33 0.77 -0.55 13.52
N GLU A 34 1.78 -1.42 13.39
CA GLU A 34 2.96 -1.47 14.26
C GLU A 34 3.82 -0.20 14.07
N ALA A 35 3.73 0.36 12.86
CA ALA A 35 4.42 1.61 12.48
C ALA A 35 3.66 2.85 12.97
N GLY A 36 2.34 2.71 13.16
CA GLY A 36 1.52 3.73 13.82
C GLY A 36 0.86 4.70 12.86
N TYR A 37 0.50 4.24 11.66
CA TYR A 37 -0.36 5.01 10.73
C TYR A 37 -1.79 4.46 10.78
N GLU A 38 -2.74 5.25 10.28
CA GLU A 38 -4.05 4.74 9.83
C GLU A 38 -3.79 4.01 8.50
N VAL A 39 -4.17 2.74 8.38
CA VAL A 39 -3.84 1.94 7.19
C VAL A 39 -5.12 1.63 6.38
N LYS A 40 -5.02 1.74 5.05
CA LYS A 40 -6.14 1.46 4.14
C LYS A 40 -5.59 0.91 2.81
N ILE A 41 -5.84 -0.37 2.53
CA ILE A 41 -5.25 -1.05 1.36
C ILE A 41 -6.33 -1.50 0.35
N GLU A 42 -6.37 -0.85 -0.82
CA GLU A 42 -7.29 -1.21 -1.91
C GLU A 42 -6.74 -2.44 -2.65
N THR A 43 -7.49 -3.53 -2.57
CA THR A 43 -7.16 -4.78 -3.25
C THR A 43 -7.91 -4.86 -4.59
N GLN A 44 -7.16 -4.70 -5.70
CA GLN A 44 -7.71 -4.83 -7.06
C GLN A 44 -7.37 -6.20 -7.66
N GLY A 45 -8.19 -6.65 -8.59
CA GLY A 45 -8.00 -7.92 -9.29
C GLY A 45 -8.97 -8.07 -10.44
N ALA A 46 -8.88 -9.22 -11.13
CA ALA A 46 -9.79 -9.55 -12.26
C ALA A 46 -11.24 -9.75 -11.78
N ASP A 47 -11.40 -10.15 -10.50
CA ASP A 47 -12.70 -10.22 -9.82
C ASP A 47 -13.30 -8.81 -9.66
N GLY A 48 -12.42 -7.85 -9.35
CA GLY A 48 -12.79 -6.46 -9.13
C GLY A 48 -11.98 -5.82 -8.01
N ILE A 49 -12.59 -4.82 -7.35
CA ILE A 49 -11.93 -4.01 -6.32
C ILE A 49 -12.56 -4.27 -4.93
N GLN A 50 -11.73 -4.24 -3.88
CA GLN A 50 -12.16 -4.49 -2.50
C GLN A 50 -11.45 -3.52 -1.54
N ASN A 51 -12.16 -3.18 -0.44
CA ASN A 51 -11.72 -2.28 0.65
C ASN A 51 -11.87 -0.80 0.21
N ARG A 52 -11.33 -0.49 -0.98
CA ARG A 52 -11.53 0.79 -1.71
C ARG A 52 -10.88 2.00 -0.99
N LEU A 53 -9.99 2.67 -1.73
CA LEU A 53 -9.39 3.93 -1.32
C LEU A 53 -10.20 5.12 -1.84
N THR A 54 -10.24 6.21 -1.06
CA THR A 54 -10.90 7.47 -1.44
C THR A 54 -9.85 8.51 -1.82
N ALA A 55 -10.30 9.62 -2.45
CA ALA A 55 -9.42 10.74 -2.81
C ALA A 55 -8.78 11.36 -1.57
N GLN A 56 -9.50 11.27 -0.43
CA GLN A 56 -9.03 11.76 0.87
C GLN A 56 -7.94 10.83 1.42
N ASP A 57 -8.11 9.50 1.27
CA ASP A 57 -7.12 8.49 1.70
C ASP A 57 -5.78 8.71 1.00
N ILE A 58 -5.84 8.98 -0.32
CA ILE A 58 -4.64 9.15 -1.17
C ILE A 58 -3.96 10.51 -0.91
N ALA A 59 -4.79 11.52 -0.57
CA ALA A 59 -4.33 12.90 -0.31
C ALA A 59 -3.59 13.01 1.03
N GLU A 60 -4.15 12.33 2.06
CA GLU A 60 -3.61 12.36 3.44
C GLU A 60 -2.61 11.21 3.67
N ALA A 61 -2.43 10.36 2.65
CA ALA A 61 -1.44 9.27 2.70
C ALA A 61 -0.01 9.84 2.78
N THR A 62 0.59 9.72 3.97
CA THR A 62 2.01 10.00 4.21
C THR A 62 2.87 9.06 3.34
N ILE A 63 2.39 7.80 3.19
CA ILE A 63 3.06 6.75 2.39
C ILE A 63 2.02 5.98 1.56
N ILE A 64 2.41 5.59 0.32
CA ILE A 64 1.63 4.69 -0.56
C ILE A 64 2.56 3.54 -1.00
N ILE A 65 2.07 2.29 -0.98
CA ILE A 65 2.84 1.13 -1.52
C ILE A 65 1.98 0.40 -2.58
N HIS A 66 2.36 0.47 -3.88
CA HIS A 66 1.66 -0.30 -4.93
C HIS A 66 2.29 -1.70 -5.06
N SER A 67 1.82 -2.61 -4.20
CA SER A 67 2.22 -4.01 -4.19
C SER A 67 1.46 -4.77 -5.27
N VAL A 68 1.97 -4.70 -6.50
CA VAL A 68 1.24 -5.20 -7.67
C VAL A 68 2.07 -6.20 -8.48
N ALA A 69 1.35 -7.05 -9.21
CA ALA A 69 1.90 -8.04 -10.15
C ALA A 69 1.61 -7.60 -11.59
N VAL A 70 0.55 -6.79 -11.73
CA VAL A 70 0.10 -6.17 -12.98
C VAL A 70 -0.15 -4.68 -12.74
N THR A 71 -0.38 -3.92 -13.82
CA THR A 71 -0.81 -2.53 -13.73
C THR A 71 -2.22 -2.48 -13.08
N PRO A 72 -2.37 -1.85 -11.87
CA PRO A 72 -3.72 -1.67 -11.26
C PRO A 72 -4.56 -0.70 -12.11
N GLU A 73 -5.87 -0.96 -12.18
CA GLU A 73 -6.82 -0.18 -13.02
C GLU A 73 -6.91 1.28 -12.56
N ASP A 74 -6.69 1.48 -11.26
CA ASP A 74 -6.85 2.77 -10.57
C ASP A 74 -5.48 3.43 -10.30
N ASN A 75 -4.43 2.99 -11.02
CA ASN A 75 -3.03 3.44 -10.82
C ASN A 75 -2.86 4.98 -10.96
N GLU A 76 -3.70 5.57 -11.83
CA GLU A 76 -3.57 6.99 -12.24
C GLU A 76 -4.08 7.96 -11.15
N ARG A 77 -4.88 7.44 -10.20
CA ARG A 77 -5.35 8.19 -9.03
C ARG A 77 -4.19 8.53 -8.06
N PHE A 78 -3.17 7.68 -8.13
CA PHE A 78 -1.97 7.75 -7.25
C PHE A 78 -0.76 8.32 -8.01
N GLU A 79 -0.95 8.58 -9.31
CA GLU A 79 0.12 9.01 -10.25
C GLU A 79 0.75 10.38 -9.84
N SER A 80 -0.07 11.25 -9.24
CA SER A 80 0.36 12.60 -8.79
C SER A 80 0.85 12.60 -7.32
N ARG A 81 0.88 11.41 -6.69
CA ARG A 81 1.26 11.24 -5.27
C ARG A 81 2.52 10.38 -5.12
N ASP A 82 3.11 10.41 -3.91
CA ASP A 82 4.36 9.70 -3.58
C ASP A 82 4.10 8.21 -3.33
N VAL A 83 4.25 7.41 -4.40
CA VAL A 83 4.02 5.96 -4.40
C VAL A 83 5.35 5.19 -4.40
N TYR A 84 5.36 4.09 -3.64
CA TYR A 84 6.48 3.14 -3.57
C TYR A 84 5.98 1.81 -4.15
N GLU A 85 6.12 1.66 -5.48
CA GLU A 85 5.59 0.50 -6.21
C GLU A 85 6.58 -0.67 -6.14
N ILE A 86 6.11 -1.79 -5.60
CA ILE A 86 6.88 -3.04 -5.48
C ILE A 86 6.08 -4.19 -6.13
N THR A 87 6.65 -5.40 -6.09
CA THR A 87 5.92 -6.63 -6.43
C THR A 87 5.00 -7.04 -5.28
N LEU A 88 3.87 -7.66 -5.64
CA LEU A 88 2.85 -8.14 -4.68
C LEU A 88 3.44 -9.23 -3.74
N GLN A 89 4.44 -9.97 -4.25
CA GLN A 89 5.17 -11.00 -3.47
C GLN A 89 5.95 -10.36 -2.31
N ASP A 90 6.65 -9.24 -2.60
CA ASP A 90 7.50 -8.52 -1.63
C ASP A 90 6.65 -8.03 -0.44
N ALA A 91 5.39 -7.72 -0.71
CA ALA A 91 4.41 -7.24 0.29
C ALA A 91 4.02 -8.33 1.29
N ILE A 92 4.10 -9.59 0.87
CA ILE A 92 3.74 -10.75 1.71
C ILE A 92 4.94 -11.17 2.60
N LYS A 93 6.16 -11.14 2.02
CA LYS A 93 7.40 -11.58 2.72
C LYS A 93 8.04 -10.44 3.52
N ASN A 94 8.35 -9.33 2.83
CA ASN A 94 9.16 -8.21 3.38
C ASN A 94 8.25 -7.10 3.94
N ALA A 95 6.99 -7.44 4.26
CA ALA A 95 5.94 -6.46 4.67
C ALA A 95 6.42 -5.39 5.66
N ALA A 96 6.85 -5.84 6.85
CA ALA A 96 7.36 -4.96 7.91
C ALA A 96 8.62 -4.20 7.44
N GLY A 97 9.42 -4.90 6.60
CA GLY A 97 10.64 -4.34 6.03
C GLY A 97 10.38 -3.14 5.14
N ILE A 98 9.33 -3.24 4.29
CA ILE A 98 8.95 -2.20 3.31
C ILE A 98 8.57 -0.92 4.04
N ILE A 99 7.55 -1.04 4.93
CA ILE A 99 6.98 0.10 5.66
C ILE A 99 8.07 0.80 6.48
N LYS A 100 8.89 0.02 7.21
CA LYS A 100 9.95 0.56 8.09
C LYS A 100 11.09 1.22 7.28
N GLU A 101 11.30 0.74 6.03
CA GLU A 101 12.27 1.34 5.08
C GLU A 101 11.85 2.77 4.75
N ILE A 102 10.54 2.95 4.54
CA ILE A 102 9.99 4.23 4.11
C ILE A 102 9.87 5.17 5.32
N GLU A 103 9.60 4.56 6.48
CA GLU A 103 9.63 5.22 7.79
C GLU A 103 10.97 5.90 8.05
N GLU A 104 12.08 5.14 7.92
CA GLU A 104 13.43 5.64 8.24
C GLU A 104 13.92 6.66 7.17
N MET A 105 13.51 6.44 5.90
CA MET A 105 13.85 7.36 4.78
C MET A 105 13.20 8.74 5.00
N ILE A 106 11.90 8.73 5.31
CA ILE A 106 11.12 9.95 5.60
C ILE A 106 11.61 10.59 6.92
N ALA A 107 11.86 9.76 7.94
CA ALA A 107 12.31 10.24 9.27
C ALA A 107 13.77 10.76 9.22
N SER A 108 14.50 10.49 8.13
CA SER A 108 15.88 10.99 7.93
C SER A 108 15.87 12.33 7.18
N GLU A 109 14.99 12.45 6.16
CA GLU A 109 14.91 13.66 5.30
C GLU A 109 14.14 14.80 6.01
N GLN A 110 13.21 14.44 6.91
CA GLN A 110 12.42 15.41 7.70
C GLN A 110 13.22 15.85 8.94
N GLN A 111 13.88 14.88 9.59
CA GLN A 111 14.71 15.12 10.79
C GLN A 111 16.20 15.17 10.36
N MET A 4 1.41 14.37 14.88
CA MET A 4 0.24 14.29 13.98
C MET A 4 -0.02 12.82 13.65
N SER A 5 -1.30 12.42 13.61
CA SER A 5 -1.71 11.07 13.22
C SER A 5 -1.50 10.90 11.71
N LYS A 6 -0.30 10.43 11.33
CA LYS A 6 0.08 10.19 9.93
C LYS A 6 -0.76 9.06 9.31
N LYS A 7 -0.59 8.84 8.00
CA LYS A 7 -1.44 7.92 7.24
C LYS A 7 -0.60 7.16 6.19
N LEU A 8 -0.93 5.90 6.01
CA LEU A 8 -0.32 5.01 5.01
C LEU A 8 -1.45 4.32 4.27
N ILE A 9 -1.34 4.25 2.95
CA ILE A 9 -2.24 3.44 2.12
C ILE A 9 -1.38 2.52 1.27
N ALA A 10 -1.99 1.44 0.77
CA ALA A 10 -1.33 0.50 -0.12
C ALA A 10 -2.34 -0.05 -1.13
N LEU A 11 -1.83 -0.73 -2.15
CA LEU A 11 -2.65 -1.27 -3.23
C LEU A 11 -2.04 -2.60 -3.66
N CYS A 12 -2.77 -3.68 -3.40
CA CYS A 12 -2.41 -5.03 -3.79
C CYS A 12 -3.22 -5.42 -5.04
N ALA A 13 -2.56 -5.52 -6.21
CA ALA A 13 -3.26 -5.87 -7.49
C ALA A 13 -2.56 -7.06 -8.17
N CYS A 14 -3.30 -8.18 -8.30
CA CYS A 14 -2.78 -9.44 -8.87
C CYS A 14 -3.66 -9.89 -10.05
N PRO A 15 -3.06 -10.48 -11.13
CA PRO A 15 -3.83 -11.06 -12.27
C PRO A 15 -4.55 -12.39 -11.91
N MET A 16 -4.13 -13.02 -10.79
CA MET A 16 -4.69 -14.29 -10.31
C MET A 16 -6.11 -14.09 -9.74
N GLY A 17 -6.21 -13.18 -8.76
CA GLY A 17 -7.45 -12.93 -8.04
C GLY A 17 -7.21 -12.21 -6.73
N LEU A 18 -8.30 -11.98 -5.98
CA LEU A 18 -8.25 -11.24 -4.71
C LEU A 18 -7.66 -12.07 -3.55
N ALA A 19 -7.53 -13.39 -3.73
CA ALA A 19 -6.92 -14.27 -2.71
C ALA A 19 -5.46 -13.86 -2.43
N HIS A 20 -4.68 -13.71 -3.53
CA HIS A 20 -3.27 -13.32 -3.47
C HIS A 20 -3.12 -11.89 -2.90
N THR A 21 -4.04 -11.01 -3.33
CA THR A 21 -4.04 -9.59 -2.92
C THR A 21 -4.35 -9.44 -1.42
N PHE A 22 -5.26 -10.30 -0.89
CA PHE A 22 -5.69 -10.26 0.53
C PHE A 22 -4.56 -10.68 1.47
N MET A 23 -3.69 -11.61 1.02
CA MET A 23 -2.51 -12.03 1.80
C MET A 23 -1.49 -10.88 1.90
N ALA A 24 -1.33 -10.12 0.80
CA ALA A 24 -0.48 -8.92 0.77
C ALA A 24 -1.08 -7.78 1.60
N ALA A 25 -2.42 -7.63 1.50
CA ALA A 25 -3.17 -6.57 2.21
C ALA A 25 -3.15 -6.81 3.71
N GLN A 26 -3.21 -8.09 4.10
CA GLN A 26 -3.11 -8.52 5.49
C GLN A 26 -1.75 -8.13 6.06
N ALA A 27 -0.69 -8.55 5.35
CA ALA A 27 0.70 -8.42 5.80
C ALA A 27 1.12 -6.93 5.93
N LEU A 28 0.83 -6.12 4.88
CA LEU A 28 1.14 -4.68 4.86
C LEU A 28 0.36 -3.91 5.95
N GLU A 29 -0.88 -4.37 6.22
CA GLU A 29 -1.73 -3.78 7.25
C GLU A 29 -1.07 -3.94 8.62
N GLU A 30 -0.73 -5.21 8.95
CA GLU A 30 -0.07 -5.58 10.23
C GLU A 30 1.14 -4.68 10.49
N ALA A 31 2.03 -4.61 9.48
CA ALA A 31 3.27 -3.81 9.51
C ALA A 31 3.01 -2.33 9.82
N ALA A 32 2.08 -1.74 9.05
CA ALA A 32 1.68 -0.32 9.19
C ALA A 32 0.95 -0.03 10.54
N VAL A 33 0.37 -1.06 11.16
CA VAL A 33 -0.34 -0.92 12.46
C VAL A 33 0.71 -0.80 13.57
N GLU A 34 1.79 -1.57 13.41
CA GLU A 34 2.94 -1.61 14.33
C GLU A 34 3.83 -0.36 14.14
N ALA A 35 3.69 0.29 12.96
CA ALA A 35 4.35 1.58 12.66
C ALA A 35 3.59 2.75 13.31
N GLY A 36 2.31 2.51 13.69
CA GLY A 36 1.57 3.41 14.58
C GLY A 36 0.65 4.41 13.89
N TYR A 37 0.59 4.38 12.55
CA TYR A 37 -0.32 5.25 11.77
C TYR A 37 -1.49 4.47 11.16
N GLU A 38 -2.43 5.22 10.54
CA GLU A 38 -3.61 4.63 9.89
C GLU A 38 -3.21 3.90 8.62
N VAL A 39 -3.89 2.80 8.29
CA VAL A 39 -3.60 1.99 7.10
C VAL A 39 -4.89 1.61 6.35
N LYS A 40 -4.92 1.87 5.03
CA LYS A 40 -6.04 1.51 4.15
C LYS A 40 -5.48 0.92 2.85
N ILE A 41 -5.76 -0.37 2.60
CA ILE A 41 -5.23 -1.09 1.44
C ILE A 41 -6.34 -1.55 0.48
N GLU A 42 -6.34 -0.95 -0.73
CA GLU A 42 -7.20 -1.38 -1.85
C GLU A 42 -6.62 -2.67 -2.46
N THR A 43 -7.51 -3.53 -2.97
CA THR A 43 -7.16 -4.83 -3.54
C THR A 43 -7.91 -5.03 -4.87
N GLN A 44 -7.16 -5.29 -5.96
CA GLN A 44 -7.73 -5.44 -7.32
C GLN A 44 -7.28 -6.78 -7.90
N GLY A 45 -8.22 -7.50 -8.55
CA GLY A 45 -7.92 -8.81 -9.13
C GLY A 45 -8.97 -9.26 -10.13
N ALA A 46 -9.01 -10.58 -10.39
CA ALA A 46 -9.99 -11.21 -11.29
C ALA A 46 -11.43 -11.02 -10.79
N ASP A 47 -11.57 -10.90 -9.45
CA ASP A 47 -12.87 -10.72 -8.77
C ASP A 47 -13.29 -9.24 -8.72
N GLY A 48 -12.48 -8.36 -9.32
CA GLY A 48 -12.72 -6.92 -9.29
C GLY A 48 -11.97 -6.24 -8.15
N ILE A 49 -12.46 -5.05 -7.75
CA ILE A 49 -11.79 -4.18 -6.78
C ILE A 49 -12.52 -4.23 -5.42
N GLN A 50 -11.74 -4.14 -4.33
CA GLN A 50 -12.22 -4.29 -2.94
C GLN A 50 -11.44 -3.30 -2.05
N ASN A 51 -12.11 -2.80 -0.99
CA ASN A 51 -11.51 -1.91 0.04
C ASN A 51 -10.96 -0.62 -0.62
N ARG A 52 -11.76 -0.09 -1.58
CA ARG A 52 -11.40 1.03 -2.48
C ARG A 52 -10.81 2.23 -1.73
N LEU A 53 -9.71 2.75 -2.26
CA LEU A 53 -9.06 3.98 -1.78
C LEU A 53 -9.75 5.20 -2.39
N THR A 54 -10.16 6.11 -1.51
CA THR A 54 -10.80 7.37 -1.89
C THR A 54 -9.73 8.44 -2.12
N ALA A 55 -10.13 9.54 -2.78
CA ALA A 55 -9.27 10.70 -3.00
C ALA A 55 -8.77 11.29 -1.67
N GLN A 56 -9.61 11.15 -0.60
CA GLN A 56 -9.25 11.56 0.77
C GLN A 56 -8.12 10.69 1.32
N ASP A 57 -8.26 9.34 1.18
CA ASP A 57 -7.23 8.36 1.62
C ASP A 57 -5.85 8.71 1.06
N ILE A 58 -5.84 9.04 -0.23
CA ILE A 58 -4.63 9.37 -1.00
C ILE A 58 -4.05 10.75 -0.60
N ALA A 59 -4.96 11.70 -0.28
CA ALA A 59 -4.59 13.08 0.15
C ALA A 59 -3.94 13.07 1.55
N GLU A 60 -4.46 12.19 2.42
CA GLU A 60 -3.93 12.00 3.79
C GLU A 60 -2.62 11.22 3.78
N ALA A 61 -2.52 10.29 2.80
CA ALA A 61 -1.44 9.31 2.68
C ALA A 61 -0.06 9.97 2.65
N THR A 62 0.59 9.95 3.82
CA THR A 62 2.00 10.31 3.98
C THR A 62 2.88 9.31 3.18
N ILE A 63 2.38 8.06 3.12
CA ILE A 63 3.05 6.93 2.43
C ILE A 63 2.02 6.17 1.57
N ILE A 64 2.44 5.77 0.35
CA ILE A 64 1.64 4.91 -0.56
C ILE A 64 2.53 3.76 -1.07
N ILE A 65 2.05 2.51 -0.99
CA ILE A 65 2.75 1.34 -1.58
C ILE A 65 1.87 0.75 -2.68
N HIS A 66 2.38 0.58 -3.90
CA HIS A 66 1.71 -0.22 -4.95
C HIS A 66 2.37 -1.60 -5.00
N SER A 67 1.88 -2.50 -4.13
CA SER A 67 2.28 -3.89 -4.09
C SER A 67 1.53 -4.65 -5.18
N VAL A 68 2.04 -4.57 -6.41
CA VAL A 68 1.34 -5.07 -7.60
C VAL A 68 2.24 -5.97 -8.45
N ALA A 69 1.61 -6.70 -9.36
CA ALA A 69 2.30 -7.49 -10.41
C ALA A 69 1.81 -7.02 -11.79
N VAL A 70 0.69 -6.27 -11.78
CA VAL A 70 0.03 -5.70 -12.97
C VAL A 70 -0.18 -4.21 -12.78
N THR A 71 -0.71 -3.55 -13.81
CA THR A 71 -1.11 -2.14 -13.73
C THR A 71 -2.43 -2.05 -12.95
N PRO A 72 -2.46 -1.34 -11.77
CA PRO A 72 -3.70 -1.11 -11.01
C PRO A 72 -4.67 -0.21 -11.81
N GLU A 73 -5.99 -0.46 -11.64
CA GLU A 73 -7.04 0.28 -12.37
C GLU A 73 -7.06 1.76 -11.96
N ASP A 74 -6.89 2.00 -10.66
CA ASP A 74 -6.96 3.35 -10.05
C ASP A 74 -5.59 4.08 -10.07
N ASN A 75 -4.61 3.57 -10.88
CA ASN A 75 -3.24 4.13 -10.97
C ASN A 75 -3.23 5.64 -11.31
N GLU A 76 -4.28 6.08 -12.04
CA GLU A 76 -4.52 7.49 -12.41
C GLU A 76 -4.60 8.42 -11.17
N ARG A 77 -5.20 7.90 -10.09
CA ARG A 77 -5.45 8.64 -8.82
C ARG A 77 -4.19 8.71 -7.94
N PHE A 78 -3.23 7.83 -8.25
CA PHE A 78 -1.93 7.77 -7.53
C PHE A 78 -0.80 8.31 -8.42
N GLU A 79 -1.14 8.70 -9.67
CA GLU A 79 -0.17 9.10 -10.72
C GLU A 79 0.77 10.25 -10.26
N SER A 80 0.17 11.30 -9.71
CA SER A 80 0.92 12.52 -9.29
C SER A 80 1.37 12.44 -7.82
N ARG A 81 1.07 11.32 -7.13
CA ARG A 81 1.25 11.19 -5.66
C ARG A 81 2.49 10.32 -5.33
N ASP A 82 3.00 10.44 -4.08
CA ASP A 82 4.24 9.75 -3.63
C ASP A 82 3.98 8.24 -3.44
N VAL A 83 4.26 7.46 -4.51
CA VAL A 83 3.98 6.01 -4.53
C VAL A 83 5.28 5.20 -4.66
N TYR A 84 5.39 4.16 -3.82
CA TYR A 84 6.52 3.22 -3.80
C TYR A 84 6.05 1.88 -4.41
N GLU A 85 6.23 1.74 -5.73
CA GLU A 85 5.77 0.57 -6.50
C GLU A 85 6.72 -0.63 -6.32
N ILE A 86 6.24 -1.64 -5.61
CA ILE A 86 6.96 -2.93 -5.39
C ILE A 86 6.16 -4.09 -6.02
N THR A 87 6.61 -5.33 -5.79
CA THR A 87 5.84 -6.53 -6.16
C THR A 87 4.88 -6.91 -5.03
N LEU A 88 3.75 -7.51 -5.42
CA LEU A 88 2.72 -8.01 -4.47
C LEU A 88 3.29 -9.14 -3.60
N GLN A 89 4.23 -9.91 -4.18
CA GLN A 89 4.95 -10.99 -3.49
C GLN A 89 5.80 -10.43 -2.33
N ASP A 90 6.52 -9.31 -2.60
CA ASP A 90 7.38 -8.65 -1.60
C ASP A 90 6.54 -8.12 -0.42
N ALA A 91 5.27 -7.78 -0.71
CA ALA A 91 4.32 -7.29 0.31
C ALA A 91 3.97 -8.37 1.35
N ILE A 92 3.97 -9.63 0.90
CA ILE A 92 3.61 -10.79 1.74
C ILE A 92 4.82 -11.19 2.62
N LYS A 93 6.02 -11.21 2.02
CA LYS A 93 7.26 -11.68 2.70
C LYS A 93 7.95 -10.58 3.54
N ASN A 94 8.11 -9.39 2.94
CA ASN A 94 8.91 -8.28 3.49
C ASN A 94 8.02 -7.16 4.03
N ALA A 95 6.77 -7.51 4.42
CA ALA A 95 5.72 -6.55 4.87
C ALA A 95 6.27 -5.44 5.80
N ALA A 96 6.83 -5.87 6.94
CA ALA A 96 7.38 -4.96 7.95
C ALA A 96 8.59 -4.20 7.41
N GLY A 97 9.38 -4.88 6.55
CA GLY A 97 10.60 -4.32 5.98
C GLY A 97 10.31 -3.12 5.09
N ILE A 98 9.30 -3.25 4.23
CA ILE A 98 8.86 -2.21 3.29
C ILE A 98 8.42 -0.95 4.04
N ILE A 99 7.44 -1.12 4.95
CA ILE A 99 6.89 0.00 5.74
C ILE A 99 8.00 0.72 6.52
N LYS A 100 8.83 -0.05 7.26
CA LYS A 100 9.90 0.52 8.12
C LYS A 100 11.00 1.21 7.28
N GLU A 101 11.20 0.72 6.03
CA GLU A 101 12.15 1.32 5.07
C GLU A 101 11.67 2.72 4.68
N ILE A 102 10.36 2.88 4.48
CA ILE A 102 9.79 4.15 4.03
C ILE A 102 9.76 5.14 5.22
N GLU A 103 9.53 4.56 6.40
CA GLU A 103 9.58 5.26 7.69
C GLU A 103 10.97 5.85 7.94
N GLU A 104 12.03 5.03 7.79
CA GLU A 104 13.41 5.47 8.07
C GLU A 104 13.92 6.44 7.01
N MET A 105 13.47 6.25 5.74
CA MET A 105 13.84 7.13 4.62
C MET A 105 13.31 8.56 4.86
N ILE A 106 11.97 8.65 5.04
CA ILE A 106 11.29 9.94 5.28
C ILE A 106 11.78 10.57 6.60
N ALA A 107 11.95 9.75 7.65
CA ALA A 107 12.41 10.24 8.97
C ALA A 107 13.86 10.78 8.90
N SER A 108 14.70 10.20 8.02
CA SER A 108 16.12 10.58 7.92
C SER A 108 16.27 11.95 7.24
N GLU A 109 15.41 12.20 6.24
CA GLU A 109 15.44 13.44 5.44
C GLU A 109 14.64 14.58 6.12
N GLN A 110 13.64 14.22 6.96
CA GLN A 110 12.81 15.21 7.70
C GLN A 110 13.48 15.64 9.02
N GLN A 111 14.09 14.67 9.72
CA GLN A 111 14.86 14.94 10.96
C GLN A 111 16.26 15.47 10.55
N MET A 4 -2.33 15.09 13.56
CA MET A 4 -1.23 14.91 14.54
C MET A 4 -0.40 13.68 14.14
N SER A 5 -1.08 12.52 14.06
CA SER A 5 -0.50 11.26 13.59
C SER A 5 -0.45 11.23 12.04
N LYS A 6 0.23 10.20 11.49
CA LYS A 6 0.49 10.07 10.04
C LYS A 6 -0.49 9.05 9.41
N LYS A 7 -0.34 8.81 8.10
CA LYS A 7 -1.29 7.96 7.33
C LYS A 7 -0.51 7.17 6.26
N LEU A 8 -0.95 5.92 6.02
CA LEU A 8 -0.36 5.03 5.01
C LEU A 8 -1.51 4.39 4.24
N ILE A 9 -1.33 4.21 2.94
CA ILE A 9 -2.25 3.43 2.10
C ILE A 9 -1.42 2.49 1.23
N ALA A 10 -2.10 1.55 0.58
CA ALA A 10 -1.47 0.63 -0.38
C ALA A 10 -2.49 0.18 -1.42
N LEU A 11 -1.99 -0.49 -2.46
CA LEU A 11 -2.80 -1.06 -3.53
C LEU A 11 -2.20 -2.41 -3.88
N CYS A 12 -2.95 -3.48 -3.58
CA CYS A 12 -2.56 -4.85 -3.90
C CYS A 12 -3.34 -5.32 -5.14
N ALA A 13 -2.64 -5.46 -6.28
CA ALA A 13 -3.28 -5.85 -7.57
C ALA A 13 -2.56 -7.04 -8.22
N CYS A 14 -3.27 -8.19 -8.30
CA CYS A 14 -2.78 -9.39 -9.00
C CYS A 14 -3.85 -9.92 -9.95
N PRO A 15 -3.44 -10.50 -11.12
CA PRO A 15 -4.35 -11.15 -12.08
C PRO A 15 -4.57 -12.65 -11.73
N MET A 16 -4.19 -13.02 -10.49
CA MET A 16 -4.35 -14.38 -9.95
C MET A 16 -4.83 -14.30 -8.48
N GLY A 17 -6.13 -14.00 -8.33
CA GLY A 17 -6.83 -14.13 -7.07
C GLY A 17 -6.77 -12.89 -6.18
N LEU A 18 -7.94 -12.48 -5.65
CA LEU A 18 -8.02 -11.53 -4.52
C LEU A 18 -7.44 -12.21 -3.26
N ALA A 19 -7.41 -13.55 -3.23
CA ALA A 19 -6.75 -14.33 -2.18
C ALA A 19 -5.26 -13.95 -2.07
N HIS A 20 -4.61 -13.73 -3.25
CA HIS A 20 -3.20 -13.33 -3.31
C HIS A 20 -3.06 -11.88 -2.76
N THR A 21 -3.98 -11.01 -3.22
CA THR A 21 -3.98 -9.59 -2.85
C THR A 21 -4.29 -9.39 -1.35
N PHE A 22 -5.08 -10.31 -0.74
CA PHE A 22 -5.49 -10.24 0.69
C PHE A 22 -4.37 -10.73 1.62
N MET A 23 -3.50 -11.64 1.12
CA MET A 23 -2.28 -12.03 1.87
C MET A 23 -1.32 -10.83 1.96
N ALA A 24 -1.25 -10.07 0.85
CA ALA A 24 -0.44 -8.84 0.75
C ALA A 24 -1.06 -7.69 1.56
N ALA A 25 -2.39 -7.59 1.49
CA ALA A 25 -3.17 -6.53 2.14
C ALA A 25 -3.06 -6.66 3.65
N GLN A 26 -3.34 -7.86 4.15
CA GLN A 26 -3.29 -8.16 5.59
C GLN A 26 -1.85 -7.98 6.12
N ALA A 27 -0.86 -8.39 5.31
CA ALA A 27 0.56 -8.29 5.66
C ALA A 27 0.99 -6.81 5.85
N LEU A 28 0.71 -5.97 4.82
CA LEU A 28 1.04 -4.52 4.83
C LEU A 28 0.22 -3.77 5.89
N GLU A 29 -0.99 -4.28 6.17
CA GLU A 29 -1.92 -3.68 7.15
C GLU A 29 -1.32 -3.77 8.55
N GLU A 30 -0.95 -5.02 8.95
CA GLU A 30 -0.32 -5.32 10.25
C GLU A 30 0.94 -4.47 10.44
N ALA A 31 1.80 -4.46 9.41
CA ALA A 31 3.09 -3.76 9.39
C ALA A 31 2.92 -2.24 9.66
N ALA A 32 1.94 -1.66 8.97
CA ALA A 32 1.56 -0.24 9.12
C ALA A 32 0.93 0.06 10.51
N VAL A 33 0.26 -0.94 11.10
CA VAL A 33 -0.39 -0.78 12.44
C VAL A 33 0.71 -0.74 13.52
N GLU A 34 1.74 -1.56 13.30
CA GLU A 34 2.92 -1.66 14.19
C GLU A 34 3.81 -0.41 14.08
N ALA A 35 3.75 0.23 12.89
CA ALA A 35 4.41 1.54 12.66
C ALA A 35 3.72 2.66 13.45
N GLY A 36 2.39 2.52 13.63
CA GLY A 36 1.63 3.39 14.55
C GLY A 36 0.80 4.46 13.88
N TYR A 37 0.52 4.29 12.57
CA TYR A 37 -0.36 5.21 11.81
C TYR A 37 -1.54 4.45 11.18
N GLU A 38 -2.39 5.22 10.46
CA GLU A 38 -3.57 4.65 9.75
C GLU A 38 -3.11 3.87 8.49
N VAL A 39 -3.91 2.87 8.09
CA VAL A 39 -3.63 2.05 6.90
C VAL A 39 -4.94 1.71 6.14
N LYS A 40 -4.95 1.98 4.82
CA LYS A 40 -6.09 1.66 3.94
C LYS A 40 -5.57 1.05 2.62
N ILE A 41 -5.89 -0.23 2.37
CA ILE A 41 -5.34 -0.96 1.21
C ILE A 41 -6.46 -1.44 0.26
N GLU A 42 -6.44 -0.91 -0.98
CA GLU A 42 -7.36 -1.31 -2.06
C GLU A 42 -6.79 -2.52 -2.81
N THR A 43 -7.54 -3.63 -2.80
CA THR A 43 -7.17 -4.86 -3.49
C THR A 43 -7.91 -4.99 -4.83
N GLN A 44 -7.18 -4.84 -5.94
CA GLN A 44 -7.70 -5.05 -7.29
C GLN A 44 -7.34 -6.48 -7.78
N GLY A 45 -8.29 -7.13 -8.45
CA GLY A 45 -8.09 -8.47 -9.00
C GLY A 45 -9.16 -8.84 -10.02
N ALA A 46 -9.01 -10.02 -10.64
CA ALA A 46 -9.97 -10.52 -11.65
C ALA A 46 -11.28 -11.01 -11.01
N ASP A 47 -11.26 -11.17 -9.67
CA ASP A 47 -12.48 -11.45 -8.87
C ASP A 47 -13.30 -10.16 -8.67
N GLY A 48 -12.60 -9.02 -8.68
CA GLY A 48 -13.18 -7.70 -8.46
C GLY A 48 -12.25 -6.80 -7.66
N ILE A 49 -12.76 -5.64 -7.22
CA ILE A 49 -12.01 -4.70 -6.37
C ILE A 49 -12.66 -4.64 -4.97
N GLN A 50 -11.82 -4.47 -3.94
CA GLN A 50 -12.25 -4.47 -2.54
C GLN A 50 -11.45 -3.44 -1.74
N ASN A 51 -12.11 -2.90 -0.67
CA ASN A 51 -11.52 -1.92 0.27
C ASN A 51 -11.07 -0.65 -0.50
N ARG A 52 -11.98 -0.19 -1.38
CA ARG A 52 -11.76 0.93 -2.31
C ARG A 52 -11.26 2.21 -1.57
N LEU A 53 -10.06 2.67 -1.99
CA LEU A 53 -9.47 3.95 -1.54
C LEU A 53 -10.33 5.14 -2.00
N THR A 54 -10.36 6.19 -1.16
CA THR A 54 -11.05 7.44 -1.48
C THR A 54 -10.03 8.53 -1.86
N ALA A 55 -10.54 9.65 -2.43
CA ALA A 55 -9.71 10.83 -2.75
C ALA A 55 -9.07 11.39 -1.48
N GLN A 56 -9.83 11.29 -0.37
CA GLN A 56 -9.38 11.66 0.97
C GLN A 56 -8.18 10.79 1.39
N ASP A 57 -8.31 9.44 1.27
CA ASP A 57 -7.25 8.46 1.68
C ASP A 57 -5.89 8.77 1.04
N ILE A 58 -5.92 9.03 -0.28
CA ILE A 58 -4.70 9.25 -1.08
C ILE A 58 -4.07 10.64 -0.77
N ALA A 59 -4.94 11.62 -0.42
CA ALA A 59 -4.51 12.98 -0.03
C ALA A 59 -3.83 12.98 1.36
N GLU A 60 -4.38 12.15 2.26
CA GLU A 60 -3.87 11.99 3.65
C GLU A 60 -2.60 11.13 3.68
N ALA A 61 -2.48 10.24 2.68
CA ALA A 61 -1.39 9.25 2.58
C ALA A 61 0.01 9.91 2.60
N THR A 62 0.64 9.88 3.78
CA THR A 62 2.05 10.22 3.97
C THR A 62 2.91 9.21 3.19
N ILE A 63 2.47 7.94 3.21
CA ILE A 63 3.13 6.82 2.53
C ILE A 63 2.10 6.07 1.65
N ILE A 64 2.53 5.64 0.45
CA ILE A 64 1.74 4.76 -0.45
C ILE A 64 2.63 3.61 -0.92
N ILE A 65 2.09 2.36 -0.95
CA ILE A 65 2.80 1.20 -1.51
C ILE A 65 1.93 0.56 -2.62
N HIS A 66 2.37 0.63 -3.90
CA HIS A 66 1.68 -0.10 -4.99
C HIS A 66 2.31 -1.49 -5.11
N SER A 67 1.82 -2.40 -4.27
CA SER A 67 2.23 -3.78 -4.24
C SER A 67 1.44 -4.56 -5.31
N VAL A 68 1.95 -4.52 -6.55
CA VAL A 68 1.22 -5.05 -7.71
C VAL A 68 2.07 -6.04 -8.53
N ALA A 69 1.37 -6.80 -9.38
CA ALA A 69 1.97 -7.73 -10.34
C ALA A 69 1.70 -7.23 -11.78
N VAL A 70 0.57 -6.51 -11.90
CA VAL A 70 0.12 -5.87 -13.15
C VAL A 70 -0.08 -4.37 -12.88
N THR A 71 -0.14 -3.57 -13.94
CA THR A 71 -0.46 -2.14 -13.81
C THR A 71 -1.94 -1.99 -13.39
N PRO A 72 -2.23 -1.42 -12.17
CA PRO A 72 -3.61 -1.21 -11.70
C PRO A 72 -4.38 -0.20 -12.60
N GLU A 73 -5.71 -0.39 -12.67
CA GLU A 73 -6.61 0.49 -13.45
C GLU A 73 -6.67 1.89 -12.81
N ASP A 74 -6.51 1.90 -11.49
CA ASP A 74 -6.64 3.09 -10.64
C ASP A 74 -5.28 3.78 -10.39
N ASN A 75 -4.25 3.38 -11.16
CA ASN A 75 -2.86 3.83 -10.99
C ASN A 75 -2.71 5.38 -11.15
N GLU A 76 -3.51 5.95 -12.07
CA GLU A 76 -3.45 7.40 -12.43
C GLU A 76 -4.00 8.33 -11.32
N ARG A 77 -4.78 7.76 -10.37
CA ARG A 77 -5.27 8.50 -9.18
C ARG A 77 -4.13 8.94 -8.26
N PHE A 78 -3.02 8.19 -8.34
CA PHE A 78 -1.83 8.36 -7.49
C PHE A 78 -0.72 9.12 -8.27
N GLU A 79 -1.13 9.80 -9.37
CA GLU A 79 -0.24 10.49 -10.34
C GLU A 79 0.78 11.43 -9.64
N SER A 80 0.27 12.32 -8.78
CA SER A 80 1.07 13.41 -8.18
C SER A 80 1.53 13.05 -6.74
N ARG A 81 1.26 11.81 -6.30
CA ARG A 81 1.51 11.36 -4.91
C ARG A 81 2.74 10.43 -4.84
N ASP A 82 3.49 10.50 -3.73
CA ASP A 82 4.71 9.69 -3.49
C ASP A 82 4.33 8.20 -3.28
N VAL A 83 4.48 7.41 -4.35
CA VAL A 83 4.15 5.98 -4.36
C VAL A 83 5.43 5.13 -4.43
N TYR A 84 5.54 4.18 -3.50
CA TYR A 84 6.62 3.19 -3.45
C TYR A 84 6.10 1.89 -4.09
N GLU A 85 6.34 1.74 -5.40
CA GLU A 85 5.83 0.60 -6.18
C GLU A 85 6.80 -0.59 -6.07
N ILE A 86 6.23 -1.75 -5.73
CA ILE A 86 6.95 -3.03 -5.57
C ILE A 86 6.12 -4.16 -6.23
N THR A 87 6.56 -5.41 -6.05
CA THR A 87 5.75 -6.59 -6.37
C THR A 87 4.82 -6.92 -5.20
N LEU A 88 3.66 -7.50 -5.53
CA LEU A 88 2.67 -7.95 -4.54
C LEU A 88 3.22 -9.10 -3.69
N GLN A 89 4.13 -9.87 -4.30
CA GLN A 89 4.88 -10.94 -3.61
C GLN A 89 5.71 -10.36 -2.44
N ASP A 90 6.41 -9.23 -2.72
CA ASP A 90 7.26 -8.55 -1.72
C ASP A 90 6.41 -8.04 -0.55
N ALA A 91 5.15 -7.66 -0.84
CA ALA A 91 4.18 -7.20 0.18
C ALA A 91 3.82 -8.32 1.18
N ILE A 92 3.83 -9.56 0.69
CA ILE A 92 3.52 -10.74 1.50
C ILE A 92 4.73 -11.13 2.38
N LYS A 93 5.91 -11.25 1.75
CA LYS A 93 7.13 -11.78 2.41
C LYS A 93 7.87 -10.72 3.25
N ASN A 94 7.82 -9.46 2.79
CA ASN A 94 8.68 -8.36 3.31
C ASN A 94 7.80 -7.22 3.87
N ALA A 95 6.55 -7.55 4.24
CA ALA A 95 5.52 -6.56 4.69
C ALA A 95 6.09 -5.48 5.63
N ALA A 96 6.61 -5.94 6.78
CA ALA A 96 7.19 -5.08 7.80
C ALA A 96 8.42 -4.34 7.27
N GLY A 97 9.21 -5.03 6.42
CA GLY A 97 10.45 -4.49 5.86
C GLY A 97 10.20 -3.26 5.01
N ILE A 98 9.21 -3.36 4.12
CA ILE A 98 8.76 -2.28 3.23
C ILE A 98 8.39 -1.03 4.04
N ILE A 99 7.41 -1.20 4.96
CA ILE A 99 6.89 -0.10 5.79
C ILE A 99 8.03 0.61 6.56
N LYS A 100 8.86 -0.18 7.28
CA LYS A 100 9.94 0.37 8.15
C LYS A 100 11.05 1.05 7.33
N GLU A 101 11.26 0.56 6.10
CA GLU A 101 12.26 1.13 5.17
C GLU A 101 11.79 2.49 4.65
N ILE A 102 10.48 2.66 4.51
CA ILE A 102 9.89 3.94 4.06
C ILE A 102 9.89 4.93 5.23
N GLU A 103 9.63 4.37 6.42
CA GLU A 103 9.62 5.10 7.70
C GLU A 103 10.96 5.77 7.96
N GLU A 104 12.05 5.02 7.79
CA GLU A 104 13.41 5.52 8.05
C GLU A 104 13.88 6.48 6.93
N MET A 105 13.46 6.22 5.66
CA MET A 105 13.82 7.08 4.51
C MET A 105 13.19 8.47 4.66
N ILE A 106 11.87 8.48 4.94
CA ILE A 106 11.11 9.71 5.16
C ILE A 106 11.57 10.40 6.45
N ALA A 107 11.80 9.63 7.53
CA ALA A 107 12.28 10.20 8.81
C ALA A 107 13.69 10.79 8.67
N SER A 108 14.49 10.26 7.73
CA SER A 108 15.89 10.73 7.53
C SER A 108 15.89 12.09 6.81
N GLU A 109 15.03 12.24 5.80
CA GLU A 109 14.94 13.46 4.99
C GLU A 109 14.17 14.59 5.72
N GLN A 110 13.14 14.20 6.52
CA GLN A 110 12.24 15.16 7.19
C GLN A 110 12.85 15.68 8.51
N GLN A 111 13.44 14.78 9.30
CA GLN A 111 14.10 15.15 10.57
C GLN A 111 15.45 15.85 10.26
N MET A 4 -0.16 13.82 14.97
CA MET A 4 0.45 12.61 15.56
C MET A 4 0.05 11.37 14.74
N SER A 5 -1.28 11.20 14.54
CA SER A 5 -1.83 10.05 13.79
C SER A 5 -1.72 10.30 12.27
N LYS A 6 -0.51 10.00 11.73
CA LYS A 6 -0.23 10.01 10.28
C LYS A 6 -1.04 8.90 9.54
N LYS A 7 -0.80 8.71 8.24
CA LYS A 7 -1.59 7.75 7.44
C LYS A 7 -0.70 7.04 6.38
N LEU A 8 -0.99 5.77 6.15
CA LEU A 8 -0.35 4.93 5.12
C LEU A 8 -1.45 4.24 4.33
N ILE A 9 -1.31 4.22 3.01
CA ILE A 9 -2.20 3.44 2.14
C ILE A 9 -1.35 2.53 1.26
N ALA A 10 -1.99 1.52 0.68
CA ALA A 10 -1.34 0.61 -0.27
C ALA A 10 -2.36 0.10 -1.27
N LEU A 11 -1.87 -0.51 -2.35
CA LEU A 11 -2.72 -1.09 -3.39
C LEU A 11 -2.11 -2.44 -3.76
N CYS A 12 -2.92 -3.50 -3.65
CA CYS A 12 -2.52 -4.86 -3.99
C CYS A 12 -3.33 -5.32 -5.21
N ALA A 13 -2.64 -5.53 -6.37
CA ALA A 13 -3.32 -5.90 -7.65
C ALA A 13 -2.70 -7.17 -8.26
N CYS A 14 -3.53 -8.23 -8.46
CA CYS A 14 -3.10 -9.53 -9.01
C CYS A 14 -3.98 -9.95 -10.20
N PRO A 15 -3.38 -10.64 -11.25
CA PRO A 15 -4.14 -11.13 -12.42
C PRO A 15 -4.99 -12.38 -12.11
N MET A 16 -4.62 -13.17 -11.06
CA MET A 16 -5.44 -14.31 -10.59
C MET A 16 -6.65 -13.79 -9.80
N GLY A 17 -6.43 -12.77 -8.96
CA GLY A 17 -7.52 -12.08 -8.28
C GLY A 17 -7.27 -11.76 -6.81
N LEU A 18 -8.37 -11.60 -6.06
CA LEU A 18 -8.37 -10.98 -4.72
C LEU A 18 -7.79 -11.86 -3.59
N ALA A 19 -7.70 -13.18 -3.80
CA ALA A 19 -7.13 -14.10 -2.78
C ALA A 19 -5.65 -13.73 -2.47
N HIS A 20 -4.88 -13.55 -3.56
CA HIS A 20 -3.46 -13.21 -3.50
C HIS A 20 -3.27 -11.80 -2.92
N THR A 21 -4.18 -10.88 -3.31
CA THR A 21 -4.11 -9.46 -2.92
C THR A 21 -4.36 -9.28 -1.41
N PHE A 22 -5.28 -10.11 -0.84
CA PHE A 22 -5.60 -10.08 0.60
C PHE A 22 -4.46 -10.66 1.44
N MET A 23 -3.64 -11.55 0.85
CA MET A 23 -2.39 -12.02 1.52
C MET A 23 -1.42 -10.84 1.72
N ALA A 24 -1.26 -10.03 0.66
CA ALA A 24 -0.42 -8.81 0.69
C ALA A 24 -1.04 -7.72 1.56
N ALA A 25 -2.37 -7.61 1.51
CA ALA A 25 -3.14 -6.58 2.24
C ALA A 25 -3.06 -6.82 3.74
N GLN A 26 -3.19 -8.08 4.15
CA GLN A 26 -3.14 -8.47 5.57
C GLN A 26 -1.74 -8.22 6.15
N ALA A 27 -0.71 -8.56 5.36
CA ALA A 27 0.70 -8.42 5.77
C ALA A 27 1.10 -6.92 5.94
N LEU A 28 0.79 -6.09 4.93
CA LEU A 28 1.07 -4.63 4.95
C LEU A 28 0.25 -3.90 6.01
N GLU A 29 -0.97 -4.41 6.25
CA GLU A 29 -1.90 -3.85 7.26
C GLU A 29 -1.25 -3.91 8.64
N GLU A 30 -0.80 -5.13 9.02
CA GLU A 30 -0.12 -5.40 10.29
C GLU A 30 1.07 -4.47 10.49
N ALA A 31 1.95 -4.43 9.47
CA ALA A 31 3.20 -3.66 9.47
C ALA A 31 2.95 -2.16 9.73
N ALA A 32 1.95 -1.61 9.04
CA ALA A 32 1.51 -0.22 9.18
C ALA A 32 0.84 0.07 10.55
N VAL A 33 0.18 -0.94 11.14
CA VAL A 33 -0.48 -0.80 12.47
C VAL A 33 0.61 -0.73 13.56
N GLU A 34 1.66 -1.55 13.35
CA GLU A 34 2.83 -1.63 14.23
C GLU A 34 3.71 -0.38 14.11
N ALA A 35 3.60 0.33 12.97
CA ALA A 35 4.32 1.60 12.72
C ALA A 35 3.68 2.77 13.51
N GLY A 36 2.39 2.62 13.89
CA GLY A 36 1.72 3.56 14.80
C GLY A 36 0.73 4.51 14.12
N TYR A 37 0.56 4.39 12.80
CA TYR A 37 -0.40 5.21 12.02
C TYR A 37 -1.54 4.35 11.44
N GLU A 38 -2.47 5.02 10.72
CA GLU A 38 -3.63 4.38 10.07
C GLU A 38 -3.19 3.69 8.76
N VAL A 39 -3.92 2.64 8.35
CA VAL A 39 -3.67 1.90 7.11
C VAL A 39 -4.99 1.69 6.32
N LYS A 40 -4.92 1.80 4.98
CA LYS A 40 -6.04 1.47 4.08
C LYS A 40 -5.48 0.91 2.77
N ILE A 41 -5.84 -0.33 2.43
CA ILE A 41 -5.29 -1.04 1.24
C ILE A 41 -6.40 -1.45 0.25
N GLU A 42 -6.42 -0.82 -0.94
CA GLU A 42 -7.34 -1.18 -2.03
C GLU A 42 -6.78 -2.39 -2.79
N THR A 43 -7.53 -3.48 -2.75
CA THR A 43 -7.18 -4.73 -3.43
C THR A 43 -7.94 -4.84 -4.77
N GLN A 44 -7.20 -4.83 -5.89
CA GLN A 44 -7.77 -5.02 -7.24
C GLN A 44 -7.38 -6.41 -7.79
N GLY A 45 -8.23 -6.97 -8.65
CA GLY A 45 -7.97 -8.29 -9.25
C GLY A 45 -8.97 -8.65 -10.32
N ALA A 46 -8.83 -9.86 -10.88
CA ALA A 46 -9.69 -10.38 -11.95
C ALA A 46 -11.15 -10.64 -11.47
N ASP A 47 -11.32 -10.75 -10.14
CA ASP A 47 -12.65 -10.88 -9.50
C ASP A 47 -13.34 -9.50 -9.39
N GLY A 48 -12.51 -8.46 -9.22
CA GLY A 48 -12.99 -7.09 -9.02
C GLY A 48 -12.11 -6.33 -8.04
N ILE A 49 -12.64 -5.26 -7.44
CA ILE A 49 -11.90 -4.44 -6.46
C ILE A 49 -12.60 -4.50 -5.08
N GLN A 50 -11.83 -4.27 -4.02
CA GLN A 50 -12.32 -4.29 -2.63
C GLN A 50 -11.50 -3.31 -1.77
N ASN A 51 -12.13 -2.79 -0.69
CA ASN A 51 -11.50 -1.89 0.31
C ASN A 51 -11.02 -0.59 -0.38
N ARG A 52 -11.89 -0.08 -1.29
CA ARG A 52 -11.59 1.00 -2.24
C ARG A 52 -11.06 2.27 -1.53
N LEU A 53 -9.84 2.68 -1.91
CA LEU A 53 -9.23 3.96 -1.48
C LEU A 53 -10.02 5.13 -2.07
N THR A 54 -10.12 6.22 -1.30
CA THR A 54 -10.78 7.47 -1.72
C THR A 54 -9.73 8.58 -1.87
N ALA A 55 -10.14 9.74 -2.41
CA ALA A 55 -9.26 10.91 -2.54
C ALA A 55 -8.73 11.38 -1.17
N GLN A 56 -9.54 11.14 -0.10
CA GLN A 56 -9.17 11.45 1.30
C GLN A 56 -7.97 10.58 1.75
N ASP A 57 -8.06 9.27 1.47
CA ASP A 57 -7.00 8.29 1.80
C ASP A 57 -5.68 8.66 1.11
N ILE A 58 -5.77 9.01 -0.18
CA ILE A 58 -4.59 9.31 -1.04
C ILE A 58 -3.99 10.69 -0.68
N ALA A 59 -4.84 11.60 -0.17
CA ALA A 59 -4.43 12.96 0.22
C ALA A 59 -3.65 12.95 1.54
N GLU A 60 -4.22 12.25 2.55
CA GLU A 60 -3.66 12.18 3.91
C GLU A 60 -2.53 11.14 4.01
N ALA A 61 -2.36 10.35 2.94
CA ALA A 61 -1.32 9.31 2.85
C ALA A 61 0.09 9.92 2.94
N THR A 62 0.68 9.82 4.13
CA THR A 62 2.10 10.12 4.37
C THR A 62 2.97 9.16 3.52
N ILE A 63 2.49 7.90 3.43
CA ILE A 63 3.15 6.81 2.69
C ILE A 63 2.15 6.10 1.76
N ILE A 64 2.61 5.75 0.52
CA ILE A 64 1.82 4.93 -0.44
C ILE A 64 2.71 3.81 -1.00
N ILE A 65 2.22 2.56 -0.99
CA ILE A 65 2.89 1.40 -1.62
C ILE A 65 1.96 0.82 -2.71
N HIS A 66 2.48 0.50 -3.91
CA HIS A 66 1.72 -0.28 -4.93
C HIS A 66 2.33 -1.68 -5.04
N SER A 67 1.88 -2.56 -4.16
CA SER A 67 2.22 -3.97 -4.13
C SER A 67 1.43 -4.71 -5.21
N VAL A 68 1.93 -4.65 -6.45
CA VAL A 68 1.20 -5.17 -7.61
C VAL A 68 2.06 -6.15 -8.42
N ALA A 69 1.38 -7.07 -9.09
CA ALA A 69 1.99 -8.03 -10.02
C ALA A 69 1.73 -7.57 -11.46
N VAL A 70 0.60 -6.87 -11.62
CA VAL A 70 0.12 -6.28 -12.88
C VAL A 70 -0.33 -4.84 -12.60
N THR A 71 -0.47 -4.03 -13.67
CA THR A 71 -0.89 -2.63 -13.55
C THR A 71 -2.34 -2.54 -13.02
N PRO A 72 -2.56 -1.91 -11.82
CA PRO A 72 -3.92 -1.69 -11.29
C PRO A 72 -4.70 -0.67 -12.16
N GLU A 73 -6.03 -0.83 -12.23
CA GLU A 73 -6.89 0.06 -13.04
C GLU A 73 -6.84 1.50 -12.50
N ASP A 74 -6.68 1.61 -11.18
CA ASP A 74 -6.72 2.88 -10.43
C ASP A 74 -5.32 3.47 -10.20
N ASN A 75 -4.31 2.97 -10.96
CA ASN A 75 -2.89 3.36 -10.78
C ASN A 75 -2.66 4.89 -10.98
N GLU A 76 -3.41 5.47 -11.94
CA GLU A 76 -3.25 6.88 -12.35
C GLU A 76 -3.70 7.89 -11.27
N ARG A 77 -4.55 7.44 -10.33
CA ARG A 77 -4.97 8.26 -9.19
C ARG A 77 -3.76 8.61 -8.30
N PHE A 78 -2.93 7.60 -8.10
CA PHE A 78 -1.79 7.61 -7.17
C PHE A 78 -0.51 8.11 -7.87
N GLU A 79 -0.52 8.09 -9.21
CA GLU A 79 0.62 8.56 -10.04
C GLU A 79 0.84 10.07 -9.83
N SER A 80 -0.25 10.78 -9.47
CA SER A 80 -0.23 12.19 -9.07
C SER A 80 0.60 12.41 -7.78
N ARG A 81 0.55 11.42 -6.87
CA ARG A 81 1.27 11.42 -5.59
C ARG A 81 2.61 10.67 -5.68
N ASP A 82 3.32 10.55 -4.53
CA ASP A 82 4.56 9.75 -4.42
C ASP A 82 4.23 8.34 -3.92
N VAL A 83 4.58 7.33 -4.74
CA VAL A 83 4.25 5.90 -4.50
C VAL A 83 5.51 5.03 -4.64
N TYR A 84 5.57 3.93 -3.86
CA TYR A 84 6.62 2.90 -3.97
C TYR A 84 6.03 1.62 -4.59
N GLU A 85 6.11 1.54 -5.93
CA GLU A 85 5.63 0.38 -6.71
C GLU A 85 6.61 -0.81 -6.58
N ILE A 86 6.16 -1.85 -5.89
CA ILE A 86 6.89 -3.12 -5.72
C ILE A 86 6.05 -4.27 -6.33
N THR A 87 6.54 -5.50 -6.17
CA THR A 87 5.75 -6.69 -6.48
C THR A 87 4.85 -7.05 -5.29
N LEU A 88 3.68 -7.61 -5.60
CA LEU A 88 2.69 -8.04 -4.59
C LEU A 88 3.26 -9.15 -3.68
N GLN A 89 4.23 -9.92 -4.22
CA GLN A 89 4.95 -10.95 -3.48
C GLN A 89 5.84 -10.34 -2.36
N ASP A 90 6.50 -9.21 -2.67
CA ASP A 90 7.37 -8.47 -1.71
C ASP A 90 6.56 -7.98 -0.50
N ALA A 91 5.26 -7.71 -0.73
CA ALA A 91 4.32 -7.25 0.32
C ALA A 91 3.97 -8.36 1.33
N ILE A 92 4.21 -9.61 0.95
CA ILE A 92 3.92 -10.78 1.80
C ILE A 92 5.19 -11.23 2.57
N LYS A 93 6.35 -11.17 1.89
CA LYS A 93 7.64 -11.67 2.44
C LYS A 93 8.39 -10.56 3.22
N ASN A 94 8.21 -9.31 2.79
CA ASN A 94 9.02 -8.17 3.28
C ASN A 94 8.08 -7.04 3.78
N ALA A 95 6.87 -7.41 4.23
CA ALA A 95 5.80 -6.45 4.63
C ALA A 95 6.30 -5.37 5.60
N ALA A 96 6.78 -5.82 6.77
CA ALA A 96 7.35 -4.94 7.82
C ALA A 96 8.55 -4.16 7.28
N GLY A 97 9.37 -4.86 6.46
CA GLY A 97 10.56 -4.31 5.82
C GLY A 97 10.26 -3.07 4.99
N ILE A 98 9.23 -3.16 4.14
CA ILE A 98 8.79 -2.08 3.25
C ILE A 98 8.43 -0.83 4.07
N ILE A 99 7.50 -1.01 5.02
CA ILE A 99 6.97 0.10 5.86
C ILE A 99 8.11 0.82 6.62
N LYS A 100 8.97 0.04 7.34
CA LYS A 100 10.07 0.62 8.18
C LYS A 100 11.12 1.34 7.33
N GLU A 101 11.30 0.87 6.07
CA GLU A 101 12.25 1.47 5.11
C GLU A 101 11.77 2.88 4.72
N ILE A 102 10.45 3.03 4.56
CA ILE A 102 9.87 4.32 4.13
C ILE A 102 9.85 5.28 5.33
N GLU A 103 9.63 4.71 6.52
CA GLU A 103 9.62 5.43 7.80
C GLU A 103 10.98 6.08 8.10
N GLU A 104 12.07 5.33 7.90
CA GLU A 104 13.44 5.83 8.18
C GLU A 104 13.91 6.83 7.11
N MET A 105 13.47 6.63 5.85
CA MET A 105 13.76 7.57 4.75
C MET A 105 13.08 8.92 4.99
N ILE A 106 11.79 8.89 5.39
CA ILE A 106 11.03 10.11 5.74
C ILE A 106 11.62 10.76 7.00
N ALA A 107 12.04 9.92 7.96
CA ALA A 107 12.69 10.38 9.21
C ALA A 107 14.06 11.02 8.93
N SER A 108 14.67 10.69 7.78
CA SER A 108 16.01 11.20 7.40
C SER A 108 15.90 12.54 6.64
N GLU A 109 14.87 12.67 5.77
CA GLU A 109 14.65 13.91 4.99
C GLU A 109 14.02 15.01 5.86
N GLN A 110 13.30 14.60 6.93
CA GLN A 110 12.74 15.53 7.92
C GLN A 110 13.79 15.86 9.00
N GLN A 111 14.42 14.81 9.56
CA GLN A 111 15.50 14.96 10.56
C GLN A 111 16.86 14.67 9.88
N MET A 4 1.12 13.87 14.23
CA MET A 4 0.63 12.73 15.04
C MET A 4 -0.10 11.73 14.13
N SER A 5 -1.21 12.18 13.52
CA SER A 5 -2.04 11.35 12.65
C SER A 5 -1.43 11.30 11.23
N LYS A 6 -0.39 10.46 11.08
CA LYS A 6 0.14 10.08 9.76
C LYS A 6 -0.73 8.96 9.18
N LYS A 7 -0.64 8.74 7.87
CA LYS A 7 -1.53 7.81 7.18
C LYS A 7 -0.72 7.05 6.12
N LEU A 8 -1.00 5.78 5.96
CA LEU A 8 -0.37 4.90 4.97
C LEU A 8 -1.48 4.19 4.22
N ILE A 9 -1.35 4.14 2.90
CA ILE A 9 -2.26 3.37 2.05
C ILE A 9 -1.41 2.47 1.15
N ALA A 10 -2.06 1.50 0.53
CA ALA A 10 -1.40 0.58 -0.41
C ALA A 10 -2.41 0.06 -1.44
N LEU A 11 -1.89 -0.60 -2.47
CA LEU A 11 -2.70 -1.16 -3.54
C LEU A 11 -2.10 -2.53 -3.88
N CYS A 12 -2.87 -3.58 -3.63
CA CYS A 12 -2.47 -4.95 -3.94
C CYS A 12 -3.27 -5.44 -5.16
N ALA A 13 -2.60 -5.63 -6.30
CA ALA A 13 -3.26 -6.02 -7.57
C ALA A 13 -2.60 -7.27 -8.19
N CYS A 14 -3.41 -8.33 -8.39
CA CYS A 14 -2.97 -9.58 -9.04
C CYS A 14 -4.03 -10.05 -10.04
N PRO A 15 -3.60 -10.57 -11.24
CA PRO A 15 -4.54 -11.09 -12.28
C PRO A 15 -5.09 -12.48 -11.90
N MET A 16 -4.49 -13.06 -10.84
CA MET A 16 -4.87 -14.35 -10.26
C MET A 16 -6.24 -14.23 -9.57
N GLY A 17 -6.34 -13.29 -8.61
CA GLY A 17 -7.58 -13.04 -7.87
C GLY A 17 -7.36 -12.26 -6.58
N LEU A 18 -8.47 -11.91 -5.91
CA LEU A 18 -8.44 -11.14 -4.65
C LEU A 18 -7.87 -11.94 -3.47
N ALA A 19 -7.91 -13.29 -3.55
CA ALA A 19 -7.31 -14.16 -2.51
C ALA A 19 -5.82 -13.82 -2.30
N HIS A 20 -5.10 -13.64 -3.43
CA HIS A 20 -3.66 -13.35 -3.43
C HIS A 20 -3.39 -11.91 -2.93
N THR A 21 -4.30 -11.00 -3.30
CA THR A 21 -4.18 -9.58 -2.94
C THR A 21 -4.44 -9.37 -1.44
N PHE A 22 -5.30 -10.22 -0.84
CA PHE A 22 -5.62 -10.18 0.60
C PHE A 22 -4.46 -10.73 1.45
N MET A 23 -3.67 -11.66 0.85
CA MET A 23 -2.40 -12.12 1.46
C MET A 23 -1.44 -10.92 1.65
N ALA A 24 -1.25 -10.16 0.57
CA ALA A 24 -0.41 -8.93 0.56
C ALA A 24 -1.00 -7.84 1.47
N ALA A 25 -2.34 -7.70 1.43
CA ALA A 25 -3.08 -6.67 2.17
C ALA A 25 -3.03 -6.91 3.68
N GLN A 26 -3.09 -8.20 4.07
CA GLN A 26 -3.02 -8.61 5.49
C GLN A 26 -1.65 -8.24 6.07
N ALA A 27 -0.60 -8.59 5.32
CA ALA A 27 0.79 -8.40 5.73
C ALA A 27 1.14 -6.89 5.90
N LEU A 28 0.84 -6.08 4.86
CA LEU A 28 1.11 -4.62 4.85
C LEU A 28 0.31 -3.87 5.94
N GLU A 29 -0.92 -4.36 6.19
CA GLU A 29 -1.84 -3.76 7.17
C GLU A 29 -1.21 -3.80 8.57
N GLU A 30 -0.85 -5.01 9.01
CA GLU A 30 -0.27 -5.28 10.33
C GLU A 30 1.02 -4.46 10.55
N ALA A 31 1.87 -4.43 9.51
CA ALA A 31 3.16 -3.70 9.51
C ALA A 31 2.96 -2.19 9.77
N ALA A 32 2.03 -1.59 9.03
CA ALA A 32 1.66 -0.17 9.16
C ALA A 32 0.91 0.15 10.48
N VAL A 33 0.28 -0.88 11.11
CA VAL A 33 -0.45 -0.68 12.39
C VAL A 33 0.58 -0.49 13.51
N GLU A 34 1.62 -1.33 13.46
CA GLU A 34 2.72 -1.36 14.46
C GLU A 34 3.68 -0.17 14.23
N ALA A 35 3.65 0.39 13.01
CA ALA A 35 4.39 1.62 12.66
C ALA A 35 3.61 2.89 13.05
N GLY A 36 2.31 2.73 13.35
CA GLY A 36 1.52 3.77 14.02
C GLY A 36 0.90 4.80 13.08
N TYR A 37 0.52 4.39 11.86
CA TYR A 37 -0.38 5.21 11.00
C TYR A 37 -1.81 4.65 11.06
N GLU A 38 -2.71 5.29 10.30
CA GLU A 38 -3.95 4.67 9.83
C GLU A 38 -3.63 3.97 8.50
N VAL A 39 -4.05 2.71 8.30
CA VAL A 39 -3.71 1.94 7.09
C VAL A 39 -4.99 1.57 6.30
N LYS A 40 -4.94 1.74 4.97
CA LYS A 40 -6.06 1.40 4.06
C LYS A 40 -5.50 0.86 2.73
N ILE A 41 -5.81 -0.39 2.39
CA ILE A 41 -5.24 -1.08 1.22
C ILE A 41 -6.34 -1.51 0.22
N GLU A 42 -6.35 -0.89 -0.96
CA GLU A 42 -7.28 -1.25 -2.06
C GLU A 42 -6.73 -2.47 -2.83
N THR A 43 -7.48 -3.56 -2.77
CA THR A 43 -7.16 -4.80 -3.46
C THR A 43 -7.91 -4.90 -4.80
N GLN A 44 -7.18 -4.88 -5.92
CA GLN A 44 -7.71 -5.07 -7.28
C GLN A 44 -7.34 -6.48 -7.77
N GLY A 45 -8.28 -7.19 -8.41
CA GLY A 45 -8.03 -8.56 -8.87
C GLY A 45 -9.12 -9.12 -9.78
N ALA A 46 -9.09 -10.45 -9.98
CA ALA A 46 -10.02 -11.17 -10.90
C ALA A 46 -11.47 -11.16 -10.38
N ASP A 47 -11.64 -11.11 -9.05
CA ASP A 47 -12.96 -11.04 -8.39
C ASP A 47 -13.50 -9.59 -8.41
N GLY A 48 -12.63 -8.63 -8.78
CA GLY A 48 -12.98 -7.22 -8.85
C GLY A 48 -12.11 -6.38 -7.92
N ILE A 49 -12.61 -5.20 -7.54
CA ILE A 49 -11.90 -4.28 -6.63
C ILE A 49 -12.58 -4.29 -5.26
N GLN A 50 -11.79 -4.16 -4.19
CA GLN A 50 -12.24 -4.27 -2.80
C GLN A 50 -11.43 -3.30 -1.92
N ASN A 51 -12.06 -2.81 -0.84
CA ASN A 51 -11.43 -1.93 0.17
C ASN A 51 -10.95 -0.61 -0.50
N ARG A 52 -11.83 -0.07 -1.37
CA ARG A 52 -11.55 1.09 -2.24
C ARG A 52 -11.04 2.32 -1.46
N LEU A 53 -9.86 2.79 -1.90
CA LEU A 53 -9.25 4.04 -1.45
C LEU A 53 -10.04 5.25 -1.98
N THR A 54 -10.18 6.27 -1.12
CA THR A 54 -10.88 7.51 -1.46
C THR A 54 -9.86 8.61 -1.77
N ALA A 55 -10.33 9.72 -2.40
CA ALA A 55 -9.50 10.91 -2.63
C ALA A 55 -8.92 11.46 -1.30
N GLN A 56 -9.71 11.28 -0.23
CA GLN A 56 -9.30 11.59 1.15
C GLN A 56 -8.09 10.73 1.58
N ASP A 57 -8.20 9.39 1.43
CA ASP A 57 -7.13 8.44 1.84
C ASP A 57 -5.80 8.72 1.13
N ILE A 58 -5.90 9.05 -0.17
CA ILE A 58 -4.73 9.30 -1.04
C ILE A 58 -4.06 10.66 -0.68
N ALA A 59 -4.89 11.63 -0.22
CA ALA A 59 -4.42 12.96 0.23
C ALA A 59 -3.72 12.86 1.60
N GLU A 60 -4.36 12.11 2.53
CA GLU A 60 -3.84 11.90 3.89
C GLU A 60 -2.55 11.10 3.89
N ALA A 61 -2.44 10.19 2.89
CA ALA A 61 -1.34 9.23 2.75
C ALA A 61 0.04 9.92 2.81
N THR A 62 0.69 9.79 3.96
CA THR A 62 2.11 10.09 4.14
C THR A 62 2.94 9.15 3.23
N ILE A 63 2.47 7.88 3.12
CA ILE A 63 3.16 6.82 2.36
C ILE A 63 2.12 6.00 1.54
N ILE A 64 2.49 5.63 0.30
CA ILE A 64 1.70 4.73 -0.57
C ILE A 64 2.62 3.58 -1.03
N ILE A 65 2.10 2.34 -1.10
CA ILE A 65 2.87 1.18 -1.64
C ILE A 65 2.02 0.44 -2.71
N HIS A 66 2.42 0.48 -4.00
CA HIS A 66 1.74 -0.29 -5.08
C HIS A 66 2.37 -1.70 -5.18
N SER A 67 1.85 -2.59 -4.33
CA SER A 67 2.23 -4.00 -4.29
C SER A 67 1.46 -4.78 -5.36
N VAL A 68 1.97 -4.76 -6.61
CA VAL A 68 1.23 -5.28 -7.77
C VAL A 68 2.07 -6.26 -8.61
N ALA A 69 1.35 -7.10 -9.37
CA ALA A 69 1.91 -8.05 -10.35
C ALA A 69 1.50 -7.65 -11.78
N VAL A 70 0.51 -6.73 -11.84
CA VAL A 70 0.01 -6.09 -13.07
C VAL A 70 -0.13 -4.59 -12.78
N THR A 71 0.03 -3.76 -13.83
CA THR A 71 -0.18 -2.31 -13.71
C THR A 71 -1.67 -2.04 -13.38
N PRO A 72 -2.00 -1.55 -12.15
CA PRO A 72 -3.40 -1.38 -11.69
C PRO A 72 -4.18 -0.38 -12.55
N GLU A 73 -5.49 -0.62 -12.69
CA GLU A 73 -6.39 0.23 -13.50
C GLU A 73 -6.50 1.64 -12.88
N ASP A 74 -6.41 1.69 -11.55
CA ASP A 74 -6.59 2.91 -10.76
C ASP A 74 -5.25 3.59 -10.41
N ASN A 75 -4.18 3.20 -11.12
CA ASN A 75 -2.81 3.72 -10.91
C ASN A 75 -2.73 5.26 -11.09
N GLU A 76 -3.57 5.79 -12.02
CA GLU A 76 -3.58 7.22 -12.40
C GLU A 76 -4.06 8.15 -11.25
N ARG A 77 -4.86 7.61 -10.31
CA ARG A 77 -5.30 8.34 -9.11
C ARG A 77 -4.12 8.72 -8.19
N PHE A 78 -3.17 7.79 -8.10
CA PHE A 78 -2.00 7.87 -7.20
C PHE A 78 -0.81 8.56 -7.90
N GLU A 79 -0.98 8.88 -9.19
CA GLU A 79 0.07 9.48 -10.05
C GLU A 79 0.56 10.84 -9.50
N SER A 80 -0.34 11.57 -8.82
CA SER A 80 -0.05 12.88 -8.22
C SER A 80 0.79 12.78 -6.92
N ARG A 81 0.83 11.59 -6.31
CA ARG A 81 1.35 11.39 -4.94
C ARG A 81 2.59 10.48 -4.92
N ASP A 82 3.27 10.43 -3.74
CA ASP A 82 4.51 9.64 -3.54
C ASP A 82 4.16 8.14 -3.38
N VAL A 83 4.39 7.36 -4.44
CA VAL A 83 4.06 5.92 -4.49
C VAL A 83 5.34 5.07 -4.57
N TYR A 84 5.44 4.09 -3.67
CA TYR A 84 6.54 3.13 -3.62
C TYR A 84 6.08 1.82 -4.29
N GLU A 85 6.32 1.74 -5.61
CA GLU A 85 5.89 0.62 -6.46
C GLU A 85 6.85 -0.58 -6.31
N ILE A 86 6.27 -1.75 -6.01
CA ILE A 86 6.98 -3.04 -5.84
C ILE A 86 6.13 -4.17 -6.45
N THR A 87 6.56 -5.43 -6.25
CA THR A 87 5.74 -6.61 -6.55
C THR A 87 4.82 -6.94 -5.37
N LEU A 88 3.68 -7.59 -5.69
CA LEU A 88 2.71 -8.06 -4.67
C LEU A 88 3.33 -9.14 -3.76
N GLN A 89 4.33 -9.86 -4.31
CA GLN A 89 5.10 -10.87 -3.58
C GLN A 89 5.92 -10.23 -2.43
N ASP A 90 6.55 -9.07 -2.73
CA ASP A 90 7.39 -8.33 -1.76
C ASP A 90 6.56 -7.86 -0.55
N ALA A 91 5.26 -7.60 -0.80
CA ALA A 91 4.29 -7.17 0.24
C ALA A 91 4.00 -8.27 1.25
N ILE A 92 4.12 -9.53 0.84
CA ILE A 92 3.84 -10.70 1.68
C ILE A 92 5.10 -11.10 2.48
N LYS A 93 6.26 -11.15 1.79
CA LYS A 93 7.54 -11.61 2.38
C LYS A 93 8.21 -10.52 3.24
N ASN A 94 8.12 -9.26 2.78
CA ASN A 94 8.91 -8.13 3.32
C ASN A 94 8.00 -7.01 3.83
N ALA A 95 6.75 -7.35 4.22
CA ALA A 95 5.73 -6.37 4.65
C ALA A 95 6.29 -5.35 5.67
N ALA A 96 6.77 -5.88 6.79
CA ALA A 96 7.38 -5.10 7.87
C ALA A 96 8.58 -4.31 7.37
N GLY A 97 9.36 -4.94 6.45
CA GLY A 97 10.57 -4.36 5.89
C GLY A 97 10.29 -3.10 5.09
N ILE A 98 9.33 -3.20 4.16
CA ILE A 98 8.93 -2.11 3.26
C ILE A 98 8.55 -0.86 4.07
N ILE A 99 7.57 -1.04 5.00
CA ILE A 99 7.04 0.07 5.81
C ILE A 99 8.17 0.77 6.61
N LYS A 100 8.99 -0.03 7.36
CA LYS A 100 10.08 0.53 8.22
C LYS A 100 11.18 1.21 7.41
N GLU A 101 11.38 0.73 6.16
CA GLU A 101 12.38 1.29 5.22
C GLU A 101 11.95 2.68 4.73
N ILE A 102 10.64 2.88 4.59
CA ILE A 102 10.09 4.17 4.15
C ILE A 102 10.01 5.13 5.36
N GLU A 103 9.74 4.54 6.55
CA GLU A 103 9.74 5.22 7.84
C GLU A 103 11.08 5.90 8.11
N GLU A 104 12.18 5.15 7.94
CA GLU A 104 13.54 5.65 8.22
C GLU A 104 14.03 6.63 7.14
N MET A 105 13.62 6.42 5.86
CA MET A 105 13.93 7.35 4.75
C MET A 105 13.28 8.73 5.01
N ILE A 106 11.96 8.71 5.25
CA ILE A 106 11.17 9.93 5.51
C ILE A 106 11.62 10.59 6.83
N ALA A 107 11.92 9.78 7.85
CA ALA A 107 12.41 10.30 9.16
C ALA A 107 13.75 11.03 9.00
N SER A 108 14.66 10.45 8.19
CA SER A 108 16.04 10.93 8.07
C SER A 108 16.09 12.30 7.33
N GLU A 109 15.19 12.48 6.35
CA GLU A 109 15.10 13.74 5.56
C GLU A 109 14.30 14.84 6.32
N GLN A 110 13.34 14.41 7.18
CA GLN A 110 12.47 15.33 7.97
C GLN A 110 13.12 15.76 9.30
N GLN A 111 14.09 14.95 9.79
CA GLN A 111 14.87 15.28 11.01
C GLN A 111 16.24 15.85 10.57
N MET A 4 2.39 13.21 14.12
CA MET A 4 2.08 12.14 15.10
C MET A 4 1.08 11.16 14.49
N SER A 5 -0.14 11.66 14.19
CA SER A 5 -1.20 10.86 13.54
C SER A 5 -0.96 10.83 12.02
N LYS A 6 -0.22 9.81 11.59
CA LYS A 6 0.13 9.58 10.17
C LYS A 6 -0.84 8.59 9.52
N LYS A 7 -0.76 8.45 8.20
CA LYS A 7 -1.69 7.60 7.42
C LYS A 7 -0.88 6.92 6.29
N LEU A 8 -1.11 5.62 6.12
CA LEU A 8 -0.47 4.81 5.09
C LEU A 8 -1.55 4.09 4.31
N ILE A 9 -1.40 4.06 2.99
CA ILE A 9 -2.28 3.29 2.12
C ILE A 9 -1.42 2.42 1.22
N ALA A 10 -2.05 1.43 0.59
CA ALA A 10 -1.38 0.54 -0.34
C ALA A 10 -2.39 0.01 -1.36
N LEU A 11 -1.87 -0.57 -2.44
CA LEU A 11 -2.67 -1.12 -3.52
C LEU A 11 -2.05 -2.47 -3.91
N CYS A 12 -2.76 -3.55 -3.60
CA CYS A 12 -2.37 -4.91 -3.93
C CYS A 12 -3.19 -5.38 -5.14
N ALA A 13 -2.52 -5.59 -6.29
CA ALA A 13 -3.20 -5.99 -7.55
C ALA A 13 -2.53 -7.24 -8.17
N CYS A 14 -3.33 -8.29 -8.40
CA CYS A 14 -2.86 -9.55 -9.02
C CYS A 14 -3.95 -10.15 -9.92
N PRO A 15 -3.55 -10.87 -11.01
CA PRO A 15 -4.50 -11.54 -11.93
C PRO A 15 -4.94 -12.92 -11.35
N MET A 16 -4.30 -13.31 -10.23
CA MET A 16 -4.60 -14.55 -9.48
C MET A 16 -5.94 -14.44 -8.75
N GLY A 17 -6.39 -13.19 -8.54
CA GLY A 17 -7.65 -12.91 -7.85
C GLY A 17 -7.42 -12.18 -6.54
N LEU A 18 -8.53 -11.91 -5.84
CA LEU A 18 -8.52 -11.13 -4.61
C LEU A 18 -7.91 -11.90 -3.41
N ALA A 19 -7.90 -13.23 -3.45
CA ALA A 19 -7.30 -14.06 -2.39
C ALA A 19 -5.80 -13.74 -2.19
N HIS A 20 -5.08 -13.60 -3.33
CA HIS A 20 -3.63 -13.30 -3.34
C HIS A 20 -3.38 -11.86 -2.88
N THR A 21 -4.27 -10.95 -3.32
CA THR A 21 -4.18 -9.53 -2.96
C THR A 21 -4.48 -9.33 -1.46
N PHE A 22 -5.31 -10.24 -0.87
CA PHE A 22 -5.64 -10.22 0.58
C PHE A 22 -4.47 -10.74 1.43
N MET A 23 -3.63 -11.63 0.86
CA MET A 23 -2.37 -12.08 1.49
C MET A 23 -1.43 -10.86 1.69
N ALA A 24 -1.32 -10.05 0.62
CA ALA A 24 -0.50 -8.82 0.63
C ALA A 24 -1.15 -7.72 1.48
N ALA A 25 -2.50 -7.63 1.42
CA ALA A 25 -3.29 -6.63 2.14
C ALA A 25 -3.17 -6.84 3.66
N GLN A 26 -3.24 -8.10 4.08
CA GLN A 26 -3.11 -8.46 5.50
C GLN A 26 -1.69 -8.14 6.00
N ALA A 27 -0.70 -8.50 5.17
CA ALA A 27 0.72 -8.33 5.48
C ALA A 27 1.08 -6.86 5.75
N LEU A 28 0.80 -5.99 4.75
CA LEU A 28 1.09 -4.54 4.81
C LEU A 28 0.26 -3.83 5.89
N GLU A 29 -0.95 -4.37 6.14
CA GLU A 29 -1.84 -3.86 7.19
C GLU A 29 -1.16 -3.96 8.55
N GLU A 30 -0.72 -5.20 8.89
CA GLU A 30 -0.03 -5.49 10.16
C GLU A 30 1.16 -4.56 10.37
N ALA A 31 2.00 -4.47 9.34
CA ALA A 31 3.24 -3.68 9.33
C ALA A 31 2.97 -2.19 9.66
N ALA A 32 1.98 -1.62 8.97
CA ALA A 32 1.55 -0.22 9.16
C ALA A 32 0.83 0.01 10.52
N VAL A 33 0.25 -1.05 11.13
CA VAL A 33 -0.46 -0.92 12.43
C VAL A 33 0.58 -0.80 13.55
N GLU A 34 1.61 -1.64 13.43
CA GLU A 34 2.73 -1.69 14.38
C GLU A 34 3.60 -0.42 14.26
N ALA A 35 3.69 0.11 13.01
CA ALA A 35 4.40 1.36 12.72
C ALA A 35 3.58 2.60 13.12
N GLY A 36 2.26 2.41 13.29
CA GLY A 36 1.41 3.40 13.95
C GLY A 36 0.79 4.43 13.02
N TYR A 37 0.38 4.00 11.81
CA TYR A 37 -0.51 4.82 10.94
C TYR A 37 -1.93 4.24 10.99
N GLU A 38 -2.88 4.99 10.41
CA GLU A 38 -4.14 4.43 9.91
C GLU A 38 -3.81 3.78 8.55
N VAL A 39 -4.20 2.52 8.35
CA VAL A 39 -3.86 1.79 7.11
C VAL A 39 -5.13 1.50 6.30
N LYS A 40 -5.04 1.67 4.97
CA LYS A 40 -6.16 1.39 4.05
C LYS A 40 -5.58 0.83 2.75
N ILE A 41 -5.85 -0.43 2.45
CA ILE A 41 -5.28 -1.11 1.27
C ILE A 41 -6.37 -1.56 0.30
N GLU A 42 -6.41 -0.91 -0.86
CA GLU A 42 -7.26 -1.31 -2.00
C GLU A 42 -6.66 -2.56 -2.66
N THR A 43 -7.53 -3.47 -3.08
CA THR A 43 -7.14 -4.75 -3.67
C THR A 43 -7.86 -4.93 -5.01
N GLN A 44 -7.09 -5.01 -6.11
CA GLN A 44 -7.65 -5.21 -7.46
C GLN A 44 -7.29 -6.64 -7.94
N GLY A 45 -8.30 -7.39 -8.40
CA GLY A 45 -8.10 -8.77 -8.85
C GLY A 45 -9.13 -9.18 -9.89
N ALA A 46 -9.07 -10.46 -10.31
CA ALA A 46 -9.98 -11.04 -11.31
C ALA A 46 -11.46 -11.04 -10.82
N ASP A 47 -11.63 -11.10 -9.49
CA ASP A 47 -12.95 -11.05 -8.83
C ASP A 47 -13.55 -9.62 -8.90
N GLY A 48 -12.66 -8.61 -8.78
CA GLY A 48 -13.06 -7.20 -8.77
C GLY A 48 -12.14 -6.35 -7.88
N ILE A 49 -12.63 -5.18 -7.45
CA ILE A 49 -11.89 -4.27 -6.56
C ILE A 49 -12.57 -4.22 -5.18
N GLN A 50 -11.77 -4.38 -4.11
CA GLN A 50 -12.24 -4.42 -2.72
C GLN A 50 -11.44 -3.40 -1.87
N ASN A 51 -12.08 -2.86 -0.81
CA ASN A 51 -11.46 -1.94 0.17
C ASN A 51 -10.97 -0.65 -0.55
N ARG A 52 -11.82 -0.16 -1.48
CA ARG A 52 -11.55 0.97 -2.39
C ARG A 52 -10.97 2.21 -1.65
N LEU A 53 -9.82 2.67 -2.15
CA LEU A 53 -9.16 3.90 -1.70
C LEU A 53 -9.88 5.13 -2.25
N THR A 54 -10.22 6.04 -1.34
CA THR A 54 -10.85 7.32 -1.67
C THR A 54 -9.77 8.36 -1.98
N ALA A 55 -10.15 9.45 -2.67
CA ALA A 55 -9.24 10.57 -2.95
C ALA A 55 -8.65 11.18 -1.66
N GLN A 56 -9.43 11.08 -0.57
CA GLN A 56 -9.03 11.56 0.77
C GLN A 56 -7.96 10.64 1.40
N ASP A 57 -8.08 9.31 1.18
CA ASP A 57 -7.06 8.34 1.64
C ASP A 57 -5.72 8.61 0.96
N ILE A 58 -5.79 8.94 -0.34
CA ILE A 58 -4.60 9.23 -1.18
C ILE A 58 -4.00 10.62 -0.83
N ALA A 59 -4.87 11.54 -0.39
CA ALA A 59 -4.47 12.92 0.00
C ALA A 59 -3.71 12.91 1.35
N GLU A 60 -4.30 12.22 2.35
CA GLU A 60 -3.75 12.14 3.72
C GLU A 60 -2.69 11.05 3.86
N ALA A 61 -2.47 10.27 2.78
CA ALA A 61 -1.44 9.22 2.76
C ALA A 61 -0.05 9.84 2.88
N THR A 62 0.54 9.71 4.08
CA THR A 62 1.96 9.98 4.33
C THR A 62 2.81 9.03 3.46
N ILE A 63 2.34 7.78 3.32
CA ILE A 63 3.02 6.72 2.51
C ILE A 63 2.00 5.97 1.64
N ILE A 64 2.43 5.61 0.40
CA ILE A 64 1.67 4.73 -0.52
C ILE A 64 2.61 3.61 -1.01
N ILE A 65 2.13 2.35 -1.05
CA ILE A 65 2.89 1.20 -1.60
C ILE A 65 2.03 0.48 -2.67
N HIS A 66 2.42 0.53 -3.96
CA HIS A 66 1.73 -0.25 -5.02
C HIS A 66 2.39 -1.64 -5.13
N SER A 67 1.89 -2.56 -4.27
CA SER A 67 2.31 -3.96 -4.25
C SER A 67 1.55 -4.74 -5.31
N VAL A 68 2.02 -4.66 -6.57
CA VAL A 68 1.28 -5.19 -7.71
C VAL A 68 2.13 -6.16 -8.56
N ALA A 69 1.42 -7.00 -9.32
CA ALA A 69 1.98 -7.92 -10.32
C ALA A 69 1.46 -7.53 -11.71
N VAL A 70 0.32 -6.81 -11.71
CA VAL A 70 -0.32 -6.24 -12.90
C VAL A 70 -0.53 -4.74 -12.67
N THR A 71 -0.64 -3.97 -13.76
CA THR A 71 -0.90 -2.54 -13.67
C THR A 71 -2.30 -2.30 -13.09
N PRO A 72 -2.42 -1.60 -11.91
CA PRO A 72 -3.73 -1.26 -11.34
C PRO A 72 -4.44 -0.18 -12.20
N GLU A 73 -5.77 -0.26 -12.29
CA GLU A 73 -6.57 0.64 -13.14
C GLU A 73 -6.43 2.11 -12.72
N ASP A 74 -6.58 2.33 -11.41
CA ASP A 74 -6.69 3.67 -10.81
C ASP A 74 -5.32 4.18 -10.31
N ASN A 75 -4.24 3.68 -10.94
CA ASN A 75 -2.85 4.01 -10.59
C ASN A 75 -2.54 5.52 -10.74
N GLU A 76 -3.30 6.19 -11.65
CA GLU A 76 -3.14 7.62 -11.98
C GLU A 76 -3.73 8.55 -10.91
N ARG A 77 -4.54 8.00 -9.99
CA ARG A 77 -5.03 8.73 -8.80
C ARG A 77 -3.88 9.01 -7.82
N PHE A 78 -2.85 8.18 -7.92
CA PHE A 78 -1.65 8.20 -7.05
C PHE A 78 -0.45 8.83 -7.80
N GLU A 79 -0.71 9.39 -9.00
CA GLU A 79 0.32 9.87 -9.96
C GLU A 79 1.26 10.93 -9.34
N SER A 80 0.65 11.97 -8.76
CA SER A 80 1.36 13.14 -8.20
C SER A 80 1.79 12.92 -6.73
N ARG A 81 1.43 11.75 -6.17
CA ARG A 81 1.64 11.41 -4.75
C ARG A 81 2.84 10.45 -4.59
N ASP A 82 3.43 10.37 -3.38
CA ASP A 82 4.64 9.56 -3.12
C ASP A 82 4.29 8.06 -3.00
N VAL A 83 4.50 7.33 -4.10
CA VAL A 83 4.20 5.89 -4.22
C VAL A 83 5.48 5.06 -4.34
N TYR A 84 5.48 3.88 -3.69
CA TYR A 84 6.57 2.91 -3.72
C TYR A 84 6.07 1.61 -4.37
N GLU A 85 6.29 1.52 -5.69
CA GLU A 85 5.82 0.39 -6.52
C GLU A 85 6.79 -0.80 -6.41
N ILE A 86 6.28 -1.89 -5.84
CA ILE A 86 7.00 -3.16 -5.68
C ILE A 86 6.17 -4.30 -6.30
N THR A 87 6.62 -5.55 -6.13
CA THR A 87 5.79 -6.73 -6.44
C THR A 87 4.83 -7.01 -5.29
N LEU A 88 3.69 -7.62 -5.63
CA LEU A 88 2.71 -8.09 -4.63
C LEU A 88 3.34 -9.18 -3.72
N GLN A 89 4.35 -9.89 -4.27
CA GLN A 89 5.12 -10.90 -3.53
C GLN A 89 5.92 -10.27 -2.38
N ASP A 90 6.59 -9.13 -2.67
CA ASP A 90 7.42 -8.41 -1.69
C ASP A 90 6.58 -7.92 -0.50
N ALA A 91 5.31 -7.62 -0.76
CA ALA A 91 4.33 -7.23 0.28
C ALA A 91 4.07 -8.36 1.28
N ILE A 92 3.93 -9.58 0.74
CA ILE A 92 3.62 -10.78 1.53
C ILE A 92 4.81 -11.19 2.44
N LYS A 93 6.04 -11.10 1.89
CA LYS A 93 7.26 -11.54 2.61
C LYS A 93 7.86 -10.41 3.49
N ASN A 94 8.09 -9.24 2.88
CA ASN A 94 8.89 -8.15 3.45
C ASN A 94 7.97 -7.03 3.99
N ALA A 95 6.74 -7.39 4.41
CA ALA A 95 5.70 -6.43 4.86
C ALA A 95 6.27 -5.33 5.79
N ALA A 96 6.78 -5.77 6.94
CA ALA A 96 7.37 -4.87 7.95
C ALA A 96 8.55 -4.10 7.37
N GLY A 97 9.36 -4.79 6.54
CA GLY A 97 10.56 -4.25 5.93
C GLY A 97 10.27 -3.03 5.07
N ILE A 98 9.35 -3.17 4.12
CA ILE A 98 8.91 -2.11 3.20
C ILE A 98 8.53 -0.84 3.98
N ILE A 99 7.60 -1.00 4.94
CA ILE A 99 7.06 0.12 5.73
C ILE A 99 8.21 0.87 6.49
N LYS A 100 9.06 0.12 7.22
CA LYS A 100 10.15 0.72 8.06
C LYS A 100 11.25 1.37 7.20
N GLU A 101 11.42 0.85 5.97
CA GLU A 101 12.38 1.39 4.99
C GLU A 101 11.94 2.79 4.54
N ILE A 102 10.62 2.96 4.37
CA ILE A 102 10.05 4.25 3.95
C ILE A 102 10.03 5.21 5.16
N GLU A 103 9.74 4.65 6.34
CA GLU A 103 9.77 5.37 7.64
C GLU A 103 11.10 6.11 7.86
N GLU A 104 12.22 5.37 7.71
CA GLU A 104 13.57 5.92 7.94
C GLU A 104 13.97 6.93 6.83
N MET A 105 13.50 6.68 5.59
CA MET A 105 13.73 7.61 4.46
C MET A 105 12.98 8.94 4.67
N ILE A 106 11.75 8.85 5.20
CA ILE A 106 10.93 10.04 5.53
C ILE A 106 11.55 10.79 6.72
N ALA A 107 11.97 10.01 7.73
CA ALA A 107 12.60 10.56 8.95
C ALA A 107 13.95 11.21 8.64
N SER A 108 14.57 10.83 7.50
CA SER A 108 15.87 11.38 7.07
C SER A 108 15.64 12.70 6.29
N GLU A 109 14.62 12.71 5.41
CA GLU A 109 14.31 13.88 4.55
C GLU A 109 13.60 15.00 5.36
N GLN A 110 12.95 14.64 6.48
CA GLN A 110 12.26 15.60 7.38
C GLN A 110 13.23 16.11 8.47
N GLN A 111 14.07 15.19 9.00
CA GLN A 111 15.05 15.53 10.06
C GLN A 111 16.47 15.63 9.42
N MET A 4 1.73 14.27 14.70
CA MET A 4 0.57 14.50 13.81
C MET A 4 0.06 13.16 13.27
N SER A 5 -1.27 13.09 13.02
CA SER A 5 -1.93 11.87 12.52
C SER A 5 -1.59 11.66 11.02
N LYS A 6 -0.51 10.89 10.79
CA LYS A 6 -0.07 10.50 9.43
C LYS A 6 -0.87 9.28 8.93
N LYS A 7 -0.69 8.97 7.64
CA LYS A 7 -1.50 7.94 6.97
C LYS A 7 -0.62 7.18 5.96
N LEU A 8 -0.87 5.87 5.84
CA LEU A 8 -0.23 4.98 4.86
C LEU A 8 -1.34 4.25 4.14
N ILE A 9 -1.29 4.24 2.82
CA ILE A 9 -2.16 3.40 2.01
C ILE A 9 -1.31 2.49 1.14
N ALA A 10 -1.92 1.44 0.64
CA ALA A 10 -1.28 0.51 -0.27
C ALA A 10 -2.31 -0.02 -1.26
N LEU A 11 -1.84 -0.74 -2.26
CA LEU A 11 -2.70 -1.30 -3.29
C LEU A 11 -2.11 -2.64 -3.74
N CYS A 12 -2.87 -3.71 -3.51
CA CYS A 12 -2.52 -5.06 -3.92
C CYS A 12 -3.34 -5.46 -5.16
N ALA A 13 -2.68 -5.64 -6.32
CA ALA A 13 -3.38 -5.98 -7.60
C ALA A 13 -2.73 -7.21 -8.27
N CYS A 14 -3.52 -8.31 -8.40
CA CYS A 14 -3.07 -9.57 -9.06
C CYS A 14 -4.19 -10.14 -9.94
N PRO A 15 -3.84 -10.72 -11.14
CA PRO A 15 -4.81 -11.37 -12.05
C PRO A 15 -5.09 -12.84 -11.63
N MET A 16 -4.30 -13.31 -10.64
CA MET A 16 -4.52 -14.60 -9.94
C MET A 16 -5.85 -14.57 -9.16
N GLY A 17 -6.23 -13.36 -8.71
CA GLY A 17 -7.47 -13.14 -7.95
C GLY A 17 -7.23 -12.44 -6.62
N LEU A 18 -8.31 -12.29 -5.83
CA LEU A 18 -8.28 -11.50 -4.59
C LEU A 18 -7.66 -12.26 -3.40
N ALA A 19 -7.60 -13.60 -3.44
CA ALA A 19 -6.99 -14.39 -2.34
C ALA A 19 -5.50 -13.99 -2.14
N HIS A 20 -4.81 -13.82 -3.29
CA HIS A 20 -3.40 -13.44 -3.33
C HIS A 20 -3.20 -12.00 -2.80
N THR A 21 -4.10 -11.10 -3.26
CA THR A 21 -4.06 -9.68 -2.91
C THR A 21 -4.34 -9.48 -1.41
N PHE A 22 -5.25 -10.31 -0.84
CA PHE A 22 -5.65 -10.24 0.58
C PHE A 22 -4.49 -10.66 1.50
N MET A 23 -3.62 -11.58 1.03
CA MET A 23 -2.41 -11.98 1.79
C MET A 23 -1.39 -10.82 1.88
N ALA A 24 -1.24 -10.09 0.76
CA ALA A 24 -0.38 -8.88 0.70
C ALA A 24 -0.96 -7.74 1.55
N ALA A 25 -2.29 -7.62 1.51
CA ALA A 25 -3.06 -6.61 2.24
C ALA A 25 -3.01 -6.87 3.74
N GLN A 26 -3.09 -8.16 4.11
CA GLN A 26 -3.04 -8.61 5.51
C GLN A 26 -1.68 -8.24 6.13
N ALA A 27 -0.62 -8.62 5.40
CA ALA A 27 0.76 -8.44 5.85
C ALA A 27 1.14 -6.95 6.03
N LEU A 28 0.86 -6.14 4.99
CA LEU A 28 1.14 -4.68 5.01
C LEU A 28 0.30 -3.96 6.08
N GLU A 29 -0.93 -4.43 6.31
CA GLU A 29 -1.84 -3.84 7.31
C GLU A 29 -1.24 -3.97 8.71
N GLU A 30 -0.90 -5.21 9.08
CA GLU A 30 -0.30 -5.56 10.39
C GLU A 30 0.93 -4.68 10.69
N ALA A 31 1.83 -4.62 9.71
CA ALA A 31 3.11 -3.89 9.83
C ALA A 31 2.91 -2.36 9.92
N ALA A 32 1.90 -1.84 9.20
CA ALA A 32 1.55 -0.41 9.21
C ALA A 32 0.82 0.00 10.50
N VAL A 33 0.14 -0.98 11.14
CA VAL A 33 -0.53 -0.78 12.45
C VAL A 33 0.56 -0.65 13.54
N GLU A 34 1.59 -1.48 13.40
CA GLU A 34 2.80 -1.47 14.25
C GLU A 34 3.60 -0.16 14.07
N ALA A 35 3.51 0.43 12.85
CA ALA A 35 4.17 1.71 12.53
C ALA A 35 3.34 2.95 13.00
N GLY A 36 2.18 2.68 13.65
CA GLY A 36 1.44 3.69 14.42
C GLY A 36 0.30 4.36 13.65
N TYR A 37 0.57 4.75 12.40
CA TYR A 37 -0.39 5.52 11.56
C TYR A 37 -1.59 4.70 11.07
N GLU A 38 -2.51 5.40 10.38
CA GLU A 38 -3.72 4.79 9.80
C GLU A 38 -3.33 4.05 8.51
N VAL A 39 -3.98 2.90 8.23
CA VAL A 39 -3.68 2.08 7.04
C VAL A 39 -4.97 1.77 6.26
N LYS A 40 -4.89 1.89 4.92
CA LYS A 40 -5.99 1.52 4.00
C LYS A 40 -5.42 0.89 2.72
N ILE A 41 -5.67 -0.40 2.51
CA ILE A 41 -5.11 -1.15 1.36
C ILE A 41 -6.22 -1.66 0.43
N GLU A 42 -6.27 -1.13 -0.79
CA GLU A 42 -7.23 -1.55 -1.83
C GLU A 42 -6.70 -2.77 -2.59
N THR A 43 -7.49 -3.84 -2.59
CA THR A 43 -7.17 -5.07 -3.32
C THR A 43 -7.97 -5.14 -4.63
N GLN A 44 -7.26 -4.90 -5.76
CA GLN A 44 -7.81 -5.08 -7.11
C GLN A 44 -7.42 -6.49 -7.60
N GLY A 45 -8.32 -7.16 -8.31
CA GLY A 45 -8.06 -8.52 -8.80
C GLY A 45 -9.00 -8.93 -9.90
N ALA A 46 -8.85 -10.19 -10.36
CA ALA A 46 -9.68 -10.79 -11.43
C ALA A 46 -11.18 -10.78 -11.07
N ASP A 47 -11.46 -10.85 -9.77
CA ASP A 47 -12.83 -10.77 -9.20
C ASP A 47 -13.36 -9.32 -9.30
N GLY A 48 -12.49 -8.36 -8.95
CA GLY A 48 -12.84 -6.95 -8.87
C GLY A 48 -12.04 -6.22 -7.81
N ILE A 49 -12.57 -5.08 -7.34
CA ILE A 49 -11.90 -4.18 -6.38
C ILE A 49 -12.57 -4.30 -5.00
N GLN A 50 -11.75 -4.32 -3.94
CA GLN A 50 -12.21 -4.48 -2.55
C GLN A 50 -11.38 -3.55 -1.64
N ASN A 51 -11.99 -3.11 -0.52
CA ASN A 51 -11.38 -2.17 0.45
C ASN A 51 -10.99 -0.86 -0.27
N ARG A 52 -11.96 -0.36 -1.05
CA ARG A 52 -11.84 0.79 -1.98
C ARG A 52 -11.17 2.03 -1.34
N LEU A 53 -10.08 2.48 -1.98
CA LEU A 53 -9.42 3.75 -1.67
C LEU A 53 -10.23 4.93 -2.22
N THR A 54 -10.37 5.96 -1.38
CA THR A 54 -11.06 7.21 -1.72
C THR A 54 -10.03 8.31 -2.00
N ALA A 55 -10.51 9.47 -2.46
CA ALA A 55 -9.67 10.65 -2.69
C ALA A 55 -9.01 11.11 -1.37
N GLN A 56 -9.74 10.94 -0.25
CA GLN A 56 -9.25 11.29 1.10
C GLN A 56 -8.04 10.43 1.50
N ASP A 57 -8.14 9.10 1.23
CA ASP A 57 -7.07 8.13 1.53
C ASP A 57 -5.77 8.51 0.84
N ILE A 58 -5.86 8.82 -0.48
CA ILE A 58 -4.69 9.15 -1.32
C ILE A 58 -4.15 10.58 -1.01
N ALA A 59 -5.08 11.47 -0.58
CA ALA A 59 -4.74 12.88 -0.23
C ALA A 59 -3.89 12.96 1.05
N GLU A 60 -4.30 12.17 2.06
CA GLU A 60 -3.65 12.17 3.39
C GLU A 60 -2.50 11.17 3.46
N ALA A 61 -2.37 10.32 2.41
CA ALA A 61 -1.36 9.26 2.34
C ALA A 61 0.06 9.84 2.32
N THR A 62 0.67 9.87 3.51
CA THR A 62 2.09 10.23 3.71
C THR A 62 2.99 9.22 2.97
N ILE A 63 2.55 7.94 2.99
CA ILE A 63 3.26 6.81 2.35
C ILE A 63 2.26 6.00 1.51
N ILE A 64 2.68 5.60 0.29
CA ILE A 64 1.88 4.72 -0.61
C ILE A 64 2.77 3.58 -1.11
N ILE A 65 2.26 2.33 -1.06
CA ILE A 65 2.97 1.16 -1.62
C ILE A 65 2.06 0.44 -2.64
N HIS A 66 2.39 0.48 -3.93
CA HIS A 66 1.66 -0.30 -4.95
C HIS A 66 2.30 -1.69 -5.09
N SER A 67 1.85 -2.59 -4.21
CA SER A 67 2.23 -3.99 -4.23
C SER A 67 1.42 -4.73 -5.31
N VAL A 68 1.88 -4.61 -6.56
CA VAL A 68 1.11 -5.09 -7.72
C VAL A 68 1.95 -6.04 -8.59
N ALA A 69 1.23 -6.84 -9.39
CA ALA A 69 1.79 -7.78 -10.37
C ALA A 69 1.13 -7.55 -11.75
N VAL A 70 0.16 -6.62 -11.76
CA VAL A 70 -0.47 -6.04 -12.96
C VAL A 70 -0.62 -4.53 -12.71
N THR A 71 -0.74 -3.75 -13.79
CA THR A 71 -0.99 -2.31 -13.70
C THR A 71 -2.36 -2.06 -13.02
N PRO A 72 -2.41 -1.38 -11.83
CA PRO A 72 -3.67 -1.10 -11.14
C PRO A 72 -4.53 -0.11 -11.95
N GLU A 73 -5.86 -0.27 -11.88
CA GLU A 73 -6.82 0.56 -12.66
C GLU A 73 -6.70 2.04 -12.26
N ASP A 74 -6.51 2.25 -10.96
CA ASP A 74 -6.53 3.58 -10.32
C ASP A 74 -5.14 4.19 -10.21
N ASN A 75 -4.16 3.64 -10.96
CA ASN A 75 -2.78 4.18 -11.05
C ASN A 75 -2.80 5.69 -11.46
N GLU A 76 -3.88 6.06 -12.17
CA GLU A 76 -4.25 7.45 -12.54
C GLU A 76 -4.38 8.38 -11.29
N ARG A 77 -5.06 7.91 -10.24
CA ARG A 77 -5.34 8.67 -9.00
C ARG A 77 -4.09 8.90 -8.14
N PHE A 78 -3.06 8.10 -8.40
CA PHE A 78 -1.77 8.16 -7.69
C PHE A 78 -0.70 8.87 -8.55
N GLU A 79 -1.15 9.64 -9.56
CA GLU A 79 -0.27 10.30 -10.56
C GLU A 79 0.76 11.25 -9.91
N SER A 80 0.26 12.21 -9.12
CA SER A 80 1.08 13.27 -8.50
C SER A 80 1.70 12.83 -7.16
N ARG A 81 1.26 11.66 -6.64
CA ARG A 81 1.60 11.20 -5.28
C ARG A 81 2.88 10.33 -5.27
N ASP A 82 3.54 10.25 -4.09
CA ASP A 82 4.79 9.49 -3.90
C ASP A 82 4.46 8.01 -3.66
N VAL A 83 4.57 7.21 -4.74
CA VAL A 83 4.19 5.79 -4.73
C VAL A 83 5.43 4.90 -4.85
N TYR A 84 5.64 4.07 -3.82
CA TYR A 84 6.67 3.04 -3.80
C TYR A 84 6.08 1.76 -4.43
N GLU A 85 6.23 1.64 -5.76
CA GLU A 85 5.68 0.53 -6.54
C GLU A 85 6.64 -0.67 -6.50
N ILE A 86 6.12 -1.82 -6.07
CA ILE A 86 6.84 -3.10 -5.94
C ILE A 86 5.98 -4.24 -6.51
N THR A 87 6.47 -5.48 -6.39
CA THR A 87 5.65 -6.68 -6.66
C THR A 87 4.74 -6.98 -5.47
N LEU A 88 3.58 -7.60 -5.76
CA LEU A 88 2.62 -8.05 -4.74
C LEU A 88 3.23 -9.11 -3.80
N GLN A 89 4.16 -9.91 -4.35
CA GLN A 89 4.94 -10.91 -3.59
C GLN A 89 5.77 -10.24 -2.48
N ASP A 90 6.40 -9.10 -2.83
CA ASP A 90 7.31 -8.34 -1.95
C ASP A 90 6.55 -7.87 -0.69
N ALA A 91 5.26 -7.59 -0.84
CA ALA A 91 4.38 -7.14 0.27
C ALA A 91 4.06 -8.27 1.26
N ILE A 92 4.06 -9.50 0.76
CA ILE A 92 3.77 -10.69 1.58
C ILE A 92 5.01 -11.08 2.42
N LYS A 93 6.18 -11.13 1.76
CA LYS A 93 7.45 -11.55 2.40
C LYS A 93 8.11 -10.43 3.22
N ASN A 94 8.11 -9.21 2.66
CA ASN A 94 8.91 -8.08 3.18
C ASN A 94 7.98 -6.96 3.69
N ALA A 95 6.76 -7.31 4.15
CA ALA A 95 5.73 -6.35 4.62
C ALA A 95 6.31 -5.27 5.57
N ALA A 96 6.86 -5.77 6.68
CA ALA A 96 7.53 -4.95 7.69
C ALA A 96 8.70 -4.20 7.08
N GLY A 97 9.48 -4.90 6.22
CA GLY A 97 10.73 -4.38 5.66
C GLY A 97 10.54 -3.14 4.79
N ILE A 98 9.48 -3.17 3.96
CA ILE A 98 9.13 -2.06 3.06
C ILE A 98 8.78 -0.83 3.90
N ILE A 99 7.78 -1.04 4.78
CA ILE A 99 7.18 0.02 5.62
C ILE A 99 8.24 0.68 6.54
N LYS A 100 9.10 -0.13 7.20
CA LYS A 100 10.13 0.39 8.15
C LYS A 100 11.21 1.18 7.41
N GLU A 101 11.52 0.76 6.16
CA GLU A 101 12.51 1.45 5.32
C GLU A 101 12.00 2.84 4.91
N ILE A 102 10.69 2.96 4.65
CA ILE A 102 10.11 4.23 4.19
C ILE A 102 10.00 5.19 5.39
N GLU A 103 9.73 4.59 6.56
CA GLU A 103 9.66 5.30 7.85
C GLU A 103 11.01 5.90 8.22
N GLU A 104 12.09 5.09 8.16
CA GLU A 104 13.43 5.56 8.55
C GLU A 104 14.02 6.51 7.49
N MET A 105 13.66 6.33 6.20
CA MET A 105 14.08 7.25 5.13
C MET A 105 13.45 8.64 5.35
N ILE A 106 12.10 8.69 5.32
CA ILE A 106 11.33 9.95 5.45
C ILE A 106 11.64 10.67 6.78
N ALA A 107 11.62 9.93 7.91
CA ALA A 107 11.81 10.53 9.24
C ALA A 107 13.23 11.11 9.40
N SER A 108 14.26 10.43 8.85
CA SER A 108 15.67 10.82 9.08
C SER A 108 16.11 11.99 8.18
N GLU A 109 15.41 12.17 7.04
CA GLU A 109 15.68 13.30 6.12
C GLU A 109 14.88 14.57 6.53
N GLN A 110 13.59 14.38 6.94
CA GLN A 110 12.70 15.50 7.31
C GLN A 110 13.09 16.09 8.68
N GLN A 111 13.53 15.21 9.59
CA GLN A 111 14.04 15.60 10.92
C GLN A 111 15.59 15.72 10.83
N MET A 4 2.15 14.16 14.72
CA MET A 4 0.71 14.02 14.41
C MET A 4 0.42 12.58 13.94
N SER A 5 -0.86 12.15 14.05
CA SER A 5 -1.31 10.83 13.60
C SER A 5 -1.35 10.81 12.05
N LYS A 6 -0.26 10.32 11.46
CA LYS A 6 -0.06 10.23 10.00
C LYS A 6 -0.91 9.08 9.38
N LYS A 7 -0.77 8.87 8.07
CA LYS A 7 -1.61 7.92 7.33
C LYS A 7 -0.77 7.18 6.26
N LEU A 8 -1.04 5.88 6.10
CA LEU A 8 -0.42 5.02 5.09
C LEU A 8 -1.53 4.32 4.33
N ILE A 9 -1.38 4.19 3.02
CA ILE A 9 -2.29 3.39 2.19
C ILE A 9 -1.44 2.47 1.29
N ALA A 10 -2.10 1.54 0.63
CA ALA A 10 -1.45 0.63 -0.32
C ALA A 10 -2.47 0.11 -1.34
N LEU A 11 -1.95 -0.51 -2.39
CA LEU A 11 -2.78 -1.10 -3.45
C LEU A 11 -2.14 -2.44 -3.81
N CYS A 12 -2.87 -3.53 -3.56
CA CYS A 12 -2.45 -4.88 -3.89
C CYS A 12 -3.25 -5.37 -5.10
N ALA A 13 -2.58 -5.56 -6.27
CA ALA A 13 -3.26 -5.94 -7.53
C ALA A 13 -2.63 -7.20 -8.16
N CYS A 14 -3.47 -8.20 -8.46
CA CYS A 14 -3.07 -9.44 -9.15
C CYS A 14 -3.95 -9.65 -10.40
N PRO A 15 -3.40 -10.34 -11.46
CA PRO A 15 -4.19 -10.72 -12.66
C PRO A 15 -5.02 -12.02 -12.45
N MET A 16 -4.88 -12.59 -11.23
CA MET A 16 -5.46 -13.88 -10.86
C MET A 16 -6.77 -13.68 -10.07
N GLY A 17 -6.65 -13.03 -8.90
CA GLY A 17 -7.78 -12.83 -8.00
C GLY A 17 -7.43 -12.09 -6.72
N LEU A 18 -8.44 -11.92 -5.85
CA LEU A 18 -8.35 -11.13 -4.62
C LEU A 18 -7.73 -11.90 -3.44
N ALA A 19 -7.66 -13.23 -3.51
CA ALA A 19 -7.08 -14.05 -2.40
C ALA A 19 -5.60 -13.68 -2.17
N HIS A 20 -4.85 -13.58 -3.28
CA HIS A 20 -3.42 -13.25 -3.26
C HIS A 20 -3.21 -11.79 -2.81
N THR A 21 -4.13 -10.91 -3.24
CA THR A 21 -4.08 -9.49 -2.89
C THR A 21 -4.36 -9.28 -1.40
N PHE A 22 -5.18 -10.17 -0.80
CA PHE A 22 -5.51 -10.16 0.64
C PHE A 22 -4.36 -10.73 1.49
N MET A 23 -3.48 -11.56 0.87
CA MET A 23 -2.24 -12.02 1.53
C MET A 23 -1.29 -10.83 1.73
N ALA A 24 -1.18 -10.01 0.68
CA ALA A 24 -0.40 -8.77 0.69
C ALA A 24 -1.08 -7.69 1.55
N ALA A 25 -2.43 -7.64 1.50
CA ALA A 25 -3.24 -6.66 2.25
C ALA A 25 -3.21 -6.96 3.75
N GLN A 26 -3.14 -8.27 4.08
CA GLN A 26 -2.96 -8.73 5.47
C GLN A 26 -1.62 -8.23 6.01
N ALA A 27 -0.57 -8.55 5.26
CA ALA A 27 0.82 -8.36 5.67
C ALA A 27 1.18 -6.86 5.82
N LEU A 28 0.78 -6.04 4.84
CA LEU A 28 1.02 -4.58 4.87
C LEU A 28 0.18 -3.89 5.95
N GLU A 29 -1.06 -4.39 6.17
CA GLU A 29 -1.96 -3.85 7.20
C GLU A 29 -1.30 -3.96 8.58
N GLU A 30 -0.91 -5.21 8.93
CA GLU A 30 -0.25 -5.54 10.20
C GLU A 30 0.99 -4.67 10.43
N ALA A 31 1.86 -4.62 9.39
CA ALA A 31 3.14 -3.90 9.42
C ALA A 31 2.95 -2.38 9.69
N ALA A 32 1.98 -1.78 9.01
CA ALA A 32 1.63 -0.35 9.17
C ALA A 32 0.92 -0.06 10.51
N VAL A 33 0.24 -1.07 11.08
CA VAL A 33 -0.42 -0.94 12.41
C VAL A 33 0.67 -0.86 13.49
N GLU A 34 1.69 -1.73 13.33
CA GLU A 34 2.87 -1.81 14.22
C GLU A 34 3.67 -0.50 14.19
N ALA A 35 3.70 0.15 13.02
CA ALA A 35 4.38 1.44 12.81
C ALA A 35 3.73 2.56 13.65
N GLY A 36 2.38 2.60 13.69
CA GLY A 36 1.64 3.53 14.55
C GLY A 36 0.48 4.21 13.84
N TYR A 37 0.73 4.65 12.59
CA TYR A 37 -0.26 5.38 11.77
C TYR A 37 -1.40 4.49 11.26
N GLU A 38 -2.35 5.13 10.55
CA GLU A 38 -3.50 4.42 9.97
C GLU A 38 -3.07 3.69 8.67
N VAL A 39 -3.79 2.63 8.31
CA VAL A 39 -3.54 1.88 7.07
C VAL A 39 -4.87 1.58 6.34
N LYS A 40 -4.87 1.76 5.02
CA LYS A 40 -6.03 1.44 4.16
C LYS A 40 -5.53 0.88 2.83
N ILE A 41 -5.80 -0.40 2.55
CA ILE A 41 -5.26 -1.07 1.34
C ILE A 41 -6.38 -1.51 0.38
N GLU A 42 -6.46 -0.83 -0.78
CA GLU A 42 -7.35 -1.23 -1.87
C GLU A 42 -6.76 -2.45 -2.59
N THR A 43 -7.60 -3.43 -2.88
CA THR A 43 -7.21 -4.69 -3.52
C THR A 43 -7.93 -4.84 -4.85
N GLN A 44 -7.15 -4.92 -5.94
CA GLN A 44 -7.67 -5.08 -7.30
C GLN A 44 -7.34 -6.49 -7.82
N GLY A 45 -8.31 -7.12 -8.49
CA GLY A 45 -8.13 -8.46 -9.06
C GLY A 45 -9.20 -8.81 -10.07
N ALA A 46 -9.06 -9.99 -10.70
CA ALA A 46 -10.01 -10.48 -11.73
C ALA A 46 -11.41 -10.75 -11.14
N ASP A 47 -11.50 -10.92 -9.80
CA ASP A 47 -12.78 -11.06 -9.07
C ASP A 47 -13.49 -9.71 -8.96
N GLY A 48 -12.70 -8.65 -8.70
CA GLY A 48 -13.22 -7.30 -8.48
C GLY A 48 -12.29 -6.44 -7.67
N ILE A 49 -12.83 -5.39 -7.04
CA ILE A 49 -12.06 -4.49 -6.16
C ILE A 49 -12.72 -4.43 -4.77
N GLN A 50 -11.89 -4.46 -3.73
CA GLN A 50 -12.33 -4.43 -2.32
C GLN A 50 -11.50 -3.41 -1.53
N ASN A 51 -12.10 -2.85 -0.46
CA ASN A 51 -11.43 -1.92 0.48
C ASN A 51 -11.02 -0.62 -0.26
N ARG A 52 -11.90 -0.20 -1.19
CA ARG A 52 -11.73 0.95 -2.11
C ARG A 52 -11.20 2.21 -1.39
N LEU A 53 -10.06 2.70 -1.87
CA LEU A 53 -9.46 3.97 -1.44
C LEU A 53 -10.22 5.16 -2.06
N THR A 54 -10.30 6.27 -1.32
CA THR A 54 -10.90 7.52 -1.81
C THR A 54 -9.79 8.54 -2.16
N ALA A 55 -10.16 9.66 -2.78
CA ALA A 55 -9.22 10.76 -3.07
C ALA A 55 -8.66 11.37 -1.77
N GLN A 56 -9.46 11.30 -0.69
CA GLN A 56 -9.05 11.76 0.66
C GLN A 56 -7.89 10.87 1.19
N ASP A 57 -8.07 9.54 1.05
CA ASP A 57 -7.06 8.54 1.48
C ASP A 57 -5.70 8.79 0.82
N ILE A 58 -5.74 9.03 -0.50
CA ILE A 58 -4.52 9.17 -1.33
C ILE A 58 -3.84 10.54 -1.08
N ALA A 59 -4.66 11.56 -0.77
CA ALA A 59 -4.18 12.92 -0.47
C ALA A 59 -3.47 12.97 0.91
N GLU A 60 -4.15 12.43 1.95
CA GLU A 60 -3.65 12.45 3.34
C GLU A 60 -2.61 11.35 3.59
N ALA A 61 -2.45 10.44 2.61
CA ALA A 61 -1.44 9.37 2.65
C ALA A 61 -0.02 9.96 2.68
N THR A 62 0.58 9.95 3.87
CA THR A 62 1.99 10.28 4.07
C THR A 62 2.88 9.26 3.29
N ILE A 63 2.41 7.99 3.26
CA ILE A 63 3.08 6.88 2.57
C ILE A 63 2.07 6.09 1.70
N ILE A 64 2.51 5.66 0.50
CA ILE A 64 1.73 4.73 -0.38
C ILE A 64 2.67 3.60 -0.84
N ILE A 65 2.14 2.36 -0.91
CA ILE A 65 2.88 1.20 -1.48
C ILE A 65 2.01 0.54 -2.58
N HIS A 66 2.46 0.53 -3.85
CA HIS A 66 1.76 -0.21 -4.93
C HIS A 66 2.33 -1.61 -5.06
N SER A 67 1.79 -2.51 -4.24
CA SER A 67 2.16 -3.92 -4.19
C SER A 67 1.42 -4.69 -5.28
N VAL A 68 1.91 -4.58 -6.52
CA VAL A 68 1.19 -5.08 -7.68
C VAL A 68 2.04 -6.05 -8.51
N ALA A 69 1.34 -6.88 -9.27
CA ALA A 69 1.91 -7.88 -10.16
C ALA A 69 1.73 -7.44 -11.63
N VAL A 70 0.73 -6.58 -11.84
CA VAL A 70 0.37 -5.97 -13.15
C VAL A 70 0.08 -4.48 -12.94
N THR A 71 -0.25 -3.77 -14.03
CA THR A 71 -0.71 -2.38 -13.95
C THR A 71 -2.13 -2.36 -13.32
N PRO A 72 -2.31 -1.72 -12.11
CA PRO A 72 -3.63 -1.56 -11.49
C PRO A 72 -4.47 -0.49 -12.24
N GLU A 73 -5.79 -0.70 -12.28
CA GLU A 73 -6.72 0.17 -13.03
C GLU A 73 -6.81 1.57 -12.40
N ASP A 74 -6.48 1.65 -11.10
CA ASP A 74 -6.57 2.87 -10.31
C ASP A 74 -5.19 3.54 -10.12
N ASN A 75 -4.15 3.06 -10.83
CA ASN A 75 -2.77 3.62 -10.75
C ASN A 75 -2.73 5.13 -11.06
N GLU A 76 -3.62 5.55 -11.99
CA GLU A 76 -3.79 6.95 -12.44
C GLU A 76 -4.14 7.93 -11.29
N ARG A 77 -4.68 7.39 -10.20
CA ARG A 77 -5.15 8.16 -9.03
C ARG A 77 -4.02 8.44 -8.02
N PHE A 78 -3.04 7.54 -8.00
CA PHE A 78 -1.94 7.55 -7.00
C PHE A 78 -0.66 8.15 -7.57
N GLU A 79 -0.59 8.23 -8.90
CA GLU A 79 0.65 8.53 -9.65
C GLU A 79 1.27 9.92 -9.27
N SER A 80 0.41 10.88 -8.87
CA SER A 80 0.83 12.26 -8.51
C SER A 80 1.29 12.36 -7.03
N ARG A 81 1.26 11.23 -6.30
CA ARG A 81 1.66 11.13 -4.88
C ARG A 81 2.90 10.24 -4.74
N ASP A 82 3.52 10.26 -3.54
CA ASP A 82 4.74 9.49 -3.25
C ASP A 82 4.40 8.00 -3.05
N VAL A 83 4.37 7.28 -4.19
CA VAL A 83 4.08 5.85 -4.23
C VAL A 83 5.38 5.05 -4.40
N TYR A 84 5.57 4.10 -3.49
CA TYR A 84 6.68 3.15 -3.52
C TYR A 84 6.14 1.84 -4.12
N GLU A 85 6.22 1.74 -5.45
CA GLU A 85 5.70 0.59 -6.20
C GLU A 85 6.68 -0.59 -6.10
N ILE A 86 6.16 -1.73 -5.66
CA ILE A 86 6.90 -2.99 -5.53
C ILE A 86 6.10 -4.12 -6.23
N THR A 87 6.59 -5.37 -6.10
CA THR A 87 5.80 -6.56 -6.46
C THR A 87 4.90 -6.95 -5.30
N LEU A 88 3.74 -7.55 -5.63
CA LEU A 88 2.75 -8.01 -4.63
C LEU A 88 3.33 -9.11 -3.71
N GLN A 89 4.26 -9.91 -4.27
CA GLN A 89 4.98 -10.95 -3.53
C GLN A 89 5.80 -10.35 -2.37
N ASP A 90 6.48 -9.22 -2.67
CA ASP A 90 7.34 -8.50 -1.70
C ASP A 90 6.51 -7.98 -0.52
N ALA A 91 5.24 -7.64 -0.79
CA ALA A 91 4.29 -7.13 0.21
C ALA A 91 3.89 -8.19 1.24
N ILE A 92 4.18 -9.45 0.93
CA ILE A 92 3.90 -10.59 1.82
C ILE A 92 5.18 -10.94 2.62
N LYS A 93 6.28 -11.21 1.89
CA LYS A 93 7.54 -11.71 2.48
C LYS A 93 8.37 -10.60 3.16
N ASN A 94 8.27 -9.37 2.65
CA ASN A 94 9.08 -8.22 3.12
C ASN A 94 8.16 -7.12 3.69
N ALA A 95 6.89 -7.45 3.99
CA ALA A 95 5.84 -6.49 4.42
C ALA A 95 6.34 -5.45 5.45
N ALA A 96 6.86 -5.97 6.56
CA ALA A 96 7.41 -5.15 7.65
C ALA A 96 8.62 -4.34 7.16
N GLY A 97 9.46 -4.99 6.34
CA GLY A 97 10.67 -4.37 5.79
C GLY A 97 10.37 -3.12 4.96
N ILE A 98 9.32 -3.23 4.12
CA ILE A 98 8.87 -2.14 3.23
C ILE A 98 8.49 -0.91 4.05
N ILE A 99 7.51 -1.08 4.97
CA ILE A 99 6.96 0.01 5.80
C ILE A 99 8.09 0.74 6.56
N LYS A 100 8.95 -0.02 7.26
CA LYS A 100 10.02 0.56 8.11
C LYS A 100 11.11 1.27 7.28
N GLU A 101 11.34 0.79 6.03
CA GLU A 101 12.32 1.40 5.11
C GLU A 101 11.82 2.79 4.68
N ILE A 102 10.51 2.92 4.50
CA ILE A 102 9.90 4.19 4.03
C ILE A 102 9.85 5.18 5.21
N GLU A 103 9.59 4.62 6.39
CA GLU A 103 9.55 5.35 7.66
C GLU A 103 10.88 6.07 7.92
N GLU A 104 11.99 5.32 7.84
CA GLU A 104 13.33 5.86 8.15
C GLU A 104 13.82 6.84 7.06
N MET A 105 13.42 6.59 5.79
CA MET A 105 13.76 7.49 4.65
C MET A 105 13.09 8.87 4.81
N ILE A 106 11.76 8.86 4.98
CA ILE A 106 10.96 10.08 5.15
C ILE A 106 11.30 10.78 6.49
N ALA A 107 11.62 9.99 7.52
CA ALA A 107 12.01 10.53 8.84
C ALA A 107 13.40 11.17 8.78
N SER A 108 14.26 10.73 7.85
CA SER A 108 15.65 11.25 7.74
C SER A 108 15.65 12.63 7.05
N GLU A 109 14.81 12.79 6.02
CA GLU A 109 14.69 14.07 5.28
C GLU A 109 13.98 15.16 6.14
N GLN A 110 12.97 14.75 6.92
CA GLN A 110 12.16 15.67 7.76
C GLN A 110 12.84 15.95 9.11
N GLN A 111 13.58 14.96 9.62
CA GLN A 111 14.34 15.07 10.89
C GLN A 111 15.85 15.00 10.57
N MET A 4 1.56 15.13 13.69
CA MET A 4 1.92 13.86 14.35
C MET A 4 1.20 12.68 13.66
N SER A 5 -0.15 12.72 13.64
CA SER A 5 -0.99 11.63 13.09
C SER A 5 -0.78 11.48 11.56
N LYS A 6 0.06 10.50 11.18
CA LYS A 6 0.36 10.16 9.79
C LYS A 6 -0.59 9.07 9.26
N LYS A 7 -0.41 8.71 7.97
CA LYS A 7 -1.33 7.82 7.26
C LYS A 7 -0.54 7.03 6.18
N LEU A 8 -0.88 5.75 6.02
CA LEU A 8 -0.30 4.87 5.01
C LEU A 8 -1.45 4.23 4.24
N ILE A 9 -1.31 4.12 2.93
CA ILE A 9 -2.20 3.32 2.09
C ILE A 9 -1.35 2.42 1.20
N ALA A 10 -1.98 1.43 0.60
CA ALA A 10 -1.32 0.52 -0.34
C ALA A 10 -2.34 -0.01 -1.34
N LEU A 11 -1.85 -0.67 -2.39
CA LEU A 11 -2.70 -1.21 -3.46
C LEU A 11 -2.12 -2.56 -3.86
N CYS A 12 -2.84 -3.63 -3.51
CA CYS A 12 -2.49 -5.00 -3.87
C CYS A 12 -3.35 -5.45 -5.07
N ALA A 13 -2.72 -5.57 -6.26
CA ALA A 13 -3.44 -5.96 -7.51
C ALA A 13 -2.76 -7.17 -8.16
N CYS A 14 -3.48 -8.30 -8.23
CA CYS A 14 -2.91 -9.57 -8.74
C CYS A 14 -3.76 -10.09 -9.91
N PRO A 15 -3.12 -10.64 -10.99
CA PRO A 15 -3.83 -11.36 -12.09
C PRO A 15 -4.31 -12.76 -11.68
N MET A 16 -3.75 -13.29 -10.56
CA MET A 16 -4.12 -14.60 -10.00
C MET A 16 -5.55 -14.54 -9.43
N GLY A 17 -5.75 -13.62 -8.49
CA GLY A 17 -7.04 -13.45 -7.81
C GLY A 17 -6.90 -12.60 -6.56
N LEU A 18 -8.06 -12.24 -5.97
CA LEU A 18 -8.12 -11.44 -4.73
C LEU A 18 -7.56 -12.21 -3.52
N ALA A 19 -7.50 -13.55 -3.61
CA ALA A 19 -6.88 -14.38 -2.55
C ALA A 19 -5.42 -13.97 -2.29
N HIS A 20 -4.66 -13.76 -3.39
CA HIS A 20 -3.24 -13.37 -3.32
C HIS A 20 -3.10 -11.91 -2.87
N THR A 21 -4.05 -11.04 -3.31
CA THR A 21 -4.05 -9.62 -2.96
C THR A 21 -4.26 -9.44 -1.44
N PHE A 22 -5.13 -10.29 -0.85
CA PHE A 22 -5.47 -10.25 0.59
C PHE A 22 -4.33 -10.83 1.45
N MET A 23 -3.47 -11.69 0.87
CA MET A 23 -2.22 -12.12 1.52
C MET A 23 -1.29 -10.90 1.77
N ALA A 24 -1.13 -10.08 0.71
CA ALA A 24 -0.31 -8.85 0.75
C ALA A 24 -0.97 -7.75 1.60
N ALA A 25 -2.30 -7.65 1.46
CA ALA A 25 -3.11 -6.62 2.12
C ALA A 25 -3.14 -6.82 3.64
N GLN A 26 -3.25 -8.09 4.07
CA GLN A 26 -3.22 -8.46 5.48
C GLN A 26 -1.85 -8.13 6.09
N ALA A 27 -0.79 -8.60 5.42
CA ALA A 27 0.59 -8.47 5.92
C ALA A 27 1.01 -6.99 6.11
N LEU A 28 0.77 -6.15 5.06
CA LEU A 28 1.06 -4.70 5.12
C LEU A 28 0.19 -3.98 6.17
N GLU A 29 -1.09 -4.42 6.30
CA GLU A 29 -2.03 -3.81 7.25
C GLU A 29 -1.50 -3.93 8.68
N GLU A 30 -1.19 -5.18 9.08
CA GLU A 30 -0.67 -5.50 10.42
C GLU A 30 0.56 -4.65 10.77
N ALA A 31 1.55 -4.68 9.86
CA ALA A 31 2.84 -3.97 10.05
C ALA A 31 2.68 -2.44 10.16
N ALA A 32 1.74 -1.89 9.39
CA ALA A 32 1.45 -0.44 9.38
C ALA A 32 0.61 0.01 10.60
N VAL A 33 -0.16 -0.94 11.19
CA VAL A 33 -0.89 -0.70 12.46
C VAL A 33 0.14 -0.44 13.57
N GLU A 34 1.17 -1.28 13.55
CA GLU A 34 2.24 -1.30 14.55
C GLU A 34 3.29 -0.20 14.28
N ALA A 35 3.34 0.31 13.03
CA ALA A 35 4.20 1.45 12.64
C ALA A 35 3.66 2.78 13.24
N GLY A 36 2.38 2.77 13.68
CA GLY A 36 1.83 3.86 14.50
C GLY A 36 0.69 4.62 13.85
N TYR A 37 0.58 4.52 12.52
CA TYR A 37 -0.38 5.31 11.73
C TYR A 37 -1.58 4.50 11.23
N GLU A 38 -2.47 5.21 10.49
CA GLU A 38 -3.63 4.58 9.85
C GLU A 38 -3.16 3.81 8.60
N VAL A 39 -3.87 2.74 8.25
CA VAL A 39 -3.56 1.94 7.05
C VAL A 39 -4.84 1.57 6.30
N LYS A 40 -4.84 1.77 4.98
CA LYS A 40 -5.98 1.45 4.10
C LYS A 40 -5.46 0.88 2.78
N ILE A 41 -5.73 -0.41 2.51
CA ILE A 41 -5.17 -1.11 1.33
C ILE A 41 -6.27 -1.61 0.38
N GLU A 42 -6.35 -0.98 -0.80
CA GLU A 42 -7.24 -1.40 -1.89
C GLU A 42 -6.69 -2.65 -2.57
N THR A 43 -7.59 -3.59 -2.92
CA THR A 43 -7.23 -4.87 -3.54
C THR A 43 -7.99 -5.00 -4.87
N GLN A 44 -7.26 -4.96 -5.99
CA GLN A 44 -7.85 -5.03 -7.34
C GLN A 44 -7.62 -6.40 -7.98
N GLY A 45 -8.60 -6.83 -8.79
CA GLY A 45 -8.53 -8.06 -9.57
C GLY A 45 -9.68 -8.16 -10.56
N ALA A 46 -9.58 -9.15 -11.48
CA ALA A 46 -10.60 -9.39 -12.53
C ALA A 46 -11.95 -9.80 -11.93
N ASP A 47 -11.92 -10.37 -10.71
CA ASP A 47 -13.12 -10.72 -9.94
C ASP A 47 -13.81 -9.44 -9.41
N GLY A 48 -13.00 -8.48 -8.95
CA GLY A 48 -13.50 -7.23 -8.40
C GLY A 48 -12.47 -6.45 -7.59
N ILE A 49 -12.94 -5.37 -6.95
CA ILE A 49 -12.11 -4.48 -6.12
C ILE A 49 -12.73 -4.41 -4.70
N GLN A 50 -11.87 -4.53 -3.68
CA GLN A 50 -12.27 -4.50 -2.26
C GLN A 50 -11.43 -3.47 -1.50
N ASN A 51 -11.99 -2.92 -0.40
CA ASN A 51 -11.30 -1.97 0.50
C ASN A 51 -10.87 -0.69 -0.29
N ARG A 52 -11.78 -0.25 -1.19
CA ARG A 52 -11.59 0.87 -2.14
C ARG A 52 -11.02 2.15 -1.47
N LEU A 53 -9.89 2.62 -2.02
CA LEU A 53 -9.24 3.88 -1.63
C LEU A 53 -9.99 5.08 -2.25
N THR A 54 -10.26 6.08 -1.42
CA THR A 54 -10.91 7.33 -1.86
C THR A 54 -9.84 8.40 -2.13
N ALA A 55 -10.27 9.52 -2.75
CA ALA A 55 -9.39 10.67 -3.00
C ALA A 55 -8.80 11.21 -1.69
N GLN A 56 -9.59 11.14 -0.60
CA GLN A 56 -9.16 11.57 0.74
C GLN A 56 -8.02 10.67 1.25
N ASP A 57 -8.18 9.33 1.12
CA ASP A 57 -7.15 8.34 1.55
C ASP A 57 -5.78 8.63 0.93
N ILE A 58 -5.80 8.93 -0.37
CA ILE A 58 -4.59 9.19 -1.18
C ILE A 58 -3.96 10.55 -0.81
N ALA A 59 -4.82 11.52 -0.44
CA ALA A 59 -4.40 12.87 -0.01
C ALA A 59 -3.74 12.84 1.38
N GLU A 60 -4.32 12.05 2.30
CA GLU A 60 -3.81 11.89 3.68
C GLU A 60 -2.52 11.06 3.70
N ALA A 61 -2.43 10.12 2.75
CA ALA A 61 -1.35 9.12 2.68
C ALA A 61 0.05 9.76 2.64
N THR A 62 0.72 9.72 3.79
CA THR A 62 2.15 10.04 3.92
C THR A 62 2.98 9.04 3.07
N ILE A 63 2.52 7.77 3.09
CA ILE A 63 3.18 6.65 2.38
C ILE A 63 2.15 5.90 1.51
N ILE A 64 2.58 5.50 0.28
CA ILE A 64 1.78 4.61 -0.61
C ILE A 64 2.69 3.48 -1.11
N ILE A 65 2.22 2.22 -1.07
CA ILE A 65 2.95 1.06 -1.62
C ILE A 65 2.08 0.37 -2.69
N HIS A 66 2.46 0.42 -3.98
CA HIS A 66 1.76 -0.34 -5.04
C HIS A 66 2.34 -1.76 -5.12
N SER A 67 1.78 -2.62 -4.26
CA SER A 67 2.12 -4.04 -4.17
C SER A 67 1.37 -4.81 -5.26
N VAL A 68 1.88 -4.74 -6.50
CA VAL A 68 1.15 -5.24 -7.67
C VAL A 68 2.00 -6.21 -8.49
N ALA A 69 1.31 -7.05 -9.26
CA ALA A 69 1.91 -8.00 -10.22
C ALA A 69 1.47 -7.63 -11.65
N VAL A 70 0.49 -6.71 -11.74
CA VAL A 70 -0.01 -6.10 -13.00
C VAL A 70 -0.32 -4.62 -12.74
N THR A 71 -0.42 -3.83 -13.82
CA THR A 71 -0.80 -2.40 -13.75
C THR A 71 -2.22 -2.26 -13.14
N PRO A 72 -2.36 -1.62 -11.93
CA PRO A 72 -3.68 -1.40 -11.31
C PRO A 72 -4.49 -0.33 -12.09
N GLU A 73 -5.83 -0.42 -12.04
CA GLU A 73 -6.71 0.44 -12.87
C GLU A 73 -6.62 1.90 -12.42
N ASP A 74 -6.69 2.10 -11.09
CA ASP A 74 -6.84 3.44 -10.47
C ASP A 74 -5.49 4.11 -10.17
N ASN A 75 -4.41 3.56 -10.79
CA ASN A 75 -3.00 4.01 -10.58
C ASN A 75 -2.81 5.53 -10.86
N GLU A 76 -3.67 6.06 -11.75
CA GLU A 76 -3.65 7.47 -12.21
C GLU A 76 -3.76 8.49 -11.04
N ARG A 77 -4.50 8.10 -10.00
CA ARG A 77 -4.81 8.97 -8.83
C ARG A 77 -3.57 9.14 -7.95
N PHE A 78 -2.82 8.05 -7.82
CA PHE A 78 -1.64 7.94 -6.95
C PHE A 78 -0.42 8.63 -7.56
N GLU A 79 -0.51 8.99 -8.85
CA GLU A 79 0.54 9.70 -9.62
C GLU A 79 0.99 11.01 -8.93
N SER A 80 0.04 11.69 -8.27
CA SER A 80 0.28 12.99 -7.59
C SER A 80 1.11 12.85 -6.29
N ARG A 81 1.15 11.62 -5.72
CA ARG A 81 1.72 11.35 -4.38
C ARG A 81 2.97 10.44 -4.47
N ASP A 82 3.68 10.30 -3.32
CA ASP A 82 4.90 9.46 -3.22
C ASP A 82 4.51 7.98 -3.13
N VAL A 83 4.50 7.32 -4.30
CA VAL A 83 4.20 5.87 -4.39
C VAL A 83 5.50 5.07 -4.51
N TYR A 84 5.53 3.94 -3.81
CA TYR A 84 6.64 3.01 -3.76
C TYR A 84 6.16 1.69 -4.38
N GLU A 85 6.36 1.56 -5.71
CA GLU A 85 5.88 0.40 -6.49
C GLU A 85 6.84 -0.79 -6.35
N ILE A 86 6.28 -1.91 -5.91
CA ILE A 86 6.98 -3.18 -5.73
C ILE A 86 6.16 -4.31 -6.39
N THR A 87 6.66 -5.55 -6.33
CA THR A 87 5.87 -6.72 -6.67
C THR A 87 4.98 -7.08 -5.47
N LEU A 88 3.83 -7.71 -5.75
CA LEU A 88 2.83 -8.09 -4.71
C LEU A 88 3.42 -9.12 -3.72
N GLN A 89 4.36 -9.95 -4.20
CA GLN A 89 5.03 -10.97 -3.38
C GLN A 89 5.89 -10.34 -2.26
N ASP A 90 6.52 -9.20 -2.59
CA ASP A 90 7.40 -8.44 -1.66
C ASP A 90 6.58 -7.95 -0.45
N ALA A 91 5.30 -7.62 -0.69
CA ALA A 91 4.36 -7.13 0.35
C ALA A 91 3.92 -8.23 1.32
N ILE A 92 4.22 -9.49 0.98
CA ILE A 92 3.91 -10.66 1.80
C ILE A 92 5.15 -11.04 2.64
N LYS A 93 6.29 -11.22 1.96
CA LYS A 93 7.56 -11.67 2.58
C LYS A 93 8.20 -10.55 3.44
N ASN A 94 8.18 -9.33 2.91
CA ASN A 94 8.95 -8.18 3.41
C ASN A 94 7.99 -7.06 3.87
N ALA A 95 6.76 -7.42 4.26
CA ALA A 95 5.68 -6.46 4.60
C ALA A 95 6.16 -5.34 5.56
N ALA A 96 6.65 -5.76 6.74
CA ALA A 96 7.20 -4.86 7.75
C ALA A 96 8.45 -4.16 7.24
N GLY A 97 9.25 -4.88 6.41
CA GLY A 97 10.49 -4.36 5.86
C GLY A 97 10.27 -3.11 5.01
N ILE A 98 9.35 -3.22 4.05
CA ILE A 98 9.00 -2.13 3.11
C ILE A 98 8.59 -0.88 3.88
N ILE A 99 7.63 -1.08 4.78
CA ILE A 99 7.03 0.00 5.60
C ILE A 99 8.10 0.75 6.42
N LYS A 100 8.95 0.01 7.18
CA LYS A 100 10.00 0.63 8.04
C LYS A 100 11.11 1.31 7.22
N GLU A 101 11.36 0.76 6.01
CA GLU A 101 12.35 1.32 5.05
C GLU A 101 11.90 2.72 4.62
N ILE A 102 10.59 2.88 4.37
CA ILE A 102 10.03 4.15 3.89
C ILE A 102 9.93 5.15 5.07
N GLU A 103 9.64 4.60 6.26
CA GLU A 103 9.53 5.38 7.51
C GLU A 103 10.85 6.08 7.85
N GLU A 104 11.96 5.31 7.79
CA GLU A 104 13.30 5.84 8.10
C GLU A 104 13.77 6.82 7.01
N MET A 105 13.44 6.54 5.74
CA MET A 105 13.87 7.38 4.59
C MET A 105 13.16 8.74 4.59
N ILE A 106 11.82 8.74 4.69
CA ILE A 106 11.00 9.96 4.73
C ILE A 106 11.40 10.83 5.95
N ALA A 107 11.47 10.20 7.13
CA ALA A 107 11.81 10.92 8.38
C ALA A 107 13.25 11.51 8.33
N SER A 108 14.16 10.88 7.57
CA SER A 108 15.57 11.31 7.47
C SER A 108 15.73 12.48 6.48
N GLU A 109 14.95 12.46 5.38
CA GLU A 109 15.02 13.52 4.33
C GLU A 109 14.23 14.78 4.74
N GLN A 110 13.15 14.60 5.53
CA GLN A 110 12.32 15.73 6.01
C GLN A 110 13.03 16.47 7.16
N GLN A 111 13.57 15.70 8.13
CA GLN A 111 14.28 16.27 9.29
C GLN A 111 15.71 16.70 8.89
N MET A 4 0.47 14.69 13.88
CA MET A 4 0.39 13.49 14.75
C MET A 4 -0.34 12.35 14.01
N SER A 5 -1.56 12.62 13.52
CA SER A 5 -2.39 11.61 12.84
C SER A 5 -1.85 11.29 11.42
N LYS A 6 -0.87 10.37 11.38
CA LYS A 6 -0.25 9.90 10.12
C LYS A 6 -1.08 8.73 9.53
N LYS A 7 -0.91 8.49 8.23
CA LYS A 7 -1.78 7.59 7.47
C LYS A 7 -0.92 6.87 6.42
N LEU A 8 -1.08 5.56 6.32
CA LEU A 8 -0.40 4.72 5.32
C LEU A 8 -1.48 4.02 4.52
N ILE A 9 -1.30 4.01 3.20
CA ILE A 9 -2.17 3.28 2.30
C ILE A 9 -1.31 2.40 1.39
N ALA A 10 -1.93 1.40 0.78
CA ALA A 10 -1.25 0.48 -0.14
C ALA A 10 -2.23 -0.07 -1.16
N LEU A 11 -1.70 -0.71 -2.21
CA LEU A 11 -2.51 -1.27 -3.29
C LEU A 11 -1.89 -2.61 -3.69
N CYS A 12 -2.65 -3.68 -3.47
CA CYS A 12 -2.27 -5.04 -3.84
C CYS A 12 -3.12 -5.48 -5.05
N ALA A 13 -2.48 -5.67 -6.22
CA ALA A 13 -3.21 -6.04 -7.48
C ALA A 13 -2.57 -7.28 -8.15
N CYS A 14 -3.38 -8.32 -8.37
CA CYS A 14 -2.96 -9.57 -9.03
C CYS A 14 -4.00 -9.99 -10.09
N PRO A 15 -3.55 -10.67 -11.20
CA PRO A 15 -4.48 -11.19 -12.24
C PRO A 15 -5.16 -12.50 -11.82
N MET A 16 -4.65 -13.09 -10.72
CA MET A 16 -5.11 -14.39 -10.19
C MET A 16 -6.49 -14.23 -9.51
N GLY A 17 -6.56 -13.23 -8.61
CA GLY A 17 -7.79 -12.92 -7.86
C GLY A 17 -7.50 -12.14 -6.59
N LEU A 18 -8.56 -11.92 -5.78
CA LEU A 18 -8.47 -11.11 -4.55
C LEU A 18 -7.85 -11.90 -3.38
N ALA A 19 -7.79 -13.24 -3.49
CA ALA A 19 -7.19 -14.10 -2.45
C ALA A 19 -5.71 -13.72 -2.19
N HIS A 20 -4.94 -13.63 -3.29
CA HIS A 20 -3.50 -13.35 -3.27
C HIS A 20 -3.25 -11.90 -2.78
N THR A 21 -4.14 -10.99 -3.22
CA THR A 21 -4.06 -9.56 -2.90
C THR A 21 -4.33 -9.32 -1.41
N PHE A 22 -5.26 -10.12 -0.82
CA PHE A 22 -5.61 -10.02 0.61
C PHE A 22 -4.49 -10.52 1.51
N MET A 23 -3.64 -11.44 1.00
CA MET A 23 -2.44 -11.89 1.75
C MET A 23 -1.40 -10.75 1.85
N ALA A 24 -1.21 -10.03 0.73
CA ALA A 24 -0.33 -8.84 0.69
C ALA A 24 -0.90 -7.72 1.57
N ALA A 25 -2.23 -7.55 1.47
CA ALA A 25 -2.98 -6.54 2.25
C ALA A 25 -2.85 -6.81 3.74
N GLN A 26 -2.98 -8.08 4.13
CA GLN A 26 -2.91 -8.50 5.54
C GLN A 26 -1.54 -8.19 6.14
N ALA A 27 -0.48 -8.50 5.38
CA ALA A 27 0.91 -8.36 5.83
C ALA A 27 1.29 -6.86 6.00
N LEU A 28 0.99 -6.05 4.96
CA LEU A 28 1.25 -4.59 4.98
C LEU A 28 0.41 -3.88 6.05
N GLU A 29 -0.78 -4.43 6.32
CA GLU A 29 -1.70 -3.89 7.33
C GLU A 29 -1.08 -3.97 8.71
N GLU A 30 -0.68 -5.20 9.12
CA GLU A 30 -0.05 -5.47 10.43
C GLU A 30 1.18 -4.57 10.64
N ALA A 31 2.03 -4.49 9.60
CA ALA A 31 3.28 -3.72 9.60
C ALA A 31 3.00 -2.22 9.87
N ALA A 32 2.06 -1.65 9.10
CA ALA A 32 1.64 -0.24 9.23
C ALA A 32 0.89 0.07 10.55
N VAL A 33 0.31 -0.97 11.20
CA VAL A 33 -0.40 -0.80 12.49
C VAL A 33 0.65 -0.67 13.62
N GLU A 34 1.67 -1.52 13.53
CA GLU A 34 2.82 -1.51 14.46
C GLU A 34 3.67 -0.25 14.24
N ALA A 35 3.62 0.28 13.00
CA ALA A 35 4.30 1.52 12.60
C ALA A 35 3.57 2.77 13.14
N GLY A 36 2.24 2.64 13.35
CA GLY A 36 1.45 3.65 14.07
C GLY A 36 0.60 4.55 13.18
N TYR A 37 0.41 4.16 11.90
CA TYR A 37 -0.47 4.91 10.98
C TYR A 37 -1.86 4.29 10.97
N GLU A 38 -2.84 5.06 10.48
CA GLU A 38 -4.12 4.53 10.01
C GLU A 38 -3.84 3.85 8.67
N VAL A 39 -4.22 2.58 8.50
CA VAL A 39 -3.86 1.80 7.30
C VAL A 39 -5.10 1.42 6.49
N LYS A 40 -5.02 1.65 5.16
CA LYS A 40 -6.11 1.35 4.22
C LYS A 40 -5.49 0.82 2.92
N ILE A 41 -5.81 -0.42 2.56
CA ILE A 41 -5.18 -1.09 1.41
C ILE A 41 -6.23 -1.53 0.36
N GLU A 42 -6.19 -0.87 -0.80
CA GLU A 42 -6.99 -1.22 -1.98
C GLU A 42 -6.45 -2.53 -2.58
N THR A 43 -7.37 -3.40 -2.99
CA THR A 43 -7.05 -4.72 -3.55
C THR A 43 -7.78 -4.89 -4.88
N GLN A 44 -7.03 -5.13 -5.96
CA GLN A 44 -7.60 -5.23 -7.32
C GLN A 44 -7.30 -6.60 -7.96
N GLY A 45 -8.21 -7.00 -8.84
CA GLY A 45 -8.06 -8.16 -9.69
C GLY A 45 -9.02 -8.07 -10.87
N ALA A 46 -8.88 -9.01 -11.81
CA ALA A 46 -9.79 -9.10 -12.99
C ALA A 46 -11.21 -9.53 -12.56
N ASP A 47 -11.33 -10.08 -11.33
CA ASP A 47 -12.61 -10.40 -10.68
C ASP A 47 -13.30 -9.11 -10.17
N GLY A 48 -12.48 -8.14 -9.70
CA GLY A 48 -12.98 -6.86 -9.21
C GLY A 48 -12.05 -6.20 -8.19
N ILE A 49 -12.50 -5.04 -7.67
CA ILE A 49 -11.75 -4.21 -6.68
C ILE A 49 -12.42 -4.31 -5.30
N GLN A 50 -11.64 -4.06 -4.24
CA GLN A 50 -12.13 -4.08 -2.85
C GLN A 50 -11.30 -3.12 -1.99
N ASN A 51 -11.94 -2.55 -0.96
CA ASN A 51 -11.26 -1.69 0.07
C ASN A 51 -10.61 -0.44 -0.59
N ARG A 52 -11.28 0.07 -1.65
CA ARG A 52 -10.71 1.08 -2.56
C ARG A 52 -10.39 2.41 -1.86
N LEU A 53 -9.23 2.95 -2.23
CA LEU A 53 -8.66 4.19 -1.71
C LEU A 53 -9.30 5.42 -2.35
N THR A 54 -9.88 6.25 -1.49
CA THR A 54 -10.59 7.47 -1.88
C THR A 54 -9.62 8.64 -1.97
N ALA A 55 -10.05 9.76 -2.59
CA ALA A 55 -9.24 11.00 -2.74
C ALA A 55 -8.67 11.48 -1.40
N GLN A 56 -9.45 11.27 -0.32
CA GLN A 56 -9.06 11.64 1.05
C GLN A 56 -7.89 10.76 1.55
N ASP A 57 -8.02 9.43 1.36
CA ASP A 57 -7.01 8.44 1.82
C ASP A 57 -5.63 8.71 1.19
N ILE A 58 -5.68 9.03 -0.13
CA ILE A 58 -4.48 9.20 -0.96
C ILE A 58 -3.78 10.54 -0.69
N ALA A 59 -4.59 11.58 -0.39
CA ALA A 59 -4.09 12.93 -0.09
C ALA A 59 -3.44 13.00 1.30
N GLU A 60 -4.09 12.36 2.29
CA GLU A 60 -3.63 12.36 3.70
C GLU A 60 -2.62 11.24 3.98
N ALA A 61 -2.32 10.44 2.94
CA ALA A 61 -1.34 9.34 3.02
C ALA A 61 0.09 9.88 3.19
N THR A 62 0.65 9.67 4.39
CA THR A 62 2.07 9.85 4.68
C THR A 62 2.91 8.88 3.82
N ILE A 63 2.37 7.65 3.59
CA ILE A 63 3.03 6.58 2.80
C ILE A 63 2.01 5.93 1.83
N ILE A 64 2.48 5.56 0.60
CA ILE A 64 1.68 4.80 -0.40
C ILE A 64 2.56 3.69 -0.99
N ILE A 65 2.12 2.42 -0.90
CA ILE A 65 2.81 1.29 -1.56
C ILE A 65 1.92 0.74 -2.70
N HIS A 66 2.54 0.36 -3.84
CA HIS A 66 1.84 -0.39 -4.91
C HIS A 66 2.47 -1.79 -5.04
N SER A 67 1.99 -2.70 -4.19
CA SER A 67 2.38 -4.10 -4.19
C SER A 67 1.60 -4.85 -5.27
N VAL A 68 2.07 -4.78 -6.52
CA VAL A 68 1.32 -5.31 -7.66
C VAL A 68 2.15 -6.29 -8.49
N ALA A 69 1.42 -7.06 -9.30
CA ALA A 69 1.97 -7.99 -10.29
C ALA A 69 1.59 -7.51 -11.69
N VAL A 70 0.44 -6.80 -11.77
CA VAL A 70 -0.12 -6.20 -13.00
C VAL A 70 -0.63 -4.79 -12.68
N THR A 71 -0.96 -4.01 -13.73
CA THR A 71 -1.48 -2.64 -13.60
C THR A 71 -2.87 -2.64 -12.93
N PRO A 72 -3.03 -1.97 -11.75
CA PRO A 72 -4.36 -1.73 -11.15
C PRO A 72 -5.14 -0.65 -11.93
N GLU A 73 -6.48 -0.79 -11.99
CA GLU A 73 -7.35 0.10 -12.80
C GLU A 73 -7.34 1.55 -12.28
N ASP A 74 -7.18 1.70 -10.95
CA ASP A 74 -7.18 3.01 -10.27
C ASP A 74 -5.77 3.48 -9.91
N ASN A 75 -4.74 2.99 -10.67
CA ASN A 75 -3.33 3.44 -10.51
C ASN A 75 -3.20 4.97 -10.79
N GLU A 76 -4.12 5.46 -11.64
CA GLU A 76 -4.26 6.88 -12.02
C GLU A 76 -4.51 7.81 -10.81
N ARG A 77 -5.14 7.26 -9.74
CA ARG A 77 -5.44 8.01 -8.51
C ARG A 77 -4.16 8.37 -7.73
N PHE A 78 -3.10 7.62 -8.01
CA PHE A 78 -1.81 7.71 -7.30
C PHE A 78 -0.71 8.29 -8.21
N GLU A 79 -1.12 8.75 -9.41
CA GLU A 79 -0.21 9.20 -10.50
C GLU A 79 0.81 10.27 -10.05
N SER A 80 0.32 11.31 -9.34
CA SER A 80 1.14 12.48 -8.94
C SER A 80 1.58 12.40 -7.47
N ARG A 81 1.26 11.30 -6.78
CA ARG A 81 1.51 11.15 -5.33
C ARG A 81 2.77 10.30 -5.07
N ASP A 82 3.32 10.38 -3.84
CA ASP A 82 4.56 9.67 -3.44
C ASP A 82 4.28 8.18 -3.19
N VAL A 83 4.44 7.37 -4.26
CA VAL A 83 4.13 5.94 -4.25
C VAL A 83 5.43 5.11 -4.34
N TYR A 84 5.40 3.92 -3.71
CA TYR A 84 6.54 2.99 -3.63
C TYR A 84 6.13 1.65 -4.27
N GLU A 85 6.37 1.55 -5.59
CA GLU A 85 5.96 0.39 -6.40
C GLU A 85 6.92 -0.79 -6.22
N ILE A 86 6.34 -1.92 -5.78
CA ILE A 86 7.04 -3.19 -5.57
C ILE A 86 6.20 -4.34 -6.16
N THR A 87 6.66 -5.59 -5.99
CA THR A 87 5.86 -6.78 -6.31
C THR A 87 4.90 -7.09 -5.16
N LEU A 88 3.77 -7.73 -5.52
CA LEU A 88 2.76 -8.19 -4.53
C LEU A 88 3.36 -9.27 -3.59
N GLN A 89 4.32 -10.03 -4.14
CA GLN A 89 5.07 -11.05 -3.39
C GLN A 89 5.90 -10.40 -2.26
N ASP A 90 6.59 -9.29 -2.59
CA ASP A 90 7.47 -8.58 -1.63
C ASP A 90 6.68 -8.10 -0.41
N ALA A 91 5.40 -7.75 -0.64
CA ALA A 91 4.48 -7.29 0.41
C ALA A 91 4.15 -8.39 1.44
N ILE A 92 4.06 -9.63 0.96
CA ILE A 92 3.69 -10.79 1.79
C ILE A 92 4.88 -11.24 2.68
N LYS A 93 6.11 -11.17 2.12
CA LYS A 93 7.34 -11.61 2.83
C LYS A 93 7.97 -10.46 3.66
N ASN A 94 8.28 -9.35 2.98
CA ASN A 94 9.08 -8.24 3.55
C ASN A 94 8.16 -7.10 4.05
N ALA A 95 6.95 -7.46 4.50
CA ALA A 95 5.91 -6.50 4.95
C ALA A 95 6.46 -5.38 5.86
N ALA A 96 6.98 -5.80 7.02
CA ALA A 96 7.56 -4.89 8.03
C ALA A 96 8.76 -4.13 7.46
N GLY A 97 9.53 -4.81 6.58
CA GLY A 97 10.73 -4.24 5.96
C GLY A 97 10.41 -3.05 5.08
N ILE A 98 9.40 -3.20 4.21
CA ILE A 98 8.98 -2.16 3.23
C ILE A 98 8.54 -0.89 3.96
N ILE A 99 7.58 -1.06 4.90
CA ILE A 99 7.01 0.07 5.67
C ILE A 99 8.14 0.86 6.37
N LYS A 100 9.01 0.13 7.12
CA LYS A 100 10.09 0.77 7.92
C LYS A 100 11.16 1.42 7.03
N GLU A 101 11.35 0.89 5.79
CA GLU A 101 12.25 1.49 4.77
C GLU A 101 11.76 2.88 4.40
N ILE A 102 10.44 3.03 4.35
CA ILE A 102 9.80 4.28 3.98
C ILE A 102 9.80 5.24 5.18
N GLU A 103 9.59 4.67 6.39
CA GLU A 103 9.59 5.44 7.64
C GLU A 103 10.95 6.12 7.88
N GLU A 104 12.04 5.38 7.58
CA GLU A 104 13.42 5.89 7.78
C GLU A 104 13.79 6.92 6.69
N MET A 105 13.23 6.75 5.46
CA MET A 105 13.38 7.76 4.38
C MET A 105 12.66 9.07 4.73
N ILE A 106 11.49 8.95 5.38
CA ILE A 106 10.72 10.10 5.89
C ILE A 106 11.48 10.75 7.08
N ALA A 107 12.04 9.89 7.95
CA ALA A 107 12.85 10.33 9.11
C ALA A 107 14.18 10.96 8.66
N SER A 108 14.58 10.70 7.41
CA SER A 108 15.81 11.23 6.81
C SER A 108 15.55 12.62 6.19
N GLU A 109 14.40 12.77 5.49
CA GLU A 109 14.06 14.02 4.77
C GLU A 109 13.56 15.11 5.75
N GLN A 110 12.96 14.69 6.88
CA GLN A 110 12.42 15.61 7.91
C GLN A 110 13.50 15.99 8.93
N GLN A 111 14.37 15.02 9.27
CA GLN A 111 15.51 15.26 10.19
C GLN A 111 16.79 15.49 9.34
N MET A 4 3.26 13.03 14.89
CA MET A 4 1.84 13.47 14.85
C MET A 4 0.99 12.45 14.08
N SER A 5 -0.34 12.70 13.98
CA SER A 5 -1.30 11.79 13.31
C SER A 5 -0.99 11.68 11.81
N LYS A 6 -0.31 10.58 11.43
CA LYS A 6 0.01 10.27 10.02
C LYS A 6 -0.86 9.12 9.48
N LYS A 7 -0.69 8.82 8.19
CA LYS A 7 -1.55 7.88 7.45
C LYS A 7 -0.71 7.12 6.39
N LEU A 8 -1.06 5.86 6.14
CA LEU A 8 -0.44 5.01 5.12
C LEU A 8 -1.56 4.33 4.34
N ILE A 9 -1.43 4.30 3.02
CA ILE A 9 -2.31 3.50 2.15
C ILE A 9 -1.44 2.60 1.28
N ALA A 10 -2.06 1.57 0.70
CA ALA A 10 -1.39 0.65 -0.22
C ALA A 10 -2.40 0.09 -1.22
N LEU A 11 -1.88 -0.61 -2.24
CA LEU A 11 -2.69 -1.19 -3.31
C LEU A 11 -2.06 -2.53 -3.70
N CYS A 12 -2.85 -3.60 -3.59
CA CYS A 12 -2.43 -4.95 -3.95
C CYS A 12 -3.26 -5.43 -5.15
N ALA A 13 -2.61 -5.63 -6.33
CA ALA A 13 -3.33 -5.99 -7.58
C ALA A 13 -2.76 -7.27 -8.24
N CYS A 14 -3.60 -8.31 -8.34
CA CYS A 14 -3.28 -9.60 -9.00
C CYS A 14 -4.24 -9.83 -10.20
N PRO A 15 -3.76 -10.45 -11.32
CA PRO A 15 -4.62 -10.86 -12.45
C PRO A 15 -5.36 -12.20 -12.18
N MET A 16 -4.97 -12.89 -11.08
CA MET A 16 -5.61 -14.15 -10.65
C MET A 16 -6.93 -13.84 -9.92
N GLY A 17 -6.81 -13.19 -8.75
CA GLY A 17 -7.96 -12.89 -7.90
C GLY A 17 -7.56 -12.16 -6.62
N LEU A 18 -8.53 -11.97 -5.72
CA LEU A 18 -8.35 -11.17 -4.49
C LEU A 18 -7.68 -11.96 -3.35
N ALA A 19 -7.60 -13.30 -3.47
CA ALA A 19 -6.98 -14.16 -2.44
C ALA A 19 -5.50 -13.77 -2.15
N HIS A 20 -4.72 -13.64 -3.23
CA HIS A 20 -3.28 -13.30 -3.17
C HIS A 20 -3.11 -11.85 -2.66
N THR A 21 -3.99 -10.96 -3.14
CA THR A 21 -3.99 -9.54 -2.79
C THR A 21 -4.30 -9.34 -1.29
N PHE A 22 -5.15 -10.23 -0.72
CA PHE A 22 -5.55 -10.18 0.70
C PHE A 22 -4.42 -10.62 1.64
N MET A 23 -3.55 -11.55 1.17
CA MET A 23 -2.34 -11.94 1.95
C MET A 23 -1.33 -10.78 2.00
N ALA A 24 -1.23 -10.05 0.87
CA ALA A 24 -0.40 -8.83 0.78
C ALA A 24 -1.02 -7.69 1.61
N ALA A 25 -2.36 -7.62 1.59
CA ALA A 25 -3.14 -6.59 2.30
C ALA A 25 -3.02 -6.78 3.81
N GLN A 26 -3.11 -8.04 4.26
CA GLN A 26 -2.97 -8.39 5.68
C GLN A 26 -1.55 -8.07 6.16
N ALA A 27 -0.57 -8.45 5.34
CA ALA A 27 0.86 -8.29 5.66
C ALA A 27 1.25 -6.81 5.86
N LEU A 28 0.90 -5.97 4.85
CA LEU A 28 1.16 -4.52 4.87
C LEU A 28 0.32 -3.80 5.94
N GLU A 29 -0.87 -4.35 6.24
CA GLU A 29 -1.76 -3.85 7.30
C GLU A 29 -1.04 -3.91 8.64
N GLU A 30 -0.62 -5.14 9.01
CA GLU A 30 0.09 -5.45 10.26
C GLU A 30 1.30 -4.51 10.43
N ALA A 31 2.12 -4.44 9.37
CA ALA A 31 3.34 -3.62 9.31
C ALA A 31 3.07 -2.14 9.63
N ALA A 32 2.05 -1.58 8.95
CA ALA A 32 1.60 -0.19 9.16
C ALA A 32 0.99 0.05 10.57
N VAL A 33 0.38 -1.00 11.16
CA VAL A 33 -0.24 -0.91 12.49
C VAL A 33 0.85 -0.83 13.57
N GLU A 34 1.95 -1.55 13.32
CA GLU A 34 3.15 -1.59 14.18
C GLU A 34 3.93 -0.26 14.09
N ALA A 35 3.86 0.37 12.90
CA ALA A 35 4.46 1.70 12.64
C ALA A 35 3.67 2.83 13.33
N GLY A 36 2.38 2.57 13.62
CA GLY A 36 1.58 3.42 14.52
C GLY A 36 0.81 4.54 13.84
N TYR A 37 0.52 4.39 12.54
CA TYR A 37 -0.42 5.28 11.80
C TYR A 37 -1.62 4.49 11.28
N GLU A 38 -2.55 5.22 10.62
CA GLU A 38 -3.75 4.60 10.01
C GLU A 38 -3.35 3.85 8.73
N VAL A 39 -4.04 2.75 8.40
CA VAL A 39 -3.77 1.97 7.19
C VAL A 39 -5.07 1.77 6.38
N LYS A 40 -4.96 1.88 5.05
CA LYS A 40 -6.09 1.59 4.13
C LYS A 40 -5.52 0.98 2.83
N ILE A 41 -5.77 -0.31 2.61
CA ILE A 41 -5.22 -1.03 1.43
C ILE A 41 -6.34 -1.49 0.50
N GLU A 42 -6.40 -0.88 -0.69
CA GLU A 42 -7.25 -1.34 -1.81
C GLU A 42 -6.65 -2.60 -2.42
N THR A 43 -7.51 -3.50 -2.86
CA THR A 43 -7.13 -4.77 -3.48
C THR A 43 -7.86 -4.93 -4.81
N GLN A 44 -7.13 -4.92 -5.92
CA GLN A 44 -7.70 -5.07 -7.27
C GLN A 44 -7.40 -6.48 -7.81
N GLY A 45 -8.36 -7.03 -8.56
CA GLY A 45 -8.23 -8.35 -9.15
C GLY A 45 -9.23 -8.57 -10.27
N ALA A 46 -8.98 -9.60 -11.10
CA ALA A 46 -9.92 -10.03 -12.17
C ALA A 46 -11.25 -10.54 -11.56
N ASP A 47 -11.17 -10.98 -10.28
CA ASP A 47 -12.34 -11.42 -9.48
C ASP A 47 -13.21 -10.21 -9.04
N GLY A 48 -12.54 -9.07 -8.75
CA GLY A 48 -13.21 -7.84 -8.30
C GLY A 48 -12.25 -6.88 -7.60
N ILE A 49 -12.80 -5.78 -7.04
CA ILE A 49 -12.01 -4.81 -6.23
C ILE A 49 -12.65 -4.68 -4.84
N GLN A 50 -11.82 -4.71 -3.79
CA GLN A 50 -12.23 -4.64 -2.39
C GLN A 50 -11.46 -3.52 -1.68
N ASN A 51 -12.11 -2.91 -0.65
CA ASN A 51 -11.49 -1.92 0.25
C ASN A 51 -11.02 -0.67 -0.54
N ARG A 52 -11.87 -0.26 -1.52
CA ARG A 52 -11.63 0.85 -2.47
C ARG A 52 -11.14 2.14 -1.76
N LEU A 53 -9.96 2.59 -2.20
CA LEU A 53 -9.35 3.86 -1.75
C LEU A 53 -10.15 5.07 -2.28
N THR A 54 -10.39 6.02 -1.37
CA THR A 54 -11.03 7.29 -1.69
C THR A 54 -9.96 8.33 -2.02
N ALA A 55 -10.36 9.44 -2.66
CA ALA A 55 -9.45 10.58 -2.90
C ALA A 55 -8.93 11.17 -1.57
N GLN A 56 -9.72 10.99 -0.49
CA GLN A 56 -9.35 11.42 0.87
C GLN A 56 -8.21 10.55 1.42
N ASP A 57 -8.29 9.22 1.21
CA ASP A 57 -7.22 8.27 1.62
C ASP A 57 -5.89 8.65 0.96
N ILE A 58 -5.96 8.97 -0.34
CA ILE A 58 -4.79 9.36 -1.15
C ILE A 58 -4.25 10.76 -0.72
N ALA A 59 -5.15 11.60 -0.19
CA ALA A 59 -4.83 12.96 0.30
C ALA A 59 -4.13 12.93 1.68
N GLU A 60 -4.62 12.04 2.57
CA GLU A 60 -4.08 11.87 3.95
C GLU A 60 -2.74 11.13 3.93
N ALA A 61 -2.61 10.23 2.94
CA ALA A 61 -1.49 9.26 2.81
C ALA A 61 -0.11 9.93 2.88
N THR A 62 0.51 9.87 4.06
CA THR A 62 1.92 10.22 4.26
C THR A 62 2.80 9.25 3.44
N ILE A 63 2.33 7.99 3.34
CA ILE A 63 3.01 6.90 2.60
C ILE A 63 2.00 6.16 1.69
N ILE A 64 2.44 5.79 0.46
CA ILE A 64 1.67 4.92 -0.48
C ILE A 64 2.58 3.80 -0.98
N ILE A 65 2.06 2.56 -1.07
CA ILE A 65 2.77 1.40 -1.67
C ILE A 65 1.89 0.76 -2.78
N HIS A 66 2.43 0.54 -3.99
CA HIS A 66 1.74 -0.26 -5.03
C HIS A 66 2.39 -1.65 -5.12
N SER A 67 1.89 -2.55 -4.28
CA SER A 67 2.27 -3.96 -4.24
C SER A 67 1.48 -4.73 -5.30
N VAL A 68 1.97 -4.69 -6.54
CA VAL A 68 1.21 -5.20 -7.70
C VAL A 68 2.04 -6.19 -8.52
N ALA A 69 1.32 -6.93 -9.37
CA ALA A 69 1.90 -7.86 -10.35
C ALA A 69 1.53 -7.41 -11.77
N VAL A 70 0.54 -6.50 -11.85
CA VAL A 70 0.03 -5.90 -13.08
C VAL A 70 -0.06 -4.37 -12.91
N THR A 71 -0.47 -3.66 -13.98
CA THR A 71 -0.86 -2.25 -13.89
C THR A 71 -2.23 -2.17 -13.17
N PRO A 72 -2.32 -1.56 -11.95
CA PRO A 72 -3.61 -1.36 -11.28
C PRO A 72 -4.46 -0.31 -12.04
N GLU A 73 -5.79 -0.49 -12.03
CA GLU A 73 -6.72 0.34 -12.83
C GLU A 73 -6.70 1.80 -12.38
N ASP A 74 -6.52 1.99 -11.07
CA ASP A 74 -6.58 3.30 -10.41
C ASP A 74 -5.19 3.92 -10.23
N ASN A 75 -4.16 3.31 -10.86
CA ASN A 75 -2.75 3.79 -10.80
C ASN A 75 -2.62 5.26 -11.28
N GLU A 76 -3.45 5.62 -12.26
CA GLU A 76 -3.56 6.97 -12.84
C GLU A 76 -3.94 8.06 -11.81
N ARG A 77 -4.57 7.64 -10.70
CA ARG A 77 -5.03 8.55 -9.63
C ARG A 77 -3.91 8.79 -8.59
N PHE A 78 -2.91 7.89 -8.59
CA PHE A 78 -1.72 7.96 -7.71
C PHE A 78 -0.50 8.50 -8.49
N GLU A 79 -0.72 8.95 -9.73
CA GLU A 79 0.34 9.35 -10.70
C GLU A 79 1.25 10.47 -10.14
N SER A 80 0.63 11.55 -9.64
CA SER A 80 1.36 12.72 -9.11
C SER A 80 1.72 12.56 -7.62
N ARG A 81 1.16 11.53 -6.97
CA ARG A 81 1.34 11.26 -5.52
C ARG A 81 2.58 10.36 -5.28
N ASP A 82 3.13 10.42 -4.05
CA ASP A 82 4.38 9.71 -3.70
C ASP A 82 4.11 8.22 -3.42
N VAL A 83 4.30 7.38 -4.45
CA VAL A 83 4.05 5.93 -4.38
C VAL A 83 5.36 5.14 -4.42
N TYR A 84 5.41 4.07 -3.62
CA TYR A 84 6.54 3.13 -3.56
C TYR A 84 6.12 1.80 -4.17
N GLU A 85 6.37 1.68 -5.49
CA GLU A 85 5.99 0.49 -6.28
C GLU A 85 6.95 -0.68 -6.02
N ILE A 86 6.35 -1.86 -5.79
CA ILE A 86 7.05 -3.14 -5.60
C ILE A 86 6.19 -4.26 -6.22
N THR A 87 6.60 -5.51 -6.01
CA THR A 87 5.78 -6.68 -6.34
C THR A 87 4.85 -7.03 -5.18
N LEU A 88 3.72 -7.65 -5.52
CA LEU A 88 2.73 -8.13 -4.52
C LEU A 88 3.32 -9.26 -3.66
N GLN A 89 4.25 -10.02 -4.26
CA GLN A 89 5.05 -11.04 -3.56
C GLN A 89 5.87 -10.41 -2.40
N ASP A 90 6.53 -9.26 -2.71
CA ASP A 90 7.37 -8.54 -1.74
C ASP A 90 6.54 -8.04 -0.55
N ALA A 91 5.27 -7.69 -0.82
CA ALA A 91 4.32 -7.21 0.19
C ALA A 91 4.02 -8.25 1.27
N ILE A 92 4.06 -9.52 0.85
CA ILE A 92 3.79 -10.66 1.74
C ILE A 92 5.03 -10.98 2.60
N LYS A 93 6.16 -11.23 1.93
CA LYS A 93 7.41 -11.68 2.57
C LYS A 93 8.09 -10.55 3.39
N ASN A 94 8.21 -9.37 2.77
CA ASN A 94 8.99 -8.23 3.30
C ASN A 94 8.07 -7.13 3.86
N ALA A 95 6.83 -7.50 4.24
CA ALA A 95 5.76 -6.57 4.70
C ALA A 95 6.28 -5.43 5.60
N ALA A 96 6.84 -5.83 6.75
CA ALA A 96 7.36 -4.91 7.76
C ALA A 96 8.61 -4.17 7.26
N GLY A 97 9.39 -4.85 6.38
CA GLY A 97 10.60 -4.28 5.81
C GLY A 97 10.30 -3.07 4.94
N ILE A 98 9.26 -3.19 4.09
CA ILE A 98 8.82 -2.14 3.16
C ILE A 98 8.39 -0.88 3.93
N ILE A 99 7.44 -1.07 4.87
CA ILE A 99 6.88 0.04 5.68
C ILE A 99 8.00 0.79 6.43
N LYS A 100 8.88 0.02 7.14
CA LYS A 100 9.95 0.61 7.97
C LYS A 100 11.03 1.28 7.10
N GLU A 101 11.19 0.79 5.85
CA GLU A 101 12.12 1.38 4.85
C GLU A 101 11.69 2.81 4.53
N ILE A 102 10.37 3.00 4.37
CA ILE A 102 9.80 4.29 3.97
C ILE A 102 9.82 5.23 5.18
N GLU A 103 9.56 4.65 6.35
CA GLU A 103 9.60 5.32 7.64
C GLU A 103 10.98 5.87 7.96
N GLU A 104 12.04 5.07 7.71
CA GLU A 104 13.43 5.47 8.06
C GLU A 104 13.97 6.49 7.04
N MET A 105 13.49 6.41 5.79
CA MET A 105 13.85 7.37 4.73
C MET A 105 13.24 8.76 5.04
N ILE A 106 11.90 8.80 5.26
CA ILE A 106 11.18 10.04 5.59
C ILE A 106 11.72 10.63 6.91
N ALA A 107 11.90 9.78 7.93
CA ALA A 107 12.42 10.20 9.24
C ALA A 107 13.78 10.90 9.10
N SER A 108 14.70 10.26 8.33
CA SER A 108 16.11 10.70 8.23
C SER A 108 16.22 12.10 7.59
N GLU A 109 15.44 12.35 6.52
CA GLU A 109 15.43 13.64 5.81
C GLU A 109 14.69 14.73 6.61
N GLN A 110 13.77 14.34 7.52
CA GLN A 110 13.06 15.28 8.41
C GLN A 110 13.87 15.54 9.71
N GLN A 111 14.81 14.63 10.03
CA GLN A 111 15.76 14.79 11.16
C GLN A 111 16.92 15.71 10.71
N MET A 4 0.35 14.90 14.79
CA MET A 4 0.78 13.97 15.86
C MET A 4 1.01 12.57 15.26
N SER A 5 -0.09 11.96 14.76
CA SER A 5 -0.04 10.67 14.03
C SER A 5 -0.17 10.93 12.52
N LYS A 6 -0.12 9.86 11.73
CA LYS A 6 0.01 9.90 10.26
C LYS A 6 -0.92 8.88 9.60
N LYS A 7 -0.72 8.64 8.29
CA LYS A 7 -1.57 7.69 7.51
C LYS A 7 -0.69 6.98 6.44
N LEU A 8 -1.00 5.70 6.19
CA LEU A 8 -0.37 4.87 5.16
C LEU A 8 -1.50 4.22 4.36
N ILE A 9 -1.36 4.21 3.04
CA ILE A 9 -2.25 3.45 2.16
C ILE A 9 -1.39 2.56 1.26
N ALA A 10 -1.99 1.52 0.71
CA ALA A 10 -1.33 0.61 -0.23
C ALA A 10 -2.33 0.05 -1.22
N LEU A 11 -1.82 -0.56 -2.29
CA LEU A 11 -2.65 -1.13 -3.35
C LEU A 11 -2.03 -2.46 -3.76
N CYS A 12 -2.75 -3.54 -3.45
CA CYS A 12 -2.38 -4.89 -3.85
C CYS A 12 -3.20 -5.31 -5.08
N ALA A 13 -2.53 -5.51 -6.23
CA ALA A 13 -3.21 -5.89 -7.50
C ALA A 13 -2.52 -7.10 -8.15
N CYS A 14 -3.28 -8.18 -8.39
CA CYS A 14 -2.79 -9.41 -9.05
C CYS A 14 -3.80 -9.91 -10.10
N PRO A 15 -3.29 -10.55 -11.21
CA PRO A 15 -4.16 -11.19 -12.23
C PRO A 15 -4.66 -12.57 -11.76
N MET A 16 -4.03 -13.06 -10.66
CA MET A 16 -4.35 -14.32 -9.99
C MET A 16 -5.76 -14.25 -9.39
N GLY A 17 -6.06 -13.09 -8.76
CA GLY A 17 -7.35 -12.84 -8.12
C GLY A 17 -7.20 -12.06 -6.83
N LEU A 18 -8.34 -11.82 -6.15
CA LEU A 18 -8.39 -11.04 -4.90
C LEU A 18 -7.81 -11.81 -3.70
N ALA A 19 -7.84 -13.15 -3.74
CA ALA A 19 -7.30 -13.99 -2.64
C ALA A 19 -5.80 -13.70 -2.40
N HIS A 20 -5.06 -13.55 -3.51
CA HIS A 20 -3.62 -13.26 -3.49
C HIS A 20 -3.36 -11.84 -2.94
N THR A 21 -4.20 -10.90 -3.41
CA THR A 21 -4.12 -9.49 -3.01
C THR A 21 -4.46 -9.30 -1.52
N PHE A 22 -5.34 -10.19 -0.98
CA PHE A 22 -5.74 -10.17 0.43
C PHE A 22 -4.60 -10.62 1.34
N MET A 23 -3.75 -11.56 0.85
CA MET A 23 -2.56 -12.01 1.60
C MET A 23 -1.54 -10.86 1.77
N ALA A 24 -1.38 -10.05 0.71
CA ALA A 24 -0.54 -8.84 0.75
C ALA A 24 -1.19 -7.74 1.60
N ALA A 25 -2.53 -7.63 1.51
CA ALA A 25 -3.33 -6.64 2.26
C ALA A 25 -3.23 -6.90 3.76
N GLN A 26 -3.23 -8.18 4.14
CA GLN A 26 -3.14 -8.60 5.54
C GLN A 26 -1.74 -8.28 6.10
N ALA A 27 -0.71 -8.63 5.29
CA ALA A 27 0.70 -8.46 5.66
C ALA A 27 1.03 -6.98 5.93
N LEU A 28 0.77 -6.12 4.92
CA LEU A 28 1.06 -4.68 5.00
C LEU A 28 0.21 -3.98 6.09
N GLU A 29 -1.02 -4.48 6.31
CA GLU A 29 -1.94 -3.91 7.31
C GLU A 29 -1.33 -4.00 8.71
N GLU A 30 -0.97 -5.24 9.11
CA GLU A 30 -0.35 -5.55 10.41
C GLU A 30 0.91 -4.71 10.64
N ALA A 31 1.79 -4.69 9.65
CA ALA A 31 3.10 -3.99 9.72
C ALA A 31 2.93 -2.46 9.85
N ALA A 32 1.91 -1.91 9.17
CA ALA A 32 1.58 -0.47 9.23
C ALA A 32 0.90 -0.09 10.54
N VAL A 33 0.25 -1.07 11.21
CA VAL A 33 -0.35 -0.88 12.54
C VAL A 33 0.80 -0.69 13.56
N GLU A 34 1.84 -1.51 13.38
CA GLU A 34 3.06 -1.53 14.20
C GLU A 34 3.91 -0.27 13.96
N ALA A 35 3.77 0.33 12.76
CA ALA A 35 4.49 1.57 12.38
C ALA A 35 3.78 2.85 12.91
N GLY A 36 2.62 2.66 13.58
CA GLY A 36 2.02 3.72 14.42
C GLY A 36 1.09 4.69 13.70
N TYR A 37 0.60 4.32 12.50
CA TYR A 37 -0.39 5.13 11.75
C TYR A 37 -1.58 4.31 11.28
N GLU A 38 -2.55 5.03 10.67
CA GLU A 38 -3.74 4.41 10.05
C GLU A 38 -3.32 3.70 8.75
N VAL A 39 -4.01 2.62 8.39
CA VAL A 39 -3.70 1.86 7.18
C VAL A 39 -5.00 1.56 6.39
N LYS A 40 -4.93 1.75 5.06
CA LYS A 40 -6.03 1.42 4.15
C LYS A 40 -5.46 0.85 2.85
N ILE A 41 -5.72 -0.43 2.57
CA ILE A 41 -5.15 -1.12 1.39
C ILE A 41 -6.25 -1.57 0.42
N GLU A 42 -6.30 -0.92 -0.75
CA GLU A 42 -7.17 -1.32 -1.86
C GLU A 42 -6.61 -2.58 -2.53
N THR A 43 -7.52 -3.45 -2.98
CA THR A 43 -7.17 -4.72 -3.59
C THR A 43 -7.89 -4.86 -4.94
N GLN A 44 -7.12 -4.88 -6.04
CA GLN A 44 -7.67 -5.05 -7.40
C GLN A 44 -7.28 -6.43 -7.94
N GLY A 45 -8.21 -7.08 -8.66
CA GLY A 45 -7.97 -8.39 -9.24
C GLY A 45 -9.02 -8.73 -10.27
N ALA A 46 -8.93 -9.95 -10.83
CA ALA A 46 -9.86 -10.45 -11.86
C ALA A 46 -11.31 -10.49 -11.32
N ASP A 47 -11.45 -10.74 -10.01
CA ASP A 47 -12.75 -10.75 -9.32
C ASP A 47 -13.38 -9.34 -9.29
N GLY A 48 -12.54 -8.32 -9.07
CA GLY A 48 -12.98 -6.93 -8.94
C GLY A 48 -12.07 -6.13 -8.03
N ILE A 49 -12.60 -5.00 -7.49
CA ILE A 49 -11.87 -4.12 -6.56
C ILE A 49 -12.56 -4.12 -5.19
N GLN A 50 -11.76 -4.18 -4.12
CA GLN A 50 -12.24 -4.28 -2.74
C GLN A 50 -11.41 -3.33 -1.85
N ASN A 51 -12.03 -2.82 -0.76
CA ASN A 51 -11.38 -1.95 0.24
C ASN A 51 -10.88 -0.63 -0.45
N ARG A 52 -11.70 -0.16 -1.43
CA ARG A 52 -11.44 0.99 -2.31
C ARG A 52 -10.85 2.21 -1.55
N LEU A 53 -9.71 2.69 -2.05
CA LEU A 53 -9.09 3.93 -1.62
C LEU A 53 -9.80 5.14 -2.25
N THR A 54 -10.17 6.08 -1.39
CA THR A 54 -10.78 7.35 -1.80
C THR A 54 -9.69 8.42 -1.87
N ALA A 55 -10.01 9.57 -2.51
CA ALA A 55 -9.07 10.70 -2.63
C ALA A 55 -8.63 11.22 -1.25
N GLN A 56 -9.53 11.08 -0.25
CA GLN A 56 -9.27 11.45 1.15
C GLN A 56 -8.11 10.61 1.75
N ASP A 57 -8.10 9.30 1.44
CA ASP A 57 -7.04 8.37 1.88
C ASP A 57 -5.69 8.77 1.25
N ILE A 58 -5.72 9.07 -0.06
CA ILE A 58 -4.52 9.45 -0.84
C ILE A 58 -3.99 10.84 -0.41
N ALA A 59 -4.91 11.70 0.08
CA ALA A 59 -4.59 13.07 0.51
C ALA A 59 -3.82 13.06 1.85
N GLU A 60 -4.31 12.23 2.81
CA GLU A 60 -3.70 12.10 4.14
C GLU A 60 -2.54 11.11 4.14
N ALA A 61 -2.39 10.35 3.04
CA ALA A 61 -1.35 9.32 2.90
C ALA A 61 0.07 9.91 2.98
N THR A 62 0.68 9.77 4.16
CA THR A 62 2.11 10.04 4.39
C THR A 62 2.94 9.08 3.52
N ILE A 63 2.49 7.82 3.47
CA ILE A 63 3.14 6.74 2.69
C ILE A 63 2.12 6.05 1.78
N ILE A 64 2.56 5.72 0.54
CA ILE A 64 1.77 4.89 -0.41
C ILE A 64 2.67 3.78 -0.96
N ILE A 65 2.17 2.54 -0.99
CA ILE A 65 2.87 1.40 -1.63
C ILE A 65 1.95 0.82 -2.73
N HIS A 66 2.50 0.50 -3.92
CA HIS A 66 1.78 -0.29 -4.94
C HIS A 66 2.40 -1.68 -5.01
N SER A 67 1.89 -2.55 -4.13
CA SER A 67 2.26 -3.96 -4.07
C SER A 67 1.51 -4.72 -5.16
N VAL A 68 2.02 -4.64 -6.39
CA VAL A 68 1.29 -5.12 -7.56
C VAL A 68 2.13 -6.08 -8.40
N ALA A 69 1.43 -6.86 -9.23
CA ALA A 69 2.00 -7.77 -10.23
C ALA A 69 1.54 -7.32 -11.62
N VAL A 70 0.48 -6.48 -11.64
CA VAL A 70 -0.07 -5.84 -12.84
C VAL A 70 -0.31 -4.36 -12.55
N THR A 71 -0.43 -3.55 -13.62
CA THR A 71 -0.79 -2.13 -13.51
C THR A 71 -2.27 -2.01 -13.08
N PRO A 72 -2.56 -1.55 -11.81
CA PRO A 72 -3.95 -1.45 -11.31
C PRO A 72 -4.75 -0.38 -12.07
N GLU A 73 -6.08 -0.59 -12.19
CA GLU A 73 -6.96 0.24 -13.04
C GLU A 73 -6.98 1.72 -12.58
N ASP A 74 -6.83 1.93 -11.26
CA ASP A 74 -6.92 3.27 -10.64
C ASP A 74 -5.53 3.81 -10.28
N ASN A 75 -4.46 3.29 -10.93
CA ASN A 75 -3.06 3.68 -10.63
C ASN A 75 -2.81 5.18 -10.86
N GLU A 76 -3.57 5.77 -11.81
CA GLU A 76 -3.48 7.20 -12.19
C GLU A 76 -3.70 8.16 -11.00
N ARG A 77 -4.57 7.76 -10.05
CA ARG A 77 -4.86 8.56 -8.82
C ARG A 77 -3.57 8.76 -7.99
N PHE A 78 -2.77 7.68 -7.97
CA PHE A 78 -1.58 7.54 -7.12
C PHE A 78 -0.31 7.95 -7.89
N GLU A 79 -0.40 7.94 -9.23
CA GLU A 79 0.74 8.23 -10.14
C GLU A 79 1.27 9.67 -9.94
N SER A 80 0.35 10.57 -9.55
CA SER A 80 0.67 11.98 -9.26
C SER A 80 1.26 12.18 -7.84
N ARG A 81 1.25 11.08 -7.04
CA ARG A 81 1.60 11.11 -5.60
C ARG A 81 2.86 10.26 -5.33
N ASP A 82 3.41 10.36 -4.10
CA ASP A 82 4.64 9.63 -3.70
C ASP A 82 4.32 8.16 -3.37
N VAL A 83 4.53 7.28 -4.37
CA VAL A 83 4.24 5.84 -4.28
C VAL A 83 5.50 5.01 -4.47
N TYR A 84 5.61 3.92 -3.70
CA TYR A 84 6.72 2.96 -3.76
C TYR A 84 6.21 1.66 -4.39
N GLU A 85 6.39 1.56 -5.72
CA GLU A 85 5.86 0.45 -6.53
C GLU A 85 6.79 -0.77 -6.48
N ILE A 86 6.27 -1.85 -5.89
CA ILE A 86 6.99 -3.13 -5.69
C ILE A 86 6.16 -4.28 -6.29
N THR A 87 6.63 -5.53 -6.07
CA THR A 87 5.84 -6.72 -6.37
C THR A 87 4.90 -7.04 -5.19
N LEU A 88 3.74 -7.63 -5.52
CA LEU A 88 2.73 -8.05 -4.51
C LEU A 88 3.28 -9.12 -3.57
N GLN A 89 4.16 -9.97 -4.12
CA GLN A 89 4.87 -11.01 -3.37
C GLN A 89 5.74 -10.39 -2.27
N ASP A 90 6.47 -9.29 -2.60
CA ASP A 90 7.35 -8.56 -1.67
C ASP A 90 6.55 -8.03 -0.46
N ALA A 91 5.27 -7.69 -0.69
CA ALA A 91 4.35 -7.21 0.36
C ALA A 91 4.04 -8.31 1.38
N ILE A 92 3.84 -9.55 0.87
CA ILE A 92 3.46 -10.70 1.69
C ILE A 92 4.62 -11.13 2.61
N LYS A 93 5.85 -11.13 2.05
CA LYS A 93 7.06 -11.60 2.78
C LYS A 93 7.73 -10.48 3.60
N ASN A 94 7.89 -9.31 2.96
CA ASN A 94 8.74 -8.20 3.47
C ASN A 94 7.88 -7.03 3.97
N ALA A 95 6.64 -7.32 4.40
CA ALA A 95 5.65 -6.30 4.85
C ALA A 95 6.27 -5.22 5.77
N ALA A 96 6.87 -5.69 6.88
CA ALA A 96 7.54 -4.84 7.85
C ALA A 96 8.73 -4.11 7.22
N GLY A 97 9.51 -4.84 6.41
CA GLY A 97 10.72 -4.32 5.79
C GLY A 97 10.47 -3.11 4.90
N ILE A 98 9.45 -3.21 4.02
CA ILE A 98 9.08 -2.16 3.05
C ILE A 98 8.67 -0.89 3.79
N ILE A 99 7.67 -1.07 4.66
CA ILE A 99 7.03 0.00 5.43
C ILE A 99 8.05 0.77 6.30
N LYS A 100 8.90 0.03 7.03
CA LYS A 100 9.92 0.62 7.93
C LYS A 100 11.02 1.34 7.12
N GLU A 101 11.32 0.82 5.90
CA GLU A 101 12.25 1.46 4.94
C GLU A 101 11.74 2.86 4.60
N ILE A 102 10.43 2.97 4.36
CA ILE A 102 9.83 4.23 3.91
C ILE A 102 9.72 5.20 5.11
N GLU A 103 9.53 4.61 6.30
CA GLU A 103 9.49 5.33 7.58
C GLU A 103 10.81 6.04 7.87
N GLU A 104 11.93 5.32 7.71
CA GLU A 104 13.28 5.85 8.02
C GLU A 104 13.73 6.86 6.94
N MET A 105 13.35 6.57 5.68
CA MET A 105 13.66 7.41 4.51
C MET A 105 12.92 8.76 4.58
N ILE A 106 11.59 8.70 4.78
CA ILE A 106 10.75 9.91 4.93
C ILE A 106 11.10 10.67 6.23
N ALA A 107 11.45 9.94 7.31
CA ALA A 107 11.91 10.56 8.57
C ALA A 107 13.16 11.42 8.32
N SER A 108 14.10 10.85 7.55
CA SER A 108 15.43 11.44 7.32
C SER A 108 15.34 12.74 6.50
N GLU A 109 14.39 12.79 5.54
CA GLU A 109 14.15 14.00 4.73
C GLU A 109 13.34 15.06 5.50
N GLN A 110 12.48 14.60 6.45
CA GLN A 110 11.69 15.51 7.32
C GLN A 110 12.56 16.06 8.47
N GLN A 111 13.76 15.49 8.66
CA GLN A 111 14.77 16.04 9.58
C GLN A 111 15.57 17.15 8.85
N MET A 4 0.40 14.69 13.80
CA MET A 4 0.92 13.63 14.69
C MET A 4 0.41 12.25 14.22
N SER A 5 -0.92 12.15 14.00
CA SER A 5 -1.55 10.91 13.52
C SER A 5 -1.30 10.74 12.00
N LYS A 6 -0.24 9.99 11.68
CA LYS A 6 0.17 9.70 10.29
C LYS A 6 -0.77 8.67 9.62
N LYS A 7 -0.66 8.52 8.29
CA LYS A 7 -1.60 7.71 7.48
C LYS A 7 -0.81 7.02 6.34
N LEU A 8 -1.03 5.71 6.17
CA LEU A 8 -0.41 4.90 5.13
C LEU A 8 -1.51 4.19 4.35
N ILE A 9 -1.37 4.14 3.05
CA ILE A 9 -2.26 3.35 2.19
C ILE A 9 -1.40 2.46 1.29
N ALA A 10 -2.04 1.46 0.70
CA ALA A 10 -1.38 0.54 -0.24
C ALA A 10 -2.39 0.00 -1.23
N LEU A 11 -1.88 -0.66 -2.28
CA LEU A 11 -2.69 -1.21 -3.35
C LEU A 11 -2.06 -2.55 -3.73
N CYS A 12 -2.81 -3.63 -3.50
CA CYS A 12 -2.41 -4.98 -3.85
C CYS A 12 -3.25 -5.43 -5.07
N ALA A 13 -2.60 -5.63 -6.24
CA ALA A 13 -3.32 -5.98 -7.49
C ALA A 13 -2.74 -7.24 -8.17
N CYS A 14 -3.61 -8.23 -8.46
CA CYS A 14 -3.25 -9.51 -9.10
C CYS A 14 -4.07 -9.73 -10.38
N PRO A 15 -3.49 -10.36 -11.45
CA PRO A 15 -4.26 -10.76 -12.65
C PRO A 15 -5.12 -12.01 -12.41
N MET A 16 -4.85 -12.74 -11.30
CA MET A 16 -5.59 -13.95 -10.93
C MET A 16 -6.88 -13.57 -10.16
N GLY A 17 -6.72 -13.11 -8.90
CA GLY A 17 -7.88 -12.79 -8.06
C GLY A 17 -7.49 -12.08 -6.76
N LEU A 18 -8.50 -11.86 -5.90
CA LEU A 18 -8.36 -11.07 -4.66
C LEU A 18 -7.78 -11.88 -3.48
N ALA A 19 -7.79 -13.22 -3.54
CA ALA A 19 -7.26 -14.06 -2.44
C ALA A 19 -5.75 -13.76 -2.18
N HIS A 20 -4.99 -13.62 -3.29
CA HIS A 20 -3.56 -13.31 -3.27
C HIS A 20 -3.33 -11.89 -2.73
N THR A 21 -4.18 -10.96 -3.19
CA THR A 21 -4.11 -9.54 -2.83
C THR A 21 -4.42 -9.34 -1.33
N PHE A 22 -5.28 -10.21 -0.76
CA PHE A 22 -5.69 -10.15 0.66
C PHE A 22 -4.55 -10.62 1.59
N MET A 23 -3.72 -11.57 1.13
CA MET A 23 -2.50 -11.99 1.88
C MET A 23 -1.49 -10.84 1.96
N ALA A 24 -1.36 -10.10 0.84
CA ALA A 24 -0.53 -8.88 0.76
C ALA A 24 -1.13 -7.75 1.62
N ALA A 25 -2.47 -7.63 1.58
CA ALA A 25 -3.22 -6.60 2.31
C ALA A 25 -3.18 -6.87 3.82
N GLN A 26 -3.13 -8.16 4.19
CA GLN A 26 -3.03 -8.59 5.60
C GLN A 26 -1.67 -8.18 6.17
N ALA A 27 -0.61 -8.51 5.41
CA ALA A 27 0.77 -8.30 5.82
C ALA A 27 1.11 -6.78 5.94
N LEU A 28 0.79 -6.00 4.89
CA LEU A 28 1.05 -4.54 4.86
C LEU A 28 0.23 -3.79 5.92
N GLU A 29 -0.98 -4.31 6.22
CA GLU A 29 -1.86 -3.77 7.28
C GLU A 29 -1.13 -3.83 8.62
N GLU A 30 -0.74 -5.06 9.01
CA GLU A 30 -0.07 -5.34 10.29
C GLU A 30 1.17 -4.46 10.46
N ALA A 31 1.99 -4.41 9.40
CA ALA A 31 3.26 -3.66 9.37
C ALA A 31 3.06 -2.16 9.64
N ALA A 32 2.09 -1.56 8.93
CA ALA A 32 1.73 -0.13 9.06
C ALA A 32 1.01 0.20 10.39
N VAL A 33 0.40 -0.81 11.03
CA VAL A 33 -0.29 -0.64 12.34
C VAL A 33 0.77 -0.57 13.46
N GLU A 34 1.75 -1.48 13.37
CA GLU A 34 2.92 -1.53 14.26
C GLU A 34 3.80 -0.27 14.09
N ALA A 35 3.80 0.26 12.85
CA ALA A 35 4.48 1.50 12.47
C ALA A 35 3.81 2.72 13.12
N GLY A 36 2.48 2.68 13.16
CA GLY A 36 1.67 3.69 13.86
C GLY A 36 0.89 4.61 12.95
N TYR A 37 0.63 4.19 11.69
CA TYR A 37 -0.28 4.94 10.79
C TYR A 37 -1.69 4.35 10.85
N GLU A 38 -2.66 5.13 10.37
CA GLU A 38 -3.95 4.61 9.93
C GLU A 38 -3.71 3.96 8.57
N VAL A 39 -4.05 2.67 8.42
CA VAL A 39 -3.72 1.92 7.20
C VAL A 39 -5.00 1.58 6.43
N LYS A 40 -4.95 1.76 5.10
CA LYS A 40 -6.07 1.46 4.20
C LYS A 40 -5.53 0.90 2.89
N ILE A 41 -5.82 -0.37 2.60
CA ILE A 41 -5.29 -1.07 1.42
C ILE A 41 -6.41 -1.52 0.47
N GLU A 42 -6.45 -0.87 -0.71
CA GLU A 42 -7.31 -1.29 -1.83
C GLU A 42 -6.70 -2.53 -2.49
N THR A 43 -7.56 -3.47 -2.88
CA THR A 43 -7.15 -4.72 -3.52
C THR A 43 -7.87 -4.83 -4.86
N GLN A 44 -7.10 -4.96 -5.96
CA GLN A 44 -7.65 -5.05 -7.32
C GLN A 44 -7.31 -6.41 -7.95
N GLY A 45 -8.17 -6.87 -8.87
CA GLY A 45 -7.95 -8.12 -9.57
C GLY A 45 -9.05 -8.44 -10.56
N ALA A 46 -8.88 -9.58 -11.26
CA ALA A 46 -9.88 -10.11 -12.22
C ALA A 46 -11.20 -10.48 -11.50
N ASP A 47 -11.08 -10.79 -10.19
CA ASP A 47 -12.22 -11.09 -9.32
C ASP A 47 -13.03 -9.81 -9.02
N GLY A 48 -12.32 -8.67 -8.88
CA GLY A 48 -12.94 -7.36 -8.61
C GLY A 48 -12.02 -6.43 -7.82
N ILE A 49 -12.63 -5.38 -7.22
CA ILE A 49 -11.93 -4.44 -6.31
C ILE A 49 -12.60 -4.45 -4.93
N GLN A 50 -11.79 -4.47 -3.86
CA GLN A 50 -12.26 -4.53 -2.47
C GLN A 50 -11.47 -3.51 -1.63
N ASN A 51 -12.14 -2.95 -0.59
CA ASN A 51 -11.53 -2.02 0.39
C ASN A 51 -11.04 -0.73 -0.32
N ARG A 52 -11.90 -0.23 -1.24
CA ARG A 52 -11.65 0.93 -2.13
C ARG A 52 -11.05 2.16 -1.40
N LEU A 53 -9.94 2.66 -1.97
CA LEU A 53 -9.28 3.91 -1.55
C LEU A 53 -10.01 5.13 -2.14
N THR A 54 -10.18 6.15 -1.29
CA THR A 54 -10.84 7.41 -1.67
C THR A 54 -9.80 8.50 -1.95
N ALA A 55 -10.27 9.66 -2.46
CA ALA A 55 -9.41 10.86 -2.67
C ALA A 55 -8.76 11.32 -1.35
N GLN A 56 -9.52 11.17 -0.23
CA GLN A 56 -9.02 11.46 1.13
C GLN A 56 -7.79 10.61 1.47
N ASP A 57 -7.94 9.29 1.27
CA ASP A 57 -6.92 8.29 1.63
C ASP A 57 -5.61 8.55 0.88
N ILE A 58 -5.72 8.90 -0.41
CA ILE A 58 -4.55 9.15 -1.30
C ILE A 58 -3.86 10.48 -0.96
N ALA A 59 -4.68 11.53 -0.74
CA ALA A 59 -4.19 12.92 -0.55
C ALA A 59 -3.49 13.09 0.82
N GLU A 60 -4.05 12.44 1.86
CA GLU A 60 -3.53 12.53 3.24
C GLU A 60 -2.53 11.39 3.55
N ALA A 61 -2.32 10.49 2.58
CA ALA A 61 -1.35 9.37 2.71
C ALA A 61 0.09 9.89 2.84
N THR A 62 0.66 9.73 4.05
CA THR A 62 2.08 9.92 4.33
C THR A 62 2.93 8.95 3.48
N ILE A 63 2.41 7.71 3.30
CA ILE A 63 3.05 6.66 2.46
C ILE A 63 2.01 5.97 1.55
N ILE A 64 2.43 5.59 0.31
CA ILE A 64 1.65 4.72 -0.60
C ILE A 64 2.58 3.60 -1.13
N ILE A 65 2.12 2.34 -1.08
CA ILE A 65 2.85 1.19 -1.68
C ILE A 65 1.97 0.51 -2.74
N HIS A 66 2.43 0.39 -4.00
CA HIS A 66 1.72 -0.42 -5.03
C HIS A 66 2.36 -1.81 -5.11
N SER A 67 1.91 -2.69 -4.21
CA SER A 67 2.29 -4.10 -4.17
C SER A 67 1.50 -4.88 -5.21
N VAL A 68 1.97 -4.84 -6.46
CA VAL A 68 1.21 -5.37 -7.59
C VAL A 68 2.03 -6.36 -8.41
N ALA A 69 1.31 -7.20 -9.16
CA ALA A 69 1.88 -8.17 -10.11
C ALA A 69 1.68 -7.64 -11.54
N VAL A 70 0.60 -6.86 -11.72
CA VAL A 70 0.24 -6.19 -12.98
C VAL A 70 -0.08 -4.72 -12.67
N THR A 71 -0.21 -3.89 -13.72
CA THR A 71 -0.63 -2.50 -13.56
C THR A 71 -2.06 -2.45 -12.95
N PRO A 72 -2.24 -1.81 -11.75
CA PRO A 72 -3.58 -1.61 -11.15
C PRO A 72 -4.39 -0.61 -11.99
N GLU A 73 -5.74 -0.73 -11.98
CA GLU A 73 -6.62 0.14 -12.81
C GLU A 73 -6.48 1.61 -12.36
N ASP A 74 -6.45 1.79 -11.04
CA ASP A 74 -6.46 3.11 -10.39
C ASP A 74 -5.05 3.65 -10.14
N ASN A 75 -4.05 3.15 -10.91
CA ASN A 75 -2.63 3.52 -10.76
C ASN A 75 -2.38 5.05 -10.88
N GLU A 76 -3.21 5.69 -11.73
CA GLU A 76 -3.08 7.12 -12.07
C GLU A 76 -3.67 8.05 -11.00
N ARG A 77 -4.53 7.50 -10.12
CA ARG A 77 -5.10 8.27 -8.99
C ARG A 77 -4.00 8.64 -7.97
N PHE A 78 -2.96 7.78 -7.91
CA PHE A 78 -1.86 7.87 -6.93
C PHE A 78 -0.62 8.56 -7.55
N GLU A 79 -0.68 8.85 -8.87
CA GLU A 79 0.44 9.42 -9.64
C GLU A 79 0.89 10.79 -9.08
N SER A 80 -0.08 11.56 -8.56
CA SER A 80 0.15 12.90 -7.98
C SER A 80 0.90 12.84 -6.62
N ARG A 81 0.99 11.63 -6.04
CA ARG A 81 1.55 11.41 -4.68
C ARG A 81 2.79 10.49 -4.75
N ASP A 82 3.42 10.25 -3.58
CA ASP A 82 4.65 9.46 -3.45
C ASP A 82 4.30 7.97 -3.25
N VAL A 83 4.42 7.20 -4.34
CA VAL A 83 4.12 5.77 -4.37
C VAL A 83 5.43 4.96 -4.45
N TYR A 84 5.42 3.75 -3.89
CA TYR A 84 6.56 2.82 -3.91
C TYR A 84 6.08 1.48 -4.48
N GLU A 85 6.20 1.34 -5.83
CA GLU A 85 5.75 0.14 -6.55
C GLU A 85 6.76 -1.01 -6.37
N ILE A 86 6.24 -2.17 -6.03
CA ILE A 86 6.97 -3.43 -5.82
C ILE A 86 6.13 -4.58 -6.39
N THR A 87 6.57 -5.82 -6.16
CA THR A 87 5.74 -7.00 -6.42
C THR A 87 4.79 -7.26 -5.26
N LEU A 88 3.65 -7.87 -5.57
CA LEU A 88 2.64 -8.26 -4.57
C LEU A 88 3.18 -9.34 -3.61
N GLN A 89 4.11 -10.17 -4.12
CA GLN A 89 4.81 -11.18 -3.31
C GLN A 89 5.68 -10.51 -2.24
N ASP A 90 6.34 -9.39 -2.62
CA ASP A 90 7.21 -8.59 -1.71
C ASP A 90 6.41 -8.06 -0.50
N ALA A 91 5.12 -7.78 -0.72
CA ALA A 91 4.20 -7.34 0.34
C ALA A 91 3.94 -8.42 1.38
N ILE A 92 3.83 -9.66 0.90
CA ILE A 92 3.54 -10.85 1.74
C ILE A 92 4.76 -11.21 2.61
N LYS A 93 5.96 -11.16 2.02
CA LYS A 93 7.21 -11.61 2.68
C LYS A 93 7.93 -10.47 3.43
N ASN A 94 8.03 -9.30 2.79
CA ASN A 94 8.87 -8.17 3.26
C ASN A 94 7.99 -7.04 3.83
N ALA A 95 6.75 -7.37 4.26
CA ALA A 95 5.75 -6.39 4.76
C ALA A 95 6.37 -5.31 5.68
N ALA A 96 6.94 -5.77 6.80
CA ALA A 96 7.58 -4.90 7.80
C ALA A 96 8.74 -4.11 7.18
N GLY A 97 9.50 -4.79 6.28
CA GLY A 97 10.67 -4.23 5.64
C GLY A 97 10.35 -3.01 4.79
N ILE A 98 9.35 -3.16 3.92
CA ILE A 98 8.88 -2.10 3.01
C ILE A 98 8.54 -0.83 3.79
N ILE A 99 7.59 -0.98 4.76
CA ILE A 99 7.08 0.14 5.55
C ILE A 99 8.23 0.88 6.28
N LYS A 100 9.04 0.13 7.08
CA LYS A 100 10.12 0.72 7.92
C LYS A 100 11.21 1.43 7.08
N GLU A 101 11.42 0.94 5.84
CA GLU A 101 12.38 1.53 4.89
C GLU A 101 11.90 2.91 4.43
N ILE A 102 10.57 3.04 4.22
CA ILE A 102 9.97 4.30 3.78
C ILE A 102 9.91 5.27 4.97
N GLU A 103 9.66 4.71 6.17
CA GLU A 103 9.60 5.47 7.43
C GLU A 103 10.92 6.18 7.72
N GLU A 104 12.05 5.44 7.59
CA GLU A 104 13.39 5.99 7.90
C GLU A 104 13.84 7.02 6.85
N MET A 105 13.40 6.84 5.58
CA MET A 105 13.65 7.83 4.50
C MET A 105 12.95 9.16 4.81
N ILE A 106 11.65 9.06 5.18
CA ILE A 106 10.83 10.21 5.58
C ILE A 106 11.41 10.85 6.86
N ALA A 107 11.74 10.02 7.86
CA ALA A 107 12.24 10.48 9.17
C ALA A 107 13.64 11.10 9.04
N SER A 108 14.37 10.79 7.96
CA SER A 108 15.70 11.35 7.70
C SER A 108 15.57 12.80 7.18
N GLU A 109 14.59 13.02 6.29
CA GLU A 109 14.31 14.36 5.69
C GLU A 109 13.46 15.25 6.64
N GLN A 110 12.72 14.64 7.58
CA GLN A 110 11.92 15.36 8.60
C GLN A 110 12.84 15.81 9.76
N GLN A 111 13.65 14.85 10.25
CA GLN A 111 14.52 15.05 11.44
C GLN A 111 15.93 15.52 10.99
N MET A 4 2.57 13.53 15.81
CA MET A 4 1.31 13.79 15.08
C MET A 4 0.89 12.52 14.32
N SER A 5 -0.42 12.20 14.36
CA SER A 5 -0.98 10.96 13.79
C SER A 5 -0.85 10.95 12.25
N LYS A 6 -0.12 9.95 11.74
CA LYS A 6 0.18 9.79 10.30
C LYS A 6 -0.77 8.78 9.64
N LYS A 7 -0.59 8.58 8.31
CA LYS A 7 -1.51 7.75 7.50
C LYS A 7 -0.71 7.06 6.36
N LEU A 8 -0.98 5.76 6.16
CA LEU A 8 -0.36 4.93 5.11
C LEU A 8 -1.47 4.23 4.34
N ILE A 9 -1.33 4.18 3.02
CA ILE A 9 -2.21 3.39 2.17
C ILE A 9 -1.36 2.49 1.26
N ALA A 10 -2.02 1.55 0.60
CA ALA A 10 -1.36 0.64 -0.35
C ALA A 10 -2.38 0.13 -1.37
N LEU A 11 -1.87 -0.52 -2.41
CA LEU A 11 -2.69 -1.12 -3.47
C LEU A 11 -2.05 -2.45 -3.83
N CYS A 12 -2.78 -3.54 -3.59
CA CYS A 12 -2.36 -4.89 -3.93
C CYS A 12 -3.16 -5.37 -5.15
N ALA A 13 -2.48 -5.61 -6.30
CA ALA A 13 -3.15 -5.98 -7.57
C ALA A 13 -2.51 -7.24 -8.20
N CYS A 14 -3.31 -8.32 -8.31
CA CYS A 14 -2.91 -9.59 -8.97
C CYS A 14 -3.94 -9.94 -10.05
N PRO A 15 -3.50 -10.51 -11.22
CA PRO A 15 -4.41 -10.86 -12.35
C PRO A 15 -5.22 -12.15 -12.08
N MET A 16 -4.87 -12.83 -10.97
CA MET A 16 -5.49 -14.10 -10.55
C MET A 16 -6.85 -13.82 -9.86
N GLY A 17 -6.83 -12.88 -8.89
CA GLY A 17 -8.01 -12.54 -8.12
C GLY A 17 -7.68 -11.79 -6.83
N LEU A 18 -8.69 -11.66 -5.95
CA LEU A 18 -8.57 -10.90 -4.69
C LEU A 18 -7.94 -11.72 -3.54
N ALA A 19 -7.91 -13.05 -3.66
CA ALA A 19 -7.36 -13.93 -2.60
C ALA A 19 -5.86 -13.63 -2.35
N HIS A 20 -5.12 -13.51 -3.46
CA HIS A 20 -3.68 -13.24 -3.48
C HIS A 20 -3.38 -11.84 -2.89
N THR A 21 -4.26 -10.89 -3.27
CA THR A 21 -4.13 -9.49 -2.90
C THR A 21 -4.47 -9.27 -1.41
N PHE A 22 -5.39 -10.11 -0.87
CA PHE A 22 -5.80 -10.06 0.55
C PHE A 22 -4.65 -10.54 1.47
N MET A 23 -3.82 -11.48 0.97
CA MET A 23 -2.61 -11.94 1.70
C MET A 23 -1.56 -10.81 1.78
N ALA A 24 -1.40 -10.08 0.67
CA ALA A 24 -0.51 -8.88 0.61
C ALA A 24 -1.05 -7.75 1.49
N ALA A 25 -2.40 -7.61 1.49
CA ALA A 25 -3.11 -6.60 2.28
C ALA A 25 -3.01 -6.90 3.77
N GLN A 26 -3.09 -8.20 4.13
CA GLN A 26 -3.02 -8.67 5.52
C GLN A 26 -1.63 -8.34 6.11
N ALA A 27 -0.60 -8.59 5.30
CA ALA A 27 0.80 -8.33 5.66
C ALA A 27 1.05 -6.84 5.95
N LEU A 28 0.76 -5.98 4.96
CA LEU A 28 1.02 -4.53 5.04
C LEU A 28 0.13 -3.84 6.09
N GLU A 29 -1.09 -4.38 6.29
CA GLU A 29 -2.05 -3.84 7.26
C GLU A 29 -1.47 -3.92 8.67
N GLU A 30 -1.19 -5.16 9.11
CA GLU A 30 -0.61 -5.47 10.43
C GLU A 30 0.64 -4.62 10.71
N ALA A 31 1.59 -4.64 9.77
CA ALA A 31 2.91 -3.99 9.90
C ALA A 31 2.80 -2.46 10.04
N ALA A 32 1.87 -1.83 9.28
CA ALA A 32 1.66 -0.37 9.30
C ALA A 32 0.91 0.08 10.57
N VAL A 33 0.09 -0.81 11.15
CA VAL A 33 -0.62 -0.53 12.42
C VAL A 33 0.43 -0.37 13.54
N GLU A 34 1.41 -1.29 13.54
CA GLU A 34 2.50 -1.33 14.52
C GLU A 34 3.46 -0.14 14.29
N ALA A 35 3.61 0.27 13.01
CA ALA A 35 4.43 1.42 12.60
C ALA A 35 3.76 2.75 12.98
N GLY A 36 2.44 2.72 13.25
CA GLY A 36 1.74 3.81 13.93
C GLY A 36 0.94 4.73 13.02
N TYR A 37 0.56 4.26 11.83
CA TYR A 37 -0.38 5.03 10.94
C TYR A 37 -1.78 4.41 10.98
N GLU A 38 -2.73 5.12 10.34
CA GLU A 38 -3.99 4.54 9.85
C GLU A 38 -3.67 3.90 8.49
N VAL A 39 -3.95 2.60 8.34
CA VAL A 39 -3.60 1.84 7.12
C VAL A 39 -4.87 1.50 6.32
N LYS A 40 -4.81 1.68 4.99
CA LYS A 40 -5.95 1.39 4.11
C LYS A 40 -5.41 0.86 2.77
N ILE A 41 -5.73 -0.40 2.43
CA ILE A 41 -5.16 -1.09 1.25
C ILE A 41 -6.24 -1.52 0.26
N GLU A 42 -6.27 -0.87 -0.91
CA GLU A 42 -7.20 -1.22 -2.01
C GLU A 42 -6.64 -2.43 -2.78
N THR A 43 -7.41 -3.51 -2.78
CA THR A 43 -7.09 -4.73 -3.49
C THR A 43 -7.80 -4.75 -4.86
N GLN A 44 -7.07 -5.09 -5.93
CA GLN A 44 -7.60 -5.19 -7.30
C GLN A 44 -7.23 -6.56 -7.88
N GLY A 45 -8.16 -7.16 -8.64
CA GLY A 45 -7.93 -8.45 -9.27
C GLY A 45 -9.05 -8.87 -10.20
N ALA A 46 -8.87 -10.05 -10.84
CA ALA A 46 -9.87 -10.64 -11.76
C ALA A 46 -11.21 -10.93 -11.06
N ASP A 47 -11.14 -11.14 -9.74
CA ASP A 47 -12.30 -11.40 -8.88
C ASP A 47 -13.12 -10.12 -8.64
N GLY A 48 -12.43 -8.97 -8.56
CA GLY A 48 -13.06 -7.67 -8.33
C GLY A 48 -12.11 -6.64 -7.73
N ILE A 49 -12.67 -5.59 -7.11
CA ILE A 49 -11.91 -4.58 -6.33
C ILE A 49 -12.55 -4.45 -4.94
N GLN A 50 -11.72 -4.43 -3.90
CA GLN A 50 -12.18 -4.39 -2.51
C GLN A 50 -11.34 -3.39 -1.69
N ASN A 51 -11.95 -2.87 -0.59
CA ASN A 51 -11.30 -1.94 0.37
C ASN A 51 -10.88 -0.63 -0.36
N ARG A 52 -11.73 -0.21 -1.33
CA ARG A 52 -11.50 0.93 -2.22
C ARG A 52 -11.04 2.19 -1.47
N LEU A 53 -9.87 2.70 -1.86
CA LEU A 53 -9.32 3.96 -1.38
C LEU A 53 -10.14 5.14 -1.92
N THR A 54 -10.34 6.13 -1.05
CA THR A 54 -10.95 7.41 -1.41
C THR A 54 -9.83 8.41 -1.73
N ALA A 55 -10.14 9.51 -2.45
CA ALA A 55 -9.17 10.59 -2.72
C ALA A 55 -8.69 11.23 -1.40
N GLN A 56 -9.55 11.13 -0.35
CA GLN A 56 -9.23 11.55 1.02
C GLN A 56 -8.11 10.67 1.60
N ASP A 57 -8.23 9.32 1.42
CA ASP A 57 -7.19 8.36 1.85
C ASP A 57 -5.84 8.67 1.20
N ILE A 58 -5.87 8.95 -0.11
CA ILE A 58 -4.67 9.20 -0.92
C ILE A 58 -4.03 10.56 -0.58
N ALA A 59 -4.88 11.52 -0.15
CA ALA A 59 -4.44 12.86 0.27
C ALA A 59 -3.76 12.82 1.65
N GLU A 60 -4.39 12.09 2.60
CA GLU A 60 -3.88 11.90 3.97
C GLU A 60 -2.60 11.03 3.97
N ALA A 61 -2.49 10.17 2.95
CA ALA A 61 -1.41 9.19 2.82
C ALA A 61 -0.02 9.85 2.84
N THR A 62 0.60 9.80 4.03
CA THR A 62 2.01 10.14 4.25
C THR A 62 2.90 9.20 3.40
N ILE A 63 2.47 7.91 3.34
CA ILE A 63 3.18 6.85 2.57
C ILE A 63 2.18 6.03 1.73
N ILE A 64 2.57 5.66 0.49
CA ILE A 64 1.77 4.80 -0.42
C ILE A 64 2.67 3.66 -0.92
N ILE A 65 2.16 2.41 -0.97
CA ILE A 65 2.92 1.25 -1.54
C ILE A 65 2.05 0.52 -2.58
N HIS A 66 2.43 0.55 -3.88
CA HIS A 66 1.74 -0.25 -4.92
C HIS A 66 2.36 -1.64 -5.02
N SER A 67 1.87 -2.54 -4.16
CA SER A 67 2.25 -3.95 -4.14
C SER A 67 1.53 -4.70 -5.25
N VAL A 68 2.04 -4.56 -6.47
CA VAL A 68 1.33 -5.04 -7.67
C VAL A 68 2.20 -6.01 -8.49
N ALA A 69 1.52 -6.83 -9.28
CA ALA A 69 2.11 -7.76 -10.26
C ALA A 69 1.75 -7.29 -11.68
N VAL A 70 0.71 -6.42 -11.74
CA VAL A 70 0.17 -5.83 -12.98
C VAL A 70 0.06 -4.30 -12.80
N THR A 71 -0.19 -3.57 -13.91
CA THR A 71 -0.52 -2.15 -13.83
C THR A 71 -2.00 -2.00 -13.41
N PRO A 72 -2.28 -1.45 -12.18
CA PRO A 72 -3.67 -1.32 -11.67
C PRO A 72 -4.52 -0.37 -12.53
N GLU A 73 -5.85 -0.63 -12.57
CA GLU A 73 -6.82 0.20 -13.35
C GLU A 73 -6.94 1.62 -12.75
N ASP A 74 -6.61 1.72 -11.45
CA ASP A 74 -6.70 2.97 -10.69
C ASP A 74 -5.33 3.64 -10.50
N ASN A 75 -4.33 3.19 -11.29
CA ASN A 75 -2.94 3.73 -11.23
C ASN A 75 -2.92 5.27 -11.38
N GLU A 76 -3.80 5.80 -12.26
CA GLU A 76 -3.85 7.25 -12.58
C GLU A 76 -4.22 8.14 -11.35
N ARG A 77 -5.01 7.59 -10.41
CA ARG A 77 -5.34 8.27 -9.14
C ARG A 77 -4.08 8.52 -8.28
N PHE A 78 -3.18 7.52 -8.27
CA PHE A 78 -1.96 7.51 -7.45
C PHE A 78 -0.74 7.99 -8.26
N GLU A 79 -0.92 8.16 -9.58
CA GLU A 79 0.14 8.57 -10.53
C GLU A 79 0.65 9.99 -10.21
N SER A 80 -0.27 10.84 -9.73
CA SER A 80 0.04 12.23 -9.31
C SER A 80 0.78 12.27 -7.95
N ARG A 81 0.71 11.15 -7.21
CA ARG A 81 1.17 11.06 -5.81
C ARG A 81 2.51 10.31 -5.73
N ASP A 82 3.23 10.51 -4.62
CA ASP A 82 4.49 9.78 -4.32
C ASP A 82 4.17 8.36 -3.84
N VAL A 83 4.33 7.39 -4.77
CA VAL A 83 4.08 5.98 -4.51
C VAL A 83 5.38 5.18 -4.54
N TYR A 84 5.51 4.24 -3.59
CA TYR A 84 6.60 3.27 -3.54
C TYR A 84 6.08 1.95 -4.14
N GLU A 85 6.25 1.82 -5.46
CA GLU A 85 5.75 0.65 -6.21
C GLU A 85 6.74 -0.51 -6.09
N ILE A 86 6.21 -1.68 -5.70
CA ILE A 86 6.96 -2.94 -5.55
C ILE A 86 6.17 -4.08 -6.23
N THR A 87 6.63 -5.32 -6.04
CA THR A 87 5.86 -6.52 -6.41
C THR A 87 4.91 -6.91 -5.27
N LEU A 88 3.79 -7.55 -5.64
CA LEU A 88 2.78 -8.04 -4.66
C LEU A 88 3.37 -9.12 -3.74
N GLN A 89 4.32 -9.90 -4.27
CA GLN A 89 5.05 -10.92 -3.50
C GLN A 89 5.87 -10.26 -2.37
N ASP A 90 6.52 -9.12 -2.70
CA ASP A 90 7.37 -8.36 -1.75
C ASP A 90 6.56 -7.86 -0.55
N ALA A 91 5.27 -7.58 -0.77
CA ALA A 91 4.33 -7.18 0.31
C ALA A 91 4.13 -8.31 1.31
N ILE A 92 3.93 -9.52 0.79
CA ILE A 92 3.65 -10.72 1.58
C ILE A 92 4.88 -11.13 2.43
N LYS A 93 6.09 -11.07 1.82
CA LYS A 93 7.33 -11.53 2.49
C LYS A 93 7.98 -10.43 3.34
N ASN A 94 7.95 -9.19 2.85
CA ASN A 94 8.77 -8.08 3.39
C ASN A 94 7.88 -6.94 3.92
N ALA A 95 6.67 -7.27 4.42
CA ALA A 95 5.67 -6.26 4.90
C ALA A 95 6.29 -5.17 5.79
N ALA A 96 6.86 -5.62 6.93
CA ALA A 96 7.58 -4.76 7.86
C ALA A 96 8.74 -4.06 7.15
N GLY A 97 9.51 -4.85 6.36
CA GLY A 97 10.73 -4.39 5.70
C GLY A 97 10.52 -3.16 4.81
N ILE A 98 9.45 -3.18 4.01
CA ILE A 98 9.08 -2.09 3.10
C ILE A 98 8.78 -0.83 3.91
N ILE A 99 7.81 -0.98 4.82
CA ILE A 99 7.23 0.11 5.62
C ILE A 99 8.31 0.80 6.48
N LYS A 100 9.18 0.00 7.15
CA LYS A 100 10.26 0.54 8.02
C LYS A 100 11.35 1.27 7.21
N GLU A 101 11.58 0.81 5.95
CA GLU A 101 12.52 1.46 5.03
C GLU A 101 12.05 2.88 4.70
N ILE A 102 10.72 3.04 4.57
CA ILE A 102 10.13 4.34 4.23
C ILE A 102 10.04 5.23 5.49
N GLU A 103 9.83 4.57 6.65
CA GLU A 103 9.84 5.21 7.98
C GLU A 103 11.18 5.91 8.24
N GLU A 104 12.29 5.18 8.04
CA GLU A 104 13.64 5.68 8.31
C GLU A 104 14.07 6.72 7.26
N MET A 105 13.64 6.53 5.98
CA MET A 105 13.92 7.49 4.90
C MET A 105 13.28 8.85 5.19
N ILE A 106 12.00 8.82 5.61
CA ILE A 106 11.26 10.04 5.99
C ILE A 106 11.85 10.65 7.27
N ALA A 107 12.21 9.79 8.23
CA ALA A 107 12.81 10.22 9.52
C ALA A 107 14.19 10.88 9.31
N SER A 108 14.87 10.53 8.20
CA SER A 108 16.24 11.01 7.91
C SER A 108 16.19 12.31 7.09
N GLU A 109 15.17 12.44 6.20
CA GLU A 109 15.02 13.64 5.34
C GLU A 109 14.36 14.80 6.11
N GLN A 110 13.52 14.45 7.11
CA GLN A 110 12.87 15.43 7.99
C GLN A 110 13.85 15.88 9.08
N GLN A 111 14.69 14.95 9.56
CA GLN A 111 15.72 15.24 10.59
C GLN A 111 17.12 15.15 9.94
N MET A 4 2.39 14.34 13.21
CA MET A 4 2.47 13.23 14.19
C MET A 4 1.57 12.07 13.76
N SER A 5 0.25 12.32 13.72
CA SER A 5 -0.75 11.33 13.29
C SER A 5 -0.75 11.25 11.74
N LYS A 6 0.08 10.33 11.23
CA LYS A 6 0.29 10.14 9.77
C LYS A 6 -0.71 9.12 9.22
N LYS A 7 -0.59 8.83 7.92
CA LYS A 7 -1.48 7.89 7.22
C LYS A 7 -0.67 7.13 6.16
N LEU A 8 -0.91 5.82 6.06
CA LEU A 8 -0.31 4.94 5.05
C LEU A 8 -1.44 4.27 4.30
N ILE A 9 -1.33 4.22 2.98
CA ILE A 9 -2.22 3.43 2.13
C ILE A 9 -1.37 2.51 1.26
N ALA A 10 -2.01 1.47 0.72
CA ALA A 10 -1.35 0.54 -0.20
C ALA A 10 -2.38 -0.03 -1.17
N LEU A 11 -1.89 -0.64 -2.25
CA LEU A 11 -2.74 -1.19 -3.31
C LEU A 11 -2.15 -2.53 -3.71
N CYS A 12 -2.87 -3.60 -3.37
CA CYS A 12 -2.53 -4.97 -3.73
C CYS A 12 -3.36 -5.40 -4.96
N ALA A 13 -2.71 -5.52 -6.14
CA ALA A 13 -3.41 -5.89 -7.40
C ALA A 13 -2.80 -7.15 -8.03
N CYS A 14 -3.66 -8.17 -8.28
CA CYS A 14 -3.25 -9.44 -8.92
C CYS A 14 -4.17 -9.76 -10.12
N PRO A 15 -3.62 -10.40 -11.19
CA PRO A 15 -4.42 -10.98 -12.29
C PRO A 15 -4.86 -12.44 -11.98
N MET A 16 -4.24 -13.04 -10.94
CA MET A 16 -4.45 -14.43 -10.54
C MET A 16 -5.74 -14.57 -9.72
N GLY A 17 -5.80 -13.83 -8.61
CA GLY A 17 -6.95 -13.87 -7.70
C GLY A 17 -6.81 -12.94 -6.52
N LEU A 18 -7.95 -12.65 -5.86
CA LEU A 18 -8.01 -11.79 -4.67
C LEU A 18 -7.39 -12.47 -3.44
N ALA A 19 -7.23 -13.80 -3.48
CA ALA A 19 -6.54 -14.56 -2.42
C ALA A 19 -5.12 -14.02 -2.21
N HIS A 20 -4.42 -13.77 -3.33
CA HIS A 20 -3.03 -13.28 -3.32
C HIS A 20 -2.99 -11.84 -2.78
N THR A 21 -3.96 -11.02 -3.20
CA THR A 21 -4.05 -9.60 -2.83
C THR A 21 -4.35 -9.44 -1.32
N PHE A 22 -5.18 -10.35 -0.76
CA PHE A 22 -5.60 -10.29 0.66
C PHE A 22 -4.45 -10.68 1.60
N MET A 23 -3.60 -11.63 1.17
CA MET A 23 -2.42 -12.03 1.95
C MET A 23 -1.38 -10.88 2.00
N ALA A 24 -1.29 -10.15 0.88
CA ALA A 24 -0.45 -8.93 0.78
C ALA A 24 -1.03 -7.79 1.61
N ALA A 25 -2.37 -7.65 1.55
CA ALA A 25 -3.11 -6.59 2.24
C ALA A 25 -3.03 -6.76 3.75
N GLN A 26 -3.11 -8.02 4.20
CA GLN A 26 -3.06 -8.35 5.64
C GLN A 26 -1.64 -8.11 6.17
N ALA A 27 -0.65 -8.51 5.37
CA ALA A 27 0.76 -8.39 5.73
C ALA A 27 1.18 -6.91 5.90
N LEU A 28 0.87 -6.08 4.88
CA LEU A 28 1.16 -4.63 4.90
C LEU A 28 0.35 -3.91 5.98
N GLU A 29 -0.88 -4.40 6.24
CA GLU A 29 -1.78 -3.84 7.25
C GLU A 29 -1.15 -3.90 8.63
N GLU A 30 -0.81 -5.13 9.07
CA GLU A 30 -0.18 -5.40 10.39
C GLU A 30 1.06 -4.54 10.59
N ALA A 31 1.94 -4.53 9.58
CA ALA A 31 3.21 -3.76 9.59
C ALA A 31 2.95 -2.25 9.80
N ALA A 32 1.98 -1.72 9.04
CA ALA A 32 1.56 -0.31 9.12
C ALA A 32 0.86 0.03 10.45
N VAL A 33 0.19 -0.96 11.08
CA VAL A 33 -0.52 -0.76 12.35
C VAL A 33 0.50 -0.55 13.47
N GLU A 34 1.58 -1.34 13.38
CA GLU A 34 2.72 -1.30 14.32
C GLU A 34 3.55 -0.02 14.15
N ALA A 35 3.49 0.57 12.95
CA ALA A 35 4.19 1.83 12.62
C ALA A 35 3.47 3.07 13.20
N GLY A 36 2.25 2.84 13.75
CA GLY A 36 1.57 3.82 14.60
C GLY A 36 0.79 4.88 13.85
N TYR A 37 0.36 4.58 12.61
CA TYR A 37 -0.53 5.44 11.82
C TYR A 37 -1.74 4.67 11.29
N GLU A 38 -2.64 5.38 10.58
CA GLU A 38 -3.84 4.78 9.98
C GLU A 38 -3.44 4.04 8.69
N VAL A 39 -4.04 2.86 8.43
CA VAL A 39 -3.77 2.07 7.21
C VAL A 39 -5.06 1.86 6.41
N LYS A 40 -4.94 1.89 5.07
CA LYS A 40 -6.05 1.57 4.15
C LYS A 40 -5.49 0.95 2.87
N ILE A 41 -5.83 -0.31 2.59
CA ILE A 41 -5.30 -1.04 1.42
C ILE A 41 -6.42 -1.54 0.48
N GLU A 42 -6.43 -0.98 -0.74
CA GLU A 42 -7.30 -1.43 -1.84
C GLU A 42 -6.74 -2.73 -2.43
N THR A 43 -7.63 -3.63 -2.83
CA THR A 43 -7.25 -4.94 -3.40
C THR A 43 -7.96 -5.16 -4.73
N GLN A 44 -7.21 -5.00 -5.84
CA GLN A 44 -7.76 -5.18 -7.20
C GLN A 44 -7.49 -6.61 -7.70
N GLY A 45 -8.50 -7.20 -8.33
CA GLY A 45 -8.40 -8.53 -8.93
C GLY A 45 -9.42 -8.72 -10.04
N ALA A 46 -9.26 -9.82 -10.81
CA ALA A 46 -10.15 -10.17 -11.94
C ALA A 46 -11.61 -10.38 -11.47
N ASP A 47 -11.76 -10.83 -10.21
CA ASP A 47 -13.06 -11.04 -9.56
C ASP A 47 -13.71 -9.68 -9.22
N GLY A 48 -12.89 -8.72 -8.77
CA GLY A 48 -13.37 -7.39 -8.38
C GLY A 48 -12.37 -6.65 -7.51
N ILE A 49 -12.77 -5.44 -7.07
CA ILE A 49 -11.96 -4.57 -6.21
C ILE A 49 -12.60 -4.48 -4.80
N GLN A 50 -11.82 -4.86 -3.78
CA GLN A 50 -12.24 -4.84 -2.37
C GLN A 50 -11.58 -3.68 -1.61
N ASN A 51 -12.33 -3.15 -0.63
CA ASN A 51 -11.91 -2.13 0.36
C ASN A 51 -11.91 -0.71 -0.26
N ARG A 52 -11.24 -0.55 -1.42
CA ARG A 52 -11.23 0.67 -2.25
C ARG A 52 -10.60 1.89 -1.54
N LEU A 53 -9.57 2.43 -2.16
CA LEU A 53 -8.93 3.69 -1.75
C LEU A 53 -9.71 4.89 -2.29
N THR A 54 -10.05 5.81 -1.39
CA THR A 54 -10.74 7.05 -1.73
C THR A 54 -9.69 8.14 -2.02
N ALA A 55 -10.09 9.21 -2.72
CA ALA A 55 -9.21 10.36 -3.02
C ALA A 55 -8.70 11.02 -1.71
N GLN A 56 -9.50 10.90 -0.63
CA GLN A 56 -9.13 11.38 0.71
C GLN A 56 -7.99 10.54 1.31
N ASP A 57 -8.05 9.20 1.11
CA ASP A 57 -6.97 8.28 1.52
C ASP A 57 -5.65 8.68 0.85
N ILE A 58 -5.73 8.91 -0.45
CA ILE A 58 -4.58 9.26 -1.31
C ILE A 58 -4.04 10.68 -0.97
N ALA A 59 -4.95 11.55 -0.49
CA ALA A 59 -4.62 12.93 -0.10
C ALA A 59 -3.81 12.98 1.21
N GLU A 60 -4.30 12.25 2.23
CA GLU A 60 -3.70 12.24 3.59
C GLU A 60 -2.54 11.24 3.71
N ALA A 61 -2.42 10.36 2.69
CA ALA A 61 -1.39 9.30 2.67
C ALA A 61 0.03 9.89 2.65
N THR A 62 0.66 9.92 3.84
CA THR A 62 2.07 10.25 4.03
C THR A 62 2.95 9.22 3.28
N ILE A 63 2.47 7.97 3.26
CA ILE A 63 3.14 6.83 2.60
C ILE A 63 2.12 6.09 1.71
N ILE A 64 2.55 5.68 0.49
CA ILE A 64 1.74 4.86 -0.45
C ILE A 64 2.61 3.71 -0.97
N ILE A 65 2.10 2.46 -0.97
CA ILE A 65 2.81 1.30 -1.56
C ILE A 65 1.93 0.66 -2.65
N HIS A 66 2.37 0.66 -3.93
CA HIS A 66 1.68 -0.12 -4.99
C HIS A 66 2.30 -1.51 -5.06
N SER A 67 1.80 -2.39 -4.19
CA SER A 67 2.20 -3.79 -4.14
C SER A 67 1.40 -4.58 -5.18
N VAL A 68 1.87 -4.52 -6.43
CA VAL A 68 1.08 -5.02 -7.57
C VAL A 68 1.89 -5.99 -8.44
N ALA A 69 1.14 -6.80 -9.19
CA ALA A 69 1.66 -7.73 -10.21
C ALA A 69 1.23 -7.23 -11.61
N VAL A 70 0.29 -6.27 -11.61
CA VAL A 70 -0.26 -5.62 -12.82
C VAL A 70 -0.32 -4.11 -12.59
N THR A 71 -0.22 -3.32 -13.67
CA THR A 71 -0.41 -1.87 -13.62
C THR A 71 -1.89 -1.57 -13.24
N PRO A 72 -2.16 -1.03 -11.99
CA PRO A 72 -3.54 -0.83 -11.50
C PRO A 72 -4.36 0.15 -12.37
N GLU A 73 -5.69 -0.03 -12.36
CA GLU A 73 -6.62 0.78 -13.17
C GLU A 73 -6.83 2.17 -12.55
N ASP A 74 -6.62 2.25 -11.23
CA ASP A 74 -6.75 3.49 -10.47
C ASP A 74 -5.38 4.18 -10.28
N ASN A 75 -4.35 3.70 -11.01
CA ASN A 75 -2.94 4.16 -10.87
C ASN A 75 -2.84 5.68 -11.16
N GLU A 76 -3.68 6.19 -12.06
CA GLU A 76 -3.72 7.64 -12.42
C GLU A 76 -4.17 8.52 -11.25
N ARG A 77 -4.94 7.94 -10.29
CA ARG A 77 -5.33 8.64 -9.04
C ARG A 77 -4.12 8.80 -8.09
N PHE A 78 -3.12 7.95 -8.27
CA PHE A 78 -1.88 7.93 -7.46
C PHE A 78 -0.69 8.52 -8.25
N GLU A 79 -0.95 8.98 -9.49
CA GLU A 79 0.09 9.42 -10.44
C GLU A 79 0.89 10.62 -9.90
N SER A 80 0.17 11.67 -9.44
CA SER A 80 0.79 12.89 -8.92
C SER A 80 1.21 12.75 -7.45
N ARG A 81 0.98 11.56 -6.86
CA ARG A 81 1.40 11.23 -5.47
C ARG A 81 2.66 10.35 -5.49
N ASP A 82 3.49 10.50 -4.43
CA ASP A 82 4.76 9.77 -4.28
C ASP A 82 4.51 8.34 -3.78
N VAL A 83 4.37 7.42 -4.73
CA VAL A 83 4.12 6.00 -4.46
C VAL A 83 5.43 5.17 -4.53
N TYR A 84 5.51 4.16 -3.66
CA TYR A 84 6.60 3.18 -3.61
C TYR A 84 6.09 1.88 -4.27
N GLU A 85 6.34 1.76 -5.59
CA GLU A 85 5.84 0.63 -6.42
C GLU A 85 6.77 -0.58 -6.28
N ILE A 86 6.20 -1.70 -5.83
CA ILE A 86 6.90 -3.00 -5.69
C ILE A 86 6.05 -4.11 -6.35
N THR A 87 6.52 -5.36 -6.26
CA THR A 87 5.72 -6.53 -6.59
C THR A 87 4.85 -6.92 -5.39
N LEU A 88 3.67 -7.49 -5.68
CA LEU A 88 2.71 -7.94 -4.64
C LEU A 88 3.30 -9.07 -3.77
N GLN A 89 4.20 -9.85 -4.35
CA GLN A 89 4.94 -10.91 -3.65
C GLN A 89 5.78 -10.31 -2.50
N ASP A 90 6.43 -9.15 -2.77
CA ASP A 90 7.28 -8.44 -1.79
C ASP A 90 6.45 -7.97 -0.59
N ALA A 91 5.17 -7.64 -0.84
CA ALA A 91 4.22 -7.19 0.20
C ALA A 91 3.93 -8.26 1.24
N ILE A 92 4.01 -9.52 0.82
CA ILE A 92 3.73 -10.69 1.66
C ILE A 92 4.99 -11.05 2.48
N LYS A 93 6.11 -11.25 1.78
CA LYS A 93 7.38 -11.70 2.39
C LYS A 93 8.06 -10.59 3.23
N ASN A 94 8.12 -9.38 2.68
CA ASN A 94 8.91 -8.26 3.22
C ASN A 94 7.98 -7.18 3.83
N ALA A 95 6.76 -7.58 4.22
CA ALA A 95 5.70 -6.66 4.74
C ALA A 95 6.24 -5.58 5.70
N ALA A 96 6.81 -6.05 6.83
CA ALA A 96 7.37 -5.19 7.86
C ALA A 96 8.56 -4.41 7.32
N GLY A 97 9.35 -5.07 6.43
CA GLY A 97 10.55 -4.49 5.84
C GLY A 97 10.25 -3.23 5.03
N ILE A 98 9.23 -3.34 4.16
CA ILE A 98 8.78 -2.25 3.28
C ILE A 98 8.42 -1.02 4.09
N ILE A 99 7.46 -1.20 5.03
CA ILE A 99 6.95 -0.09 5.87
C ILE A 99 8.09 0.60 6.64
N LYS A 100 8.93 -0.19 7.37
CA LYS A 100 10.03 0.37 8.21
C LYS A 100 11.10 1.08 7.36
N GLU A 101 11.31 0.59 6.11
CA GLU A 101 12.27 1.19 5.18
C GLU A 101 11.80 2.58 4.75
N ILE A 102 10.48 2.74 4.57
CA ILE A 102 9.90 4.01 4.11
C ILE A 102 9.89 5.01 5.28
N GLU A 103 9.62 4.47 6.47
CA GLU A 103 9.61 5.19 7.73
C GLU A 103 10.96 5.85 7.99
N GLU A 104 12.05 5.05 7.93
CA GLU A 104 13.40 5.56 8.21
C GLU A 104 13.89 6.52 7.11
N MET A 105 13.48 6.28 5.84
CA MET A 105 13.86 7.14 4.71
C MET A 105 13.27 8.56 4.87
N ILE A 106 11.92 8.63 4.99
CA ILE A 106 11.19 9.89 5.14
C ILE A 106 11.56 10.60 6.46
N ALA A 107 11.73 9.82 7.54
CA ALA A 107 12.09 10.37 8.87
C ALA A 107 13.51 10.93 8.87
N SER A 108 14.45 10.28 8.16
CA SER A 108 15.87 10.66 8.16
C SER A 108 16.06 12.02 7.46
N GLU A 109 15.32 12.24 6.37
CA GLU A 109 15.41 13.46 5.56
C GLU A 109 14.63 14.64 6.19
N GLN A 110 13.54 14.34 6.93
CA GLN A 110 12.70 15.39 7.56
C GLN A 110 13.26 15.81 8.93
N GLN A 111 13.96 14.88 9.61
CA GLN A 111 14.59 15.14 10.92
C GLN A 111 16.08 15.51 10.71
N MET A 4 -1.03 15.81 14.60
CA MET A 4 -0.99 15.23 13.24
C MET A 4 -0.71 13.73 13.33
N SER A 5 -1.75 12.90 13.11
CA SER A 5 -1.61 11.46 12.99
C SER A 5 -1.21 11.12 11.55
N LYS A 6 -0.12 10.37 11.39
CA LYS A 6 0.38 9.94 10.08
C LYS A 6 -0.52 8.83 9.50
N LYS A 7 -0.40 8.62 8.19
CA LYS A 7 -1.32 7.77 7.43
C LYS A 7 -0.52 7.03 6.33
N LEU A 8 -0.84 5.78 6.12
CA LEU A 8 -0.23 4.92 5.11
C LEU A 8 -1.35 4.22 4.35
N ILE A 9 -1.21 4.15 3.04
CA ILE A 9 -2.14 3.40 2.19
C ILE A 9 -1.32 2.48 1.30
N ALA A 10 -1.97 1.47 0.76
CA ALA A 10 -1.35 0.51 -0.16
C ALA A 10 -2.36 0.03 -1.20
N LEU A 11 -1.87 -0.64 -2.23
CA LEU A 11 -2.69 -1.15 -3.32
C LEU A 11 -2.12 -2.51 -3.72
N CYS A 12 -2.91 -3.55 -3.48
CA CYS A 12 -2.57 -4.91 -3.83
C CYS A 12 -3.36 -5.30 -5.10
N ALA A 13 -2.67 -5.49 -6.25
CA ALA A 13 -3.33 -5.82 -7.55
C ALA A 13 -2.78 -7.13 -8.15
N CYS A 14 -3.69 -8.07 -8.48
CA CYS A 14 -3.33 -9.40 -9.04
C CYS A 14 -4.14 -9.73 -10.30
N PRO A 15 -3.53 -10.44 -11.30
CA PRO A 15 -4.28 -11.05 -12.42
C PRO A 15 -4.95 -12.39 -12.01
N MET A 16 -4.36 -13.08 -11.01
CA MET A 16 -4.85 -14.37 -10.48
C MET A 16 -6.16 -14.15 -9.69
N GLY A 17 -6.14 -13.19 -8.75
CA GLY A 17 -7.35 -12.84 -7.99
C GLY A 17 -7.07 -12.21 -6.64
N LEU A 18 -8.17 -11.93 -5.91
CA LEU A 18 -8.14 -11.18 -4.65
C LEU A 18 -7.58 -11.99 -3.48
N ALA A 19 -7.56 -13.33 -3.56
CA ALA A 19 -6.97 -14.18 -2.51
C ALA A 19 -5.47 -13.83 -2.29
N HIS A 20 -4.77 -13.63 -3.41
CA HIS A 20 -3.35 -13.25 -3.41
C HIS A 20 -3.18 -11.82 -2.82
N THR A 21 -4.09 -10.91 -3.26
CA THR A 21 -4.07 -9.50 -2.84
C THR A 21 -4.35 -9.34 -1.33
N PHE A 22 -5.16 -10.26 -0.77
CA PHE A 22 -5.55 -10.23 0.65
C PHE A 22 -4.38 -10.68 1.55
N MET A 23 -3.55 -11.63 1.07
CA MET A 23 -2.31 -12.02 1.80
C MET A 23 -1.31 -10.84 1.86
N ALA A 24 -1.27 -10.06 0.78
CA ALA A 24 -0.43 -8.85 0.69
C ALA A 24 -0.97 -7.76 1.61
N ALA A 25 -2.28 -7.53 1.50
CA ALA A 25 -3.00 -6.49 2.24
C ALA A 25 -2.96 -6.75 3.74
N GLN A 26 -3.02 -8.04 4.12
CA GLN A 26 -3.06 -8.45 5.52
C GLN A 26 -1.70 -8.20 6.18
N ALA A 27 -0.62 -8.51 5.44
CA ALA A 27 0.75 -8.38 5.91
C ALA A 27 1.17 -6.89 5.98
N LEU A 28 0.74 -6.11 4.96
CA LEU A 28 1.04 -4.66 4.87
C LEU A 28 0.27 -3.87 5.93
N GLU A 29 -0.95 -4.34 6.24
CA GLU A 29 -1.81 -3.73 7.27
C GLU A 29 -1.10 -3.80 8.61
N GLU A 30 -0.72 -5.04 9.01
CA GLU A 30 -0.05 -5.32 10.30
C GLU A 30 1.23 -4.48 10.44
N ALA A 31 2.04 -4.50 9.37
CA ALA A 31 3.32 -3.77 9.31
C ALA A 31 3.12 -2.26 9.55
N ALA A 32 2.13 -1.69 8.87
CA ALA A 32 1.75 -0.26 8.97
C ALA A 32 1.08 0.11 10.32
N VAL A 33 0.50 -0.89 11.01
CA VAL A 33 -0.19 -0.68 12.30
C VAL A 33 0.86 -0.60 13.43
N GLU A 34 1.85 -1.49 13.33
CA GLU A 34 3.02 -1.53 14.22
C GLU A 34 3.97 -0.35 13.93
N ALA A 35 3.83 0.19 12.72
CA ALA A 35 4.51 1.40 12.27
C ALA A 35 3.87 2.66 12.88
N GLY A 36 2.56 2.60 13.12
CA GLY A 36 1.83 3.64 13.86
C GLY A 36 1.10 4.63 12.97
N TYR A 37 0.78 4.23 11.73
CA TYR A 37 -0.08 5.03 10.83
C TYR A 37 -1.50 4.46 10.86
N GLU A 38 -2.45 5.26 10.38
CA GLU A 38 -3.75 4.76 9.93
C GLU A 38 -3.53 4.07 8.58
N VAL A 39 -4.02 2.84 8.39
CA VAL A 39 -3.73 2.07 7.16
C VAL A 39 -5.03 1.74 6.39
N LYS A 40 -5.00 1.94 5.06
CA LYS A 40 -6.13 1.66 4.16
C LYS A 40 -5.56 1.07 2.86
N ILE A 41 -5.97 -0.16 2.51
CA ILE A 41 -5.42 -0.88 1.33
C ILE A 41 -6.52 -1.27 0.32
N GLU A 42 -6.35 -0.81 -0.92
CA GLU A 42 -7.23 -1.14 -2.06
C GLU A 42 -6.73 -2.42 -2.75
N THR A 43 -7.54 -3.48 -2.71
CA THR A 43 -7.21 -4.75 -3.36
C THR A 43 -7.96 -4.86 -4.70
N GLN A 44 -7.23 -4.68 -5.81
CA GLN A 44 -7.77 -4.85 -7.16
C GLN A 44 -7.42 -6.25 -7.69
N GLY A 45 -8.34 -6.85 -8.45
CA GLY A 45 -8.11 -8.18 -9.01
C GLY A 45 -9.13 -8.54 -10.07
N ALA A 46 -8.96 -9.74 -10.67
CA ALA A 46 -9.85 -10.26 -11.72
C ALA A 46 -11.30 -10.45 -11.20
N ASP A 47 -11.43 -10.71 -9.87
CA ASP A 47 -12.74 -10.78 -9.19
C ASP A 47 -13.40 -9.38 -9.14
N GLY A 48 -12.58 -8.37 -8.86
CA GLY A 48 -13.04 -6.98 -8.71
C GLY A 48 -12.13 -6.18 -7.80
N ILE A 49 -12.55 -4.95 -7.49
CA ILE A 49 -11.84 -4.04 -6.56
C ILE A 49 -12.54 -4.06 -5.21
N GLN A 50 -11.77 -4.15 -4.12
CA GLN A 50 -12.28 -4.35 -2.76
C GLN A 50 -11.63 -3.35 -1.79
N ASN A 51 -12.44 -2.89 -0.81
CA ASN A 51 -12.07 -1.89 0.23
C ASN A 51 -12.03 -0.50 -0.42
N ARG A 52 -11.07 -0.35 -1.35
CA ARG A 52 -10.87 0.79 -2.24
C ARG A 52 -10.54 2.10 -1.50
N LEU A 53 -9.46 2.71 -1.98
CA LEU A 53 -8.99 4.02 -1.51
C LEU A 53 -9.84 5.14 -2.11
N THR A 54 -9.99 6.22 -1.36
CA THR A 54 -10.71 7.41 -1.81
C THR A 54 -9.73 8.58 -1.95
N ALA A 55 -10.19 9.70 -2.55
CA ALA A 55 -9.37 10.90 -2.77
C ALA A 55 -8.81 11.45 -1.45
N GLN A 56 -9.61 11.27 -0.37
CA GLN A 56 -9.22 11.63 1.00
C GLN A 56 -7.98 10.80 1.41
N ASP A 57 -8.09 9.45 1.30
CA ASP A 57 -7.03 8.50 1.72
C ASP A 57 -5.68 8.80 1.06
N ILE A 58 -5.73 9.12 -0.24
CA ILE A 58 -4.53 9.38 -1.06
C ILE A 58 -3.86 10.72 -0.65
N ALA A 59 -4.70 11.69 -0.25
CA ALA A 59 -4.23 13.01 0.26
C ALA A 59 -3.62 12.88 1.67
N GLU A 60 -4.26 12.04 2.52
CA GLU A 60 -3.82 11.78 3.91
C GLU A 60 -2.51 10.99 3.93
N ALA A 61 -2.35 10.14 2.91
CA ALA A 61 -1.25 9.16 2.80
C ALA A 61 0.15 9.81 2.85
N THR A 62 0.79 9.69 4.02
CA THR A 62 2.22 9.96 4.20
C THR A 62 3.03 8.97 3.32
N ILE A 63 2.55 7.71 3.27
CA ILE A 63 3.17 6.63 2.46
C ILE A 63 2.11 5.96 1.55
N ILE A 64 2.53 5.56 0.32
CA ILE A 64 1.71 4.75 -0.62
C ILE A 64 2.56 3.60 -1.18
N ILE A 65 2.16 2.34 -0.97
CA ILE A 65 2.85 1.18 -1.56
C ILE A 65 1.95 0.55 -2.65
N HIS A 66 2.42 0.50 -3.92
CA HIS A 66 1.75 -0.29 -4.97
C HIS A 66 2.36 -1.69 -5.02
N SER A 67 1.85 -2.54 -4.13
CA SER A 67 2.21 -3.94 -4.04
C SER A 67 1.44 -4.73 -5.11
N VAL A 68 1.97 -4.73 -6.33
CA VAL A 68 1.22 -5.23 -7.49
C VAL A 68 2.02 -6.26 -8.29
N ALA A 69 1.26 -7.08 -9.01
CA ALA A 69 1.75 -8.09 -9.97
C ALA A 69 1.42 -7.62 -11.40
N VAL A 70 0.42 -6.73 -11.48
CA VAL A 70 -0.03 -6.06 -12.73
C VAL A 70 -0.28 -4.59 -12.40
N THR A 71 -0.06 -3.70 -13.38
CA THR A 71 -0.34 -2.27 -13.25
C THR A 71 -1.84 -2.07 -12.92
N PRO A 72 -2.19 -1.52 -11.70
CA PRO A 72 -3.59 -1.36 -11.27
C PRO A 72 -4.35 -0.37 -12.17
N GLU A 73 -5.66 -0.57 -12.27
CA GLU A 73 -6.54 0.26 -13.13
C GLU A 73 -6.56 1.72 -12.61
N ASP A 74 -6.53 1.84 -11.28
CA ASP A 74 -6.69 3.12 -10.56
C ASP A 74 -5.33 3.80 -10.29
N ASN A 75 -4.25 3.31 -10.95
CA ASN A 75 -2.86 3.81 -10.79
C ASN A 75 -2.75 5.34 -11.05
N GLU A 76 -3.64 5.83 -11.94
CA GLU A 76 -3.71 7.25 -12.35
C GLU A 76 -4.04 8.19 -11.15
N ARG A 77 -4.84 7.69 -10.20
CA ARG A 77 -5.23 8.40 -8.97
C ARG A 77 -4.02 8.67 -8.04
N PHE A 78 -3.04 7.76 -8.13
CA PHE A 78 -1.84 7.76 -7.26
C PHE A 78 -0.62 8.36 -7.98
N GLU A 79 -0.76 8.57 -9.30
CA GLU A 79 0.31 9.08 -10.18
C GLU A 79 0.84 10.46 -9.69
N SER A 80 -0.07 11.28 -9.16
CA SER A 80 0.23 12.64 -8.66
C SER A 80 1.02 12.63 -7.33
N ARG A 81 0.97 11.49 -6.61
CA ARG A 81 1.51 11.36 -5.24
C ARG A 81 2.76 10.47 -5.19
N ASP A 82 3.39 10.41 -4.00
CA ASP A 82 4.64 9.64 -3.77
C ASP A 82 4.32 8.18 -3.47
N VAL A 83 4.42 7.35 -4.52
CA VAL A 83 4.14 5.90 -4.45
C VAL A 83 5.46 5.10 -4.50
N TYR A 84 5.43 3.90 -3.91
CA TYR A 84 6.57 2.97 -3.84
C TYR A 84 6.11 1.62 -4.44
N GLU A 85 6.33 1.47 -5.78
CA GLU A 85 5.90 0.27 -6.52
C GLU A 85 6.87 -0.91 -6.24
N ILE A 86 6.29 -2.03 -5.83
CA ILE A 86 6.99 -3.30 -5.55
C ILE A 86 6.17 -4.46 -6.15
N THR A 87 6.63 -5.69 -5.97
CA THR A 87 5.84 -6.89 -6.28
C THR A 87 4.91 -7.21 -5.11
N LEU A 88 3.74 -7.76 -5.45
CA LEU A 88 2.72 -8.15 -4.46
C LEU A 88 3.22 -9.32 -3.58
N GLN A 89 4.12 -10.14 -4.15
CA GLN A 89 4.81 -11.23 -3.44
C GLN A 89 5.67 -10.65 -2.29
N ASP A 90 6.42 -9.56 -2.60
CA ASP A 90 7.30 -8.87 -1.64
C ASP A 90 6.47 -8.31 -0.46
N ALA A 91 5.21 -7.94 -0.75
CA ALA A 91 4.26 -7.41 0.25
C ALA A 91 3.81 -8.46 1.28
N ILE A 92 3.92 -9.74 0.92
CA ILE A 92 3.51 -10.87 1.77
C ILE A 92 4.68 -11.31 2.67
N LYS A 93 5.90 -11.36 2.10
CA LYS A 93 7.11 -11.86 2.79
C LYS A 93 7.89 -10.73 3.50
N ASN A 94 8.14 -9.63 2.77
CA ASN A 94 8.99 -8.50 3.24
C ASN A 94 8.15 -7.33 3.79
N ALA A 95 6.87 -7.59 4.15
CA ALA A 95 5.88 -6.54 4.52
C ALA A 95 6.43 -5.49 5.50
N ALA A 96 6.91 -5.96 6.67
CA ALA A 96 7.50 -5.11 7.72
C ALA A 96 8.72 -4.34 7.18
N GLY A 97 9.51 -5.04 6.34
CA GLY A 97 10.72 -4.48 5.75
C GLY A 97 10.44 -3.28 4.85
N ILE A 98 9.42 -3.42 3.98
CA ILE A 98 8.99 -2.36 3.04
C ILE A 98 8.63 -1.08 3.79
N ILE A 99 7.64 -1.22 4.72
CA ILE A 99 7.11 -0.08 5.49
C ILE A 99 8.25 0.63 6.27
N LYS A 100 9.06 -0.14 7.06
CA LYS A 100 10.12 0.45 7.93
C LYS A 100 11.19 1.21 7.12
N GLU A 101 11.45 0.73 5.89
CA GLU A 101 12.39 1.37 4.95
C GLU A 101 11.87 2.76 4.54
N ILE A 102 10.54 2.86 4.39
CA ILE A 102 9.89 4.12 3.97
C ILE A 102 9.75 5.05 5.19
N GLU A 103 9.57 4.44 6.38
CA GLU A 103 9.46 5.17 7.65
C GLU A 103 10.73 5.97 7.92
N GLU A 104 11.89 5.29 7.80
CA GLU A 104 13.20 5.92 8.09
C GLU A 104 13.54 6.98 7.03
N MET A 105 13.20 6.71 5.75
CA MET A 105 13.40 7.68 4.65
C MET A 105 12.63 8.99 4.93
N ILE A 106 11.32 8.86 5.17
CA ILE A 106 10.42 10.00 5.43
C ILE A 106 10.75 10.69 6.76
N ALA A 107 11.17 9.92 7.77
CA ALA A 107 11.54 10.45 9.10
C ALA A 107 12.82 11.28 8.99
N SER A 108 13.75 10.86 8.13
CA SER A 108 15.07 11.48 8.00
C SER A 108 15.02 12.77 7.17
N GLU A 109 14.03 12.86 6.24
CA GLU A 109 13.83 14.07 5.41
C GLU A 109 12.94 15.12 6.14
N GLN A 110 11.97 14.67 6.95
CA GLN A 110 11.06 15.60 7.67
C GLN A 110 11.74 16.17 8.93
N GLN A 111 12.64 15.38 9.56
CA GLN A 111 13.42 15.83 10.72
C GLN A 111 14.76 16.42 10.22
N MET A 4 1.84 14.19 13.72
CA MET A 4 2.18 12.91 14.40
C MET A 4 1.18 11.81 13.99
N SER A 5 -0.11 12.19 13.90
CA SER A 5 -1.16 11.31 13.35
C SER A 5 -1.02 11.30 11.82
N LYS A 6 -0.30 10.30 11.31
CA LYS A 6 -0.06 10.11 9.86
C LYS A 6 -0.97 8.99 9.31
N LYS A 7 -0.85 8.75 8.00
CA LYS A 7 -1.72 7.79 7.29
C LYS A 7 -0.90 7.06 6.21
N LEU A 8 -1.14 5.75 6.08
CA LEU A 8 -0.51 4.91 5.05
C LEU A 8 -1.62 4.22 4.30
N ILE A 9 -1.48 4.15 2.98
CA ILE A 9 -2.38 3.38 2.13
C ILE A 9 -1.53 2.49 1.23
N ALA A 10 -2.15 1.46 0.66
CA ALA A 10 -1.49 0.56 -0.28
C ALA A 10 -2.50 0.07 -1.32
N LEU A 11 -1.98 -0.55 -2.36
CA LEU A 11 -2.78 -1.09 -3.45
C LEU A 11 -2.19 -2.44 -3.82
N CYS A 12 -2.96 -3.51 -3.58
CA CYS A 12 -2.56 -4.87 -3.91
C CYS A 12 -3.37 -5.34 -5.14
N ALA A 13 -2.69 -5.45 -6.30
CA ALA A 13 -3.36 -5.84 -7.59
C ALA A 13 -2.64 -7.04 -8.24
N CYS A 14 -3.40 -8.13 -8.48
CA CYS A 14 -2.89 -9.35 -9.12
C CYS A 14 -3.92 -9.93 -10.10
N PRO A 15 -3.45 -10.57 -11.23
CA PRO A 15 -4.32 -11.16 -12.27
C PRO A 15 -4.74 -12.60 -11.92
N MET A 16 -4.28 -13.08 -10.74
CA MET A 16 -4.56 -14.43 -10.23
C MET A 16 -5.85 -14.42 -9.40
N GLY A 17 -6.19 -13.26 -8.83
CA GLY A 17 -7.39 -13.08 -8.02
C GLY A 17 -7.15 -12.29 -6.75
N LEU A 18 -8.23 -12.03 -5.99
CA LEU A 18 -8.17 -11.27 -4.73
C LEU A 18 -7.57 -12.09 -3.58
N ALA A 19 -7.45 -13.42 -3.74
CA ALA A 19 -6.84 -14.28 -2.71
C ALA A 19 -5.36 -13.86 -2.45
N HIS A 20 -4.61 -13.65 -3.55
CA HIS A 20 -3.19 -13.22 -3.49
C HIS A 20 -3.09 -11.82 -2.87
N THR A 21 -4.00 -10.93 -3.32
CA THR A 21 -4.02 -9.51 -2.90
C THR A 21 -4.36 -9.37 -1.40
N PHE A 22 -5.24 -10.25 -0.87
CA PHE A 22 -5.66 -10.24 0.54
C PHE A 22 -4.54 -10.68 1.48
N MET A 23 -3.66 -11.59 1.01
CA MET A 23 -2.47 -12.01 1.78
C MET A 23 -1.47 -10.85 1.92
N ALA A 24 -1.34 -10.07 0.84
CA ALA A 24 -0.52 -8.83 0.83
C ALA A 24 -1.17 -7.75 1.71
N ALA A 25 -2.50 -7.67 1.65
CA ALA A 25 -3.29 -6.67 2.40
C ALA A 25 -3.19 -6.93 3.91
N GLN A 26 -3.23 -8.22 4.28
CA GLN A 26 -3.09 -8.66 5.68
C GLN A 26 -1.72 -8.24 6.23
N ALA A 27 -0.68 -8.58 5.46
CA ALA A 27 0.72 -8.39 5.85
C ALA A 27 1.08 -6.89 5.98
N LEU A 28 0.72 -6.08 4.97
CA LEU A 28 0.98 -4.62 4.95
C LEU A 28 0.19 -3.89 6.04
N GLU A 29 -1.02 -4.39 6.35
CA GLU A 29 -1.88 -3.81 7.39
C GLU A 29 -1.20 -3.93 8.76
N GLU A 30 -0.77 -5.17 9.09
CA GLU A 30 -0.08 -5.47 10.37
C GLU A 30 1.16 -4.57 10.55
N ALA A 31 1.96 -4.49 9.48
CA ALA A 31 3.22 -3.73 9.43
C ALA A 31 2.99 -2.23 9.69
N ALA A 32 1.99 -1.68 8.99
CA ALA A 32 1.58 -0.26 9.11
C ALA A 32 0.97 0.07 10.49
N VAL A 33 0.35 -0.93 11.14
CA VAL A 33 -0.25 -0.75 12.49
C VAL A 33 0.88 -0.64 13.53
N GLU A 34 1.93 -1.42 13.32
CA GLU A 34 3.16 -1.42 14.14
C GLU A 34 3.94 -0.11 13.98
N ALA A 35 3.75 0.56 12.82
CA ALA A 35 4.37 1.86 12.51
C ALA A 35 3.60 3.03 13.15
N GLY A 36 2.42 2.74 13.72
CA GLY A 36 1.71 3.67 14.62
C GLY A 36 0.70 4.58 13.95
N TYR A 37 0.50 4.43 12.63
CA TYR A 37 -0.47 5.26 11.86
C TYR A 37 -1.63 4.43 11.32
N GLU A 38 -2.58 5.11 10.63
CA GLU A 38 -3.74 4.45 10.02
C GLU A 38 -3.29 3.73 8.73
N VAL A 39 -4.03 2.67 8.35
CA VAL A 39 -3.75 1.90 7.13
C VAL A 39 -5.06 1.60 6.38
N LYS A 40 -5.01 1.72 5.04
CA LYS A 40 -6.13 1.37 4.15
C LYS A 40 -5.58 0.83 2.83
N ILE A 41 -5.95 -0.40 2.46
CA ILE A 41 -5.37 -1.09 1.28
C ILE A 41 -6.46 -1.51 0.27
N GLU A 42 -6.44 -0.88 -0.93
CA GLU A 42 -7.33 -1.23 -2.05
C GLU A 42 -6.78 -2.45 -2.80
N THR A 43 -7.44 -3.59 -2.62
CA THR A 43 -7.10 -4.83 -3.32
C THR A 43 -7.87 -4.89 -4.66
N GLN A 44 -7.14 -4.75 -5.77
CA GLN A 44 -7.70 -4.83 -7.13
C GLN A 44 -7.36 -6.17 -7.79
N GLY A 45 -8.22 -6.53 -8.76
CA GLY A 45 -7.99 -7.68 -9.63
C GLY A 45 -9.16 -7.84 -10.58
N ALA A 46 -8.99 -8.70 -11.60
CA ALA A 46 -10.10 -9.07 -12.53
C ALA A 46 -11.18 -9.88 -11.77
N ASP A 47 -10.77 -10.45 -10.63
CA ASP A 47 -11.67 -11.11 -9.66
C ASP A 47 -12.65 -10.09 -9.04
N GLY A 48 -12.13 -8.89 -8.73
CA GLY A 48 -12.92 -7.80 -8.14
C GLY A 48 -12.04 -6.73 -7.50
N ILE A 49 -12.67 -5.73 -6.88
CA ILE A 49 -11.98 -4.66 -6.13
C ILE A 49 -12.62 -4.54 -4.73
N GLN A 50 -11.76 -4.44 -3.70
CA GLN A 50 -12.17 -4.48 -2.28
C GLN A 50 -11.35 -3.48 -1.46
N ASN A 51 -12.00 -2.95 -0.39
CA ASN A 51 -11.40 -2.01 0.60
C ASN A 51 -10.87 -0.74 -0.13
N ARG A 52 -11.62 -0.36 -1.20
CA ARG A 52 -11.23 0.69 -2.14
C ARG A 52 -10.97 2.04 -1.46
N LEU A 53 -9.83 2.62 -1.82
CA LEU A 53 -9.37 3.93 -1.38
C LEU A 53 -10.18 5.06 -2.04
N THR A 54 -10.33 6.16 -1.32
CA THR A 54 -10.95 7.39 -1.84
C THR A 54 -9.86 8.42 -2.16
N ALA A 55 -10.25 9.56 -2.76
CA ALA A 55 -9.34 10.69 -2.99
C ALA A 55 -8.80 11.24 -1.65
N GLN A 56 -9.65 11.14 -0.60
CA GLN A 56 -9.31 11.58 0.76
C GLN A 56 -8.18 10.73 1.36
N ASP A 57 -8.27 9.39 1.12
CA ASP A 57 -7.23 8.42 1.55
C ASP A 57 -5.87 8.78 0.94
N ILE A 58 -5.87 9.03 -0.38
CA ILE A 58 -4.64 9.29 -1.16
C ILE A 58 -4.01 10.66 -0.78
N ALA A 59 -4.90 11.64 -0.50
CA ALA A 59 -4.50 13.03 -0.16
C ALA A 59 -3.82 13.09 1.22
N GLU A 60 -4.42 12.41 2.22
CA GLU A 60 -3.91 12.40 3.61
C GLU A 60 -2.82 11.33 3.81
N ALA A 61 -2.66 10.45 2.80
CA ALA A 61 -1.64 9.38 2.81
C ALA A 61 -0.23 9.99 2.82
N THR A 62 0.43 9.89 3.98
CA THR A 62 1.85 10.20 4.14
C THR A 62 2.70 9.22 3.30
N ILE A 63 2.22 7.96 3.23
CA ILE A 63 2.90 6.86 2.52
C ILE A 63 1.89 6.10 1.63
N ILE A 64 2.34 5.69 0.42
CA ILE A 64 1.54 4.86 -0.53
C ILE A 64 2.44 3.75 -1.10
N ILE A 65 2.02 2.49 -0.99
CA ILE A 65 2.75 1.34 -1.59
C ILE A 65 1.88 0.74 -2.71
N HIS A 66 2.44 0.56 -3.94
CA HIS A 66 1.77 -0.21 -5.01
C HIS A 66 2.35 -1.61 -5.07
N SER A 67 1.78 -2.48 -4.23
CA SER A 67 2.12 -3.89 -4.16
C SER A 67 1.39 -4.63 -5.28
N VAL A 68 1.95 -4.60 -6.49
CA VAL A 68 1.25 -5.10 -7.68
C VAL A 68 2.12 -6.09 -8.46
N ALA A 69 1.45 -6.90 -9.28
CA ALA A 69 2.07 -7.81 -10.24
C ALA A 69 1.80 -7.30 -11.67
N VAL A 70 0.68 -6.53 -11.78
CA VAL A 70 0.18 -5.94 -13.04
C VAL A 70 -0.23 -4.49 -12.77
N THR A 71 -0.41 -3.71 -13.84
CA THR A 71 -0.80 -2.28 -13.74
C THR A 71 -2.26 -2.17 -13.22
N PRO A 72 -2.48 -1.59 -11.99
CA PRO A 72 -3.83 -1.43 -11.41
C PRO A 72 -4.69 -0.40 -12.19
N GLU A 73 -6.01 -0.57 -12.14
CA GLU A 73 -6.97 0.25 -12.90
C GLU A 73 -7.00 1.70 -12.38
N ASP A 74 -6.70 1.86 -11.08
CA ASP A 74 -6.78 3.16 -10.38
C ASP A 74 -5.39 3.74 -10.14
N ASN A 75 -4.39 3.25 -10.91
CA ASN A 75 -2.97 3.66 -10.79
C ASN A 75 -2.77 5.19 -11.00
N GLU A 76 -3.58 5.78 -11.91
CA GLU A 76 -3.53 7.24 -12.23
C GLU A 76 -3.88 8.13 -11.01
N ARG A 77 -4.77 7.62 -10.13
CA ARG A 77 -5.17 8.29 -8.87
C ARG A 77 -3.96 8.54 -7.95
N PHE A 78 -3.01 7.61 -7.98
CA PHE A 78 -1.83 7.60 -7.10
C PHE A 78 -0.59 8.17 -7.81
N GLU A 79 -0.67 8.27 -9.15
CA GLU A 79 0.46 8.73 -10.01
C GLU A 79 0.99 10.13 -9.58
N SER A 80 0.07 10.99 -9.09
CA SER A 80 0.39 12.38 -8.68
C SER A 80 1.08 12.46 -7.29
N ARG A 81 1.17 11.32 -6.58
CA ARG A 81 1.65 11.25 -5.18
C ARG A 81 2.90 10.36 -5.05
N ASP A 82 3.53 10.38 -3.86
CA ASP A 82 4.77 9.63 -3.58
C ASP A 82 4.45 8.14 -3.34
N VAL A 83 4.52 7.33 -4.41
CA VAL A 83 4.19 5.89 -4.37
C VAL A 83 5.46 5.04 -4.52
N TYR A 84 5.52 3.96 -3.73
CA TYR A 84 6.63 3.00 -3.68
C TYR A 84 6.16 1.69 -4.33
N GLU A 85 6.38 1.59 -5.66
CA GLU A 85 5.94 0.44 -6.47
C GLU A 85 6.88 -0.76 -6.27
N ILE A 86 6.30 -1.91 -5.95
CA ILE A 86 7.00 -3.18 -5.70
C ILE A 86 6.15 -4.34 -6.31
N THR A 87 6.59 -5.59 -6.07
CA THR A 87 5.76 -6.78 -6.35
C THR A 87 4.82 -7.04 -5.18
N LEU A 88 3.64 -7.58 -5.50
CA LEU A 88 2.62 -7.97 -4.51
C LEU A 88 3.14 -9.08 -3.57
N GLN A 89 4.04 -9.93 -4.10
CA GLN A 89 4.64 -11.00 -3.32
C GLN A 89 5.62 -10.44 -2.26
N ASP A 90 6.35 -9.35 -2.61
CA ASP A 90 7.23 -8.60 -1.67
C ASP A 90 6.39 -8.04 -0.49
N ALA A 91 5.14 -7.67 -0.78
CA ALA A 91 4.19 -7.14 0.22
C ALA A 91 3.76 -8.17 1.25
N ILE A 92 3.91 -9.45 0.92
CA ILE A 92 3.56 -10.56 1.81
C ILE A 92 4.77 -10.90 2.72
N LYS A 93 5.92 -11.17 2.08
CA LYS A 93 7.15 -11.64 2.76
C LYS A 93 7.91 -10.50 3.47
N ASN A 94 8.04 -9.35 2.80
CA ASN A 94 8.85 -8.20 3.26
C ASN A 94 7.94 -7.06 3.79
N ALA A 95 6.69 -7.39 4.14
CA ALA A 95 5.65 -6.40 4.57
C ALA A 95 6.20 -5.34 5.55
N ALA A 96 6.70 -5.84 6.69
CA ALA A 96 7.30 -5.00 7.73
C ALA A 96 8.50 -4.23 7.18
N GLY A 97 9.32 -4.92 6.35
CA GLY A 97 10.53 -4.35 5.75
C GLY A 97 10.23 -3.12 4.90
N ILE A 98 9.19 -3.21 4.07
CA ILE A 98 8.75 -2.14 3.15
C ILE A 98 8.39 -0.88 3.96
N ILE A 99 7.43 -1.05 4.91
CA ILE A 99 6.91 0.05 5.73
C ILE A 99 8.06 0.77 6.49
N LYS A 100 8.92 0.00 7.19
CA LYS A 100 10.02 0.57 8.03
C LYS A 100 11.10 1.25 7.18
N GLU A 101 11.29 0.76 5.94
CA GLU A 101 12.25 1.36 4.97
C GLU A 101 11.75 2.73 4.53
N ILE A 102 10.42 2.90 4.42
CA ILE A 102 9.82 4.16 4.00
C ILE A 102 9.89 5.16 5.16
N GLU A 103 9.61 4.63 6.36
CA GLU A 103 9.66 5.36 7.63
C GLU A 103 11.05 5.95 7.89
N GLU A 104 12.11 5.16 7.66
CA GLU A 104 13.49 5.61 7.91
C GLU A 104 13.96 6.60 6.84
N MET A 105 13.45 6.46 5.59
CA MET A 105 13.74 7.41 4.49
C MET A 105 13.13 8.80 4.81
N ILE A 106 11.83 8.81 5.16
CA ILE A 106 11.12 10.02 5.57
C ILE A 106 11.75 10.62 6.85
N ALA A 107 12.19 9.74 7.76
CA ALA A 107 12.89 10.13 8.99
C ALA A 107 14.25 10.79 8.68
N SER A 108 14.94 10.25 7.67
CA SER A 108 16.31 10.67 7.30
C SER A 108 16.32 12.10 6.72
N GLU A 109 15.23 12.44 6.00
CA GLU A 109 15.08 13.79 5.39
C GLU A 109 14.48 14.82 6.37
N GLN A 110 13.64 14.37 7.34
CA GLN A 110 12.92 15.30 8.26
C GLN A 110 13.78 15.65 9.50
N GLN A 111 14.65 14.71 9.91
CA GLN A 111 15.55 14.91 11.08
C GLN A 111 16.69 15.89 10.74
N MET A 4 -0.77 13.94 15.60
CA MET A 4 0.32 12.95 15.78
C MET A 4 0.12 11.73 14.86
N SER A 5 -1.16 11.41 14.57
CA SER A 5 -1.52 10.25 13.73
C SER A 5 -1.38 10.61 12.24
N LYS A 6 -0.32 10.09 11.60
CA LYS A 6 -0.15 10.14 10.13
C LYS A 6 -1.00 9.04 9.46
N LYS A 7 -0.78 8.81 8.16
CA LYS A 7 -1.63 7.87 7.38
C LYS A 7 -0.78 7.14 6.32
N LEU A 8 -1.10 5.86 6.11
CA LEU A 8 -0.50 5.01 5.07
C LEU A 8 -1.63 4.32 4.31
N ILE A 9 -1.50 4.24 2.99
CA ILE A 9 -2.38 3.44 2.15
C ILE A 9 -1.51 2.55 1.25
N ALA A 10 -2.13 1.53 0.66
CA ALA A 10 -1.44 0.61 -0.26
C ALA A 10 -2.42 0.03 -1.25
N LEU A 11 -1.89 -0.63 -2.28
CA LEU A 11 -2.68 -1.22 -3.36
C LEU A 11 -2.03 -2.55 -3.73
N CYS A 12 -2.81 -3.64 -3.60
CA CYS A 12 -2.39 -4.98 -4.00
C CYS A 12 -3.21 -5.40 -5.23
N ALA A 13 -2.55 -5.57 -6.40
CA ALA A 13 -3.24 -5.89 -7.68
C ALA A 13 -2.64 -7.15 -8.32
N CYS A 14 -3.45 -8.23 -8.36
CA CYS A 14 -3.06 -9.53 -8.93
C CYS A 14 -4.00 -9.92 -10.07
N PRO A 15 -3.46 -10.44 -11.22
CA PRO A 15 -4.29 -10.95 -12.34
C PRO A 15 -5.04 -12.25 -11.98
N MET A 16 -4.51 -12.99 -10.98
CA MET A 16 -5.06 -14.28 -10.53
C MET A 16 -6.37 -14.07 -9.77
N GLY A 17 -6.41 -13.06 -8.89
CA GLY A 17 -7.61 -12.77 -8.10
C GLY A 17 -7.31 -12.00 -6.81
N LEU A 18 -8.35 -11.85 -5.98
CA LEU A 18 -8.30 -11.06 -4.74
C LEU A 18 -7.70 -11.83 -3.55
N ALA A 19 -7.66 -13.17 -3.60
CA ALA A 19 -7.14 -13.99 -2.47
C ALA A 19 -5.65 -13.69 -2.20
N HIS A 20 -4.88 -13.58 -3.31
CA HIS A 20 -3.44 -13.24 -3.29
C HIS A 20 -3.24 -11.81 -2.77
N THR A 21 -4.11 -10.89 -3.23
CA THR A 21 -4.06 -9.47 -2.87
C THR A 21 -4.40 -9.25 -1.38
N PHE A 22 -5.28 -10.11 -0.82
CA PHE A 22 -5.73 -10.03 0.58
C PHE A 22 -4.64 -10.50 1.56
N MET A 23 -3.80 -11.48 1.14
CA MET A 23 -2.63 -11.91 1.93
C MET A 23 -1.62 -10.74 2.04
N ALA A 24 -1.43 -10.04 0.92
CA ALA A 24 -0.59 -8.82 0.86
C ALA A 24 -1.22 -7.68 1.68
N ALA A 25 -2.55 -7.56 1.61
CA ALA A 25 -3.32 -6.52 2.31
C ALA A 25 -3.30 -6.73 3.82
N GLN A 26 -3.24 -8.00 4.25
CA GLN A 26 -3.17 -8.37 5.67
C GLN A 26 -1.75 -8.10 6.19
N ALA A 27 -0.74 -8.45 5.39
CA ALA A 27 0.67 -8.32 5.77
C ALA A 27 1.09 -6.84 5.92
N LEU A 28 0.78 -6.03 4.89
CA LEU A 28 1.06 -4.57 4.88
C LEU A 28 0.28 -3.84 5.97
N GLU A 29 -0.96 -4.34 6.25
CA GLU A 29 -1.80 -3.83 7.33
C GLU A 29 -1.06 -3.92 8.67
N GLU A 30 -0.62 -5.15 9.02
CA GLU A 30 0.11 -5.46 10.26
C GLU A 30 1.34 -4.54 10.43
N ALA A 31 2.12 -4.44 9.35
CA ALA A 31 3.36 -3.65 9.31
C ALA A 31 3.12 -2.17 9.61
N ALA A 32 2.12 -1.58 8.94
CA ALA A 32 1.71 -0.19 9.12
C ALA A 32 1.11 0.09 10.52
N VAL A 33 0.53 -0.95 11.15
CA VAL A 33 -0.04 -0.83 12.52
C VAL A 33 1.11 -0.70 13.54
N GLU A 34 2.18 -1.46 13.27
CA GLU A 34 3.40 -1.47 14.09
C GLU A 34 4.20 -0.16 13.92
N ALA A 35 3.98 0.52 12.78
CA ALA A 35 4.55 1.84 12.50
C ALA A 35 3.72 2.96 13.17
N GLY A 36 2.46 2.67 13.51
CA GLY A 36 1.64 3.54 14.38
C GLY A 36 0.47 4.18 13.68
N TYR A 37 0.66 4.57 12.42
CA TYR A 37 -0.34 5.31 11.62
C TYR A 37 -1.49 4.41 11.11
N GLU A 38 -2.47 5.09 10.50
CA GLU A 38 -3.66 4.44 9.91
C GLU A 38 -3.26 3.71 8.62
N VAL A 39 -3.99 2.64 8.27
CA VAL A 39 -3.70 1.83 7.06
C VAL A 39 -5.01 1.49 6.31
N LYS A 40 -5.01 1.78 5.00
CA LYS A 40 -6.14 1.46 4.10
C LYS A 40 -5.58 0.90 2.78
N ILE A 41 -5.85 -0.37 2.47
CA ILE A 41 -5.28 -1.06 1.30
C ILE A 41 -6.36 -1.51 0.29
N GLU A 42 -6.39 -0.86 -0.88
CA GLU A 42 -7.24 -1.29 -2.02
C GLU A 42 -6.64 -2.55 -2.65
N THR A 43 -7.53 -3.41 -3.17
CA THR A 43 -7.15 -4.70 -3.76
C THR A 43 -7.87 -4.87 -5.11
N GLN A 44 -7.11 -5.05 -6.19
CA GLN A 44 -7.64 -5.24 -7.56
C GLN A 44 -7.31 -6.66 -8.03
N GLY A 45 -8.29 -7.35 -8.62
CA GLY A 45 -8.13 -8.74 -9.04
C GLY A 45 -9.19 -9.18 -10.04
N ALA A 46 -9.08 -10.46 -10.48
CA ALA A 46 -10.01 -11.07 -11.43
C ALA A 46 -11.46 -11.15 -10.89
N ASP A 47 -11.59 -11.13 -9.55
CA ASP A 47 -12.89 -11.12 -8.84
C ASP A 47 -13.52 -9.72 -8.92
N GLY A 48 -12.65 -8.69 -8.84
CA GLY A 48 -13.07 -7.28 -8.85
C GLY A 48 -12.14 -6.43 -8.01
N ILE A 49 -12.64 -5.27 -7.52
CA ILE A 49 -11.89 -4.40 -6.60
C ILE A 49 -12.58 -4.40 -5.23
N GLN A 50 -11.78 -4.39 -4.16
CA GLN A 50 -12.26 -4.37 -2.77
C GLN A 50 -11.43 -3.35 -1.97
N ASN A 51 -12.06 -2.76 -0.95
CA ASN A 51 -11.42 -1.84 0.02
C ASN A 51 -10.93 -0.57 -0.70
N ARG A 52 -11.78 -0.10 -1.66
CA ARG A 52 -11.55 1.07 -2.53
C ARG A 52 -10.94 2.28 -1.78
N LEU A 53 -9.81 2.77 -2.30
CA LEU A 53 -9.14 3.98 -1.83
C LEU A 53 -9.79 5.21 -2.43
N THR A 54 -10.18 6.14 -1.56
CA THR A 54 -10.86 7.38 -1.94
C THR A 54 -9.84 8.52 -2.05
N ALA A 55 -10.26 9.63 -2.71
CA ALA A 55 -9.43 10.84 -2.85
C ALA A 55 -8.98 11.39 -1.48
N GLN A 56 -9.85 11.15 -0.46
CA GLN A 56 -9.53 11.42 0.94
C GLN A 56 -8.27 10.63 1.37
N ASP A 57 -8.34 9.28 1.28
CA ASP A 57 -7.24 8.36 1.70
C ASP A 57 -5.89 8.73 1.07
N ILE A 58 -5.92 9.03 -0.23
CA ILE A 58 -4.72 9.34 -1.04
C ILE A 58 -4.05 10.66 -0.61
N ALA A 59 -4.89 11.65 -0.27
CA ALA A 59 -4.42 12.98 0.18
C ALA A 59 -3.98 12.95 1.66
N GLU A 60 -4.60 12.05 2.45
CA GLU A 60 -4.22 11.81 3.86
C GLU A 60 -2.88 11.07 3.92
N ALA A 61 -2.68 10.18 2.93
CA ALA A 61 -1.56 9.24 2.87
C ALA A 61 -0.21 9.96 2.88
N THR A 62 0.48 9.85 4.02
CA THR A 62 1.90 10.18 4.15
C THR A 62 2.72 9.24 3.23
N ILE A 63 2.31 7.95 3.21
CA ILE A 63 2.96 6.88 2.44
C ILE A 63 1.92 6.11 1.60
N ILE A 64 2.31 5.76 0.34
CA ILE A 64 1.53 4.87 -0.54
C ILE A 64 2.46 3.78 -1.08
N ILE A 65 2.00 2.52 -1.08
CA ILE A 65 2.73 1.38 -1.69
C ILE A 65 1.84 0.76 -2.79
N HIS A 66 2.41 0.48 -3.99
CA HIS A 66 1.70 -0.30 -5.03
C HIS A 66 2.31 -1.69 -5.14
N SER A 67 1.82 -2.59 -4.27
CA SER A 67 2.21 -3.99 -4.23
C SER A 67 1.50 -4.77 -5.32
N VAL A 68 2.02 -4.70 -6.54
CA VAL A 68 1.31 -5.22 -7.71
C VAL A 68 2.16 -6.22 -8.51
N ALA A 69 1.46 -7.01 -9.31
CA ALA A 69 2.07 -7.97 -10.27
C ALA A 69 1.80 -7.47 -11.70
N VAL A 70 0.75 -6.65 -11.84
CA VAL A 70 0.32 -6.01 -13.09
C VAL A 70 0.11 -4.51 -12.84
N THR A 71 0.00 -3.72 -13.91
CA THR A 71 -0.31 -2.28 -13.81
C THR A 71 -1.69 -2.10 -13.17
N PRO A 72 -1.78 -1.45 -11.95
CA PRO A 72 -3.07 -1.19 -11.30
C PRO A 72 -3.96 -0.24 -12.13
N GLU A 73 -5.27 -0.50 -12.12
CA GLU A 73 -6.26 0.23 -12.95
C GLU A 73 -6.40 1.67 -12.47
N ASP A 74 -6.35 1.84 -11.15
CA ASP A 74 -6.52 3.15 -10.49
C ASP A 74 -5.15 3.77 -10.16
N ASN A 75 -4.10 3.37 -10.92
CA ASN A 75 -2.73 3.93 -10.76
C ASN A 75 -2.73 5.48 -10.87
N GLU A 76 -3.58 5.99 -11.78
CA GLU A 76 -3.71 7.44 -12.05
C GLU A 76 -4.26 8.23 -10.84
N ARG A 77 -4.96 7.52 -9.92
CA ARG A 77 -5.42 8.11 -8.65
C ARG A 77 -4.25 8.48 -7.72
N PHE A 78 -3.17 7.69 -7.80
CA PHE A 78 -2.05 7.71 -6.82
C PHE A 78 -0.78 8.34 -7.38
N GLU A 79 -0.58 8.22 -8.70
CA GLU A 79 0.73 8.47 -9.37
C GLU A 79 1.31 9.88 -9.08
N SER A 80 0.42 10.87 -8.80
CA SER A 80 0.81 12.26 -8.52
C SER A 80 1.19 12.48 -7.03
N ARG A 81 1.26 11.38 -6.24
CA ARG A 81 1.63 11.40 -4.79
C ARG A 81 2.87 10.53 -4.55
N ASP A 82 3.29 10.39 -3.27
CA ASP A 82 4.45 9.56 -2.88
C ASP A 82 4.08 8.07 -2.84
N VAL A 83 4.19 7.41 -4.01
CA VAL A 83 3.88 5.98 -4.17
C VAL A 83 5.19 5.19 -4.39
N TYR A 84 5.23 3.95 -3.89
CA TYR A 84 6.38 3.04 -4.05
C TYR A 84 5.90 1.72 -4.65
N GLU A 85 6.03 1.58 -5.99
CA GLU A 85 5.64 0.35 -6.70
C GLU A 85 6.66 -0.77 -6.42
N ILE A 86 6.12 -1.92 -6.01
CA ILE A 86 6.87 -3.15 -5.73
C ILE A 86 6.08 -4.34 -6.31
N THR A 87 6.58 -5.55 -6.08
CA THR A 87 5.85 -6.78 -6.38
C THR A 87 4.90 -7.12 -5.23
N LEU A 88 3.75 -7.73 -5.58
CA LEU A 88 2.73 -8.17 -4.60
C LEU A 88 3.30 -9.26 -3.65
N GLN A 89 4.25 -10.05 -4.17
CA GLN A 89 4.98 -11.06 -3.38
C GLN A 89 5.79 -10.38 -2.26
N ASP A 90 6.46 -9.25 -2.59
CA ASP A 90 7.27 -8.45 -1.64
C ASP A 90 6.40 -7.95 -0.47
N ALA A 91 5.13 -7.66 -0.76
CA ALA A 91 4.15 -7.18 0.24
C ALA A 91 3.82 -8.22 1.31
N ILE A 92 4.03 -9.50 0.99
CA ILE A 92 3.76 -10.61 1.91
C ILE A 92 5.04 -10.99 2.69
N LYS A 93 6.14 -11.20 1.94
CA LYS A 93 7.44 -11.67 2.50
C LYS A 93 8.20 -10.56 3.25
N ASN A 94 7.99 -9.30 2.83
CA ASN A 94 8.81 -8.16 3.27
C ASN A 94 7.93 -7.04 3.81
N ALA A 95 6.66 -7.36 4.18
CA ALA A 95 5.65 -6.35 4.61
C ALA A 95 6.23 -5.33 5.61
N ALA A 96 6.74 -5.85 6.73
CA ALA A 96 7.33 -5.04 7.80
C ALA A 96 8.54 -4.22 7.30
N GLY A 97 9.32 -4.83 6.38
CA GLY A 97 10.49 -4.22 5.79
C GLY A 97 10.13 -2.97 5.01
N ILE A 98 9.23 -3.14 4.03
CA ILE A 98 8.73 -2.08 3.14
C ILE A 98 8.36 -0.82 3.93
N ILE A 99 7.42 -1.00 4.89
CA ILE A 99 6.89 0.12 5.69
C ILE A 99 8.02 0.86 6.44
N LYS A 100 8.85 0.13 7.21
CA LYS A 100 9.92 0.75 8.03
C LYS A 100 11.02 1.39 7.17
N GLU A 101 11.20 0.87 5.94
CA GLU A 101 12.18 1.38 4.96
C GLU A 101 11.74 2.75 4.46
N ILE A 102 10.41 2.94 4.30
CA ILE A 102 9.86 4.22 3.81
C ILE A 102 9.86 5.23 4.96
N GLU A 103 9.53 4.71 6.16
CA GLU A 103 9.53 5.44 7.42
C GLU A 103 10.88 6.09 7.70
N GLU A 104 11.97 5.31 7.55
CA GLU A 104 13.32 5.80 7.83
C GLU A 104 13.82 6.74 6.73
N MET A 105 13.41 6.49 5.46
CA MET A 105 13.77 7.38 4.33
C MET A 105 13.22 8.80 4.57
N ILE A 106 11.91 8.87 4.88
CA ILE A 106 11.23 10.14 5.18
C ILE A 106 11.77 10.75 6.50
N ALA A 107 11.94 9.92 7.53
CA ALA A 107 12.36 10.38 8.87
C ALA A 107 13.80 10.92 8.87
N SER A 108 14.67 10.37 8.01
CA SER A 108 16.10 10.74 7.97
C SER A 108 16.35 11.99 7.12
N GLU A 109 15.44 12.27 6.15
CA GLU A 109 15.50 13.52 5.36
C GLU A 109 14.81 14.69 6.10
N GLN A 110 13.76 14.37 6.91
CA GLN A 110 12.98 15.39 7.65
C GLN A 110 13.67 15.74 9.00
N GLN A 111 14.33 14.74 9.61
CA GLN A 111 15.08 14.92 10.87
C GLN A 111 16.60 14.90 10.56
#